data_7NIS
#
_entry.id   7NIS
#
_cell.length_a   1.00
_cell.length_b   1.00
_cell.length_c   1.00
_cell.angle_alpha   90.00
_cell.angle_beta   90.00
_cell.angle_gamma   90.00
#
_symmetry.space_group_name_H-M   'P 1'
#
loop_
_entity.id
_entity.type
_entity.pdbx_description
1 polymer 'Nanobody8192 core'
2 polymer 'Polymerase acidic protein'
3 polymer 'RNA-directed RNA polymerase catalytic subunit'
4 polymer 'Polymerase basic protein 2,Immunoglobulin G-binding protein A'
5 polymer "RNA (5'-R(P*GP*GP*CP*CP*UP*GP*CP*U)-3')"
6 polymer "RNA (5'-R(P*AP*GP*UP*AP*GP*AP*AP*AP*CP*AP*AP*GP*GP*CP*C)-3')"
#
loop_
_entity_poly.entity_id
_entity_poly.type
_entity_poly.pdbx_seq_one_letter_code
_entity_poly.pdbx_strand_id
1 'polypeptide(L)'
;QVQLQESGGGLVQAGASLRLSCAASGRTFMGWFRQAPGQEREFVAAIDAFGINTYYADSAKGRFTISRDSAKNTVYLQMN
SLKPEDTAVYYCAATLRGTQPGAVMQWRPDYWGQGTQVTVSSHHHHHHEPEA
;
F
2 'polypeptide(L)'
;MEDFVRQCFNPMIVELAEKAMKEYGEDLKIETNKFAAICTHLEVCFMYSDFHFINERGESIIVESGDPNALLKHRFEIIE
GRDRTMAWTVVNSICNTTGAEKPKFLPDLYDYKENRFIEIGVTRREVHIYYLEKANKIKSEKTHIHIFSFTGEEMATKAD
YTLDEESRARIKTRLFTIRQEMASRGLWDSFRQSERGEETIEERFEITGTMRRLADQSLPPNFSSLENFRAYVDGFEPNG
YIEGKLSQMSKEVNARIEPFLKTTPRPLRLPDGPPCSQRSKFLLMDALKLSIEDPSHEGEGIPLYDAIKCMRTFFGWKEP
NVVKPHEKGINPNYLLAWKQVLAELQDIENEEKIPKTKNMKKTSQLKWALGENMAPEKVDFDDCKDVSDLKQYDSDEPEL
RSLASWIQSEFNKACELTDSSWIELDEIGEDVAPIEHIASMRRNYFTAEVSHCRATEYIMKGVYINTALLNASCAAMDDF
QLIPMISKCRTKEGRRKTNLYGFIIKGRSHLRNDTDVVNFVSMEFSLTDPRLEPHKWEKYCVLEIGDMLLRSAIGQVSRP
MFLYVRTNGTSKIKMKWGMEMRRCLLQSLQQIESMIEAESSVKEKDMTKEFFENKSETWPIGESPKGVEEGSIGKVCRTL
LAKSVFNSLYASPQLEGFSAESRKLLLIVQALRDNLEPGTFDLGGLYEAIEECLINDPWVLLNASWFNSFLTHALR
;
A
3 'polypeptide(L)'
;MDVNPTLLFLKVPAQNAISTTFPYTGDPPYSHGTGTGYTMDTVNRTHQYSEKGRWTTNTETGAPQLNPIDGPLPEDNEPS
GYAQTDCVLEAMAFLEESHPGIFENSCLETMEVVQQTRVDKLTQGRQTYDWTLNRNQPAATALANTIEVFRSNGLTANES
GRLIDFLKDVMESMDKEEMEITTHFQRKRRVRDNMTKKMVTQRTIGKKKQRLNKRSYLIRALTLNTMTKDAERGKLKRRA
IATPGMQIRGFVYFVETLARSICEKLEQSGLPVGGNEKKAKLANVVRKMMTNSQDTELSFTITGDNTKWNENQNPRMFLA
MITYITRNQPEWFRNVLSIAPIMFSNKMARLGKGYMFESKSMKLRTQIPAEMLASIDLKYFNDSTRKKIEKIRPLLIDGT
ASLSPGMMMGMFNMLSTVLGVSILNLGQKRYTKTTYWWDGLQSSDDFALIVNAPNHEGIQAGVDRFYRTCKLLGINMSKK
KSYINRTGTFEFTSFFYRYGFVANFSMELPSFGVSGINESADMSIGVTVIKNNMINNDLGPATAQMALQLFIKDYRYTYR
CHRGDTQIQTRRSFEIKKLWEQTRSKAGLLVSDGGPNLYNIRNLHIPEVCLKWELMDEDYQGRLCNPLNPFVSHKEIESV
NNAVMMPAHGPAKNMEYDAVATTHSWIPKRNRSILNTSQRGILEDEQMYQKCCNLFEKFFPSSSYRRPVGISSMVEAMVS
RARIDARIDFESGRIKKEEFAEIMKICSTIEELRRQK
;
B
4 'polypeptide(L)'
;MERIKELRDLMSQSRTREILTKTTVDHMAIIKKYTSGRQEKNPALRMKWMMAMKYPITADKRIMEMIPERNEQGQTLWSK
TNDAGSDRVMVSPLAVTWWNRNGPTTSAVHYPKIYKTYFEKVERLKHGTFGPVHFRNQVKIRRRVDINPGHADLSAKEAQ
DVIMEVVFPNEVGARILTSESQLTITKEKKEELQDCKISPLMVAYMLERELVRKTRFLPVAGGTSSVYIEVLHLTQGTCW
EQMYTPGGEVRNDDVDQSLIIAARNIVRRATVSADPLASLLEMCHSTQIGGIRMVDILRQNPTEEQAVDICKAAMGLRIS
SSFSFGGFTFKRTSGSSVKREEEVLTGNLQTLKIRVHEGYEEFTMVGRRATAILRKATRRLIQLIVSGRDEQSIAEAIIV
AMVFSQEDCMIKAVRGDLNFVNRANQRLNPMHQLLRHFQKDAKVLFQNWGIEPIDNVMGMIGILPDMTPSTEMSMRGVRV
SKMGVDEYSSTERVVVSIDRFLRVRDQRGNVLLSPEEVSETQGTEKLTITYSSSMMWEVNGPESVLVNTYQWIIRNWETV
KIQWSQNPTMLYNKMEFEPFQSLVPKAARGQYSGFVRTLFQQMRDVLGTFDTVQIIKLLPFAAAPPKQSRMQFSSLTVNV
RGSGMRILVRGNSPVFNYNKATKRLTVLGKDAGALTEDPDEGTAGVESAVLRGFLILGKEDRRYGPALSINELSNLAKGE
KANVLIGQGDVVLVMKRKRDSSILTDSQTATKRIRMAINENLYFQGELKTAALAQHDEAVDNKFNKEQQNAFYEILHLPN
LNEEQRNAFIQSLKDDPSQSANLLAEAKKLNDAQAPKVDNKFNKEQQNAFYEILHLPNLNEEQRNAFIQSLKADPSQSAN
LLAEAKKLNGAQAPKVDANSAGKST
;
C
5 'polyribonucleotide' GGCCUGCUUUUGCUAUU E
6 'polyribonucleotide' AGUAGAAACAAGGCC D
#
loop_
_chem_comp.id
_chem_comp.type
_chem_comp.name
_chem_comp.formula
A RNA linking ADENOSINE-5'-MONOPHOSPHATE 'C10 H14 N5 O7 P'
C RNA linking CYTIDINE-5'-MONOPHOSPHATE 'C9 H14 N3 O8 P'
G RNA linking GUANOSINE-5'-MONOPHOSPHATE 'C10 H14 N5 O8 P'
U RNA linking URIDINE-5'-MONOPHOSPHATE 'C9 H13 N2 O9 P'
#
# COMPACT_ATOMS: atom_id res chain seq x y z
N VAL A 2 -16.81 33.19 14.95
CA VAL A 2 -18.23 32.86 14.92
C VAL A 2 -19.02 34.11 14.56
N GLN A 3 -19.64 34.08 13.38
CA GLN A 3 -20.55 35.10 12.88
C GLN A 3 -21.94 34.57 13.12
N LEU A 4 -22.89 35.47 13.42
CA LEU A 4 -24.23 35.12 13.83
C LEU A 4 -25.20 36.04 13.11
N GLN A 5 -26.27 35.50 12.51
CA GLN A 5 -27.33 36.31 11.92
C GLN A 5 -28.67 35.89 12.46
N GLU A 6 -29.39 36.80 13.14
CA GLU A 6 -30.75 36.56 13.56
C GLU A 6 -31.82 36.83 12.49
N SER A 7 -32.88 36.01 12.48
CA SER A 7 -34.03 36.12 11.59
C SER A 7 -35.30 35.92 12.42
N GLY A 8 -36.49 36.27 11.86
CA GLY A 8 -37.78 35.91 12.46
C GLY A 8 -38.43 36.91 13.37
N GLY A 9 -37.82 38.09 13.58
CA GLY A 9 -38.46 39.20 14.29
C GLY A 9 -39.49 39.95 13.47
N GLY A 10 -40.18 40.92 14.09
CA GLY A 10 -41.14 41.78 13.43
C GLY A 10 -42.17 42.35 14.35
N LEU A 11 -43.24 42.92 13.76
CA LEU A 11 -44.41 43.42 14.46
C LEU A 11 -45.43 42.31 14.65
N VAL A 12 -45.90 42.10 15.89
CA VAL A 12 -46.87 41.08 16.19
C VAL A 12 -47.91 41.59 17.16
N GLN A 13 -49.09 40.96 17.08
CA GLN A 13 -50.17 41.08 18.03
C GLN A 13 -49.83 40.56 19.42
N ALA A 14 -50.37 41.19 20.48
CA ALA A 14 -50.40 40.61 21.81
C ALA A 14 -51.14 39.28 21.82
N GLY A 15 -50.57 38.29 22.52
CA GLY A 15 -51.05 36.91 22.50
C GLY A 15 -50.63 36.11 21.30
N ALA A 16 -49.87 36.71 20.35
CA ALA A 16 -49.42 36.02 19.17
C ALA A 16 -48.11 35.28 19.40
N SER A 17 -47.57 34.68 18.32
CA SER A 17 -46.44 33.78 18.40
C SER A 17 -45.39 34.19 17.39
N LEU A 18 -44.12 33.88 17.66
CA LEU A 18 -43.02 34.32 16.83
C LEU A 18 -41.87 33.33 16.91
N ARG A 19 -41.24 32.94 15.79
CA ARG A 19 -40.13 32.01 15.83
C ARG A 19 -38.88 32.73 15.39
N LEU A 20 -38.01 33.05 16.35
CA LEU A 20 -36.71 33.61 16.07
C LEU A 20 -35.79 32.48 15.69
N SER A 21 -34.81 32.77 14.83
CA SER A 21 -33.81 31.81 14.46
C SER A 21 -32.51 32.55 14.29
N CYS A 22 -31.41 31.91 14.65
CA CYS A 22 -30.09 32.49 14.54
C CYS A 22 -29.19 31.47 13.89
N ALA A 23 -28.65 31.83 12.72
CA ALA A 23 -27.71 31.00 12.00
C ALA A 23 -26.30 31.31 12.47
N ALA A 24 -25.54 30.28 12.87
CA ALA A 24 -24.20 30.42 13.39
C ALA A 24 -23.21 29.72 12.51
N PHE A 29 -22.25 26.23 22.41
CA PHE A 29 -23.26 26.73 23.32
C PHE A 29 -23.91 28.05 22.86
N MET A 30 -25.25 28.17 23.03
CA MET A 30 -26.00 29.32 22.56
C MET A 30 -26.88 29.91 23.63
N GLY A 31 -27.01 31.25 23.62
CA GLY A 31 -27.97 31.99 24.42
C GLY A 31 -28.75 32.94 23.58
N TRP A 32 -29.96 33.28 24.04
CA TRP A 32 -30.77 34.34 23.50
C TRP A 32 -30.93 35.35 24.58
N PHE A 33 -30.73 36.62 24.22
CA PHE A 33 -30.73 37.72 25.15
C PHE A 33 -31.56 38.79 24.49
N ARG A 34 -32.07 39.74 25.26
CA ARG A 34 -32.84 40.81 24.66
C ARG A 34 -32.43 42.13 25.25
N GLN A 35 -32.68 43.22 24.50
CA GLN A 35 -32.42 44.57 24.95
C GLN A 35 -33.62 45.44 24.59
N ALA A 36 -34.34 45.94 25.60
CA ALA A 36 -35.39 46.91 25.39
C ALA A 36 -34.79 48.31 25.19
N PRO A 37 -35.46 49.28 24.58
CA PRO A 37 -34.85 50.56 24.22
C PRO A 37 -34.31 51.37 25.38
N GLY A 38 -34.84 51.17 26.61
CA GLY A 38 -34.43 51.91 27.80
C GLY A 38 -33.52 51.19 28.75
N GLN A 39 -32.82 50.13 28.32
CA GLN A 39 -32.09 49.28 29.23
C GLN A 39 -30.91 48.56 28.59
N GLU A 40 -30.13 47.82 29.41
CA GLU A 40 -29.06 46.96 28.94
C GLU A 40 -29.56 45.54 28.59
N ARG A 41 -28.67 44.53 28.64
CA ARG A 41 -29.02 43.16 28.30
C ARG A 41 -29.82 42.42 29.37
N GLU A 42 -30.89 41.74 28.94
CA GLU A 42 -31.72 40.87 29.76
C GLU A 42 -31.56 39.45 29.23
N PHE A 43 -31.27 38.47 30.13
CA PHE A 43 -31.25 37.06 29.81
C PHE A 43 -32.64 36.55 29.41
N VAL A 44 -32.74 35.81 28.28
CA VAL A 44 -34.01 35.21 27.88
C VAL A 44 -33.97 33.71 28.06
N ALA A 45 -33.03 33.05 27.34
CA ALA A 45 -32.99 31.61 27.27
C ALA A 45 -31.60 31.16 26.88
N ALA A 46 -31.25 29.90 27.19
CA ALA A 46 -29.96 29.38 26.81
C ALA A 46 -29.92 27.87 26.79
N ILE A 47 -29.02 27.30 25.98
CA ILE A 47 -29.07 25.90 25.57
C ILE A 47 -27.71 25.27 25.40
N THR A 54 -31.48 23.21 29.14
CA THR A 54 -32.05 24.47 28.72
C THR A 54 -32.37 25.27 29.96
N TYR A 55 -32.41 26.60 29.86
CA TYR A 55 -32.80 27.43 30.98
C TYR A 55 -33.49 28.66 30.42
N TYR A 56 -34.49 29.21 31.15
CA TYR A 56 -35.25 30.37 30.73
C TYR A 56 -35.42 31.29 31.91
N ALA A 57 -35.48 32.61 31.67
CA ALA A 57 -35.78 33.60 32.69
C ALA A 57 -37.22 33.57 33.17
N ASP A 58 -37.50 34.09 34.40
CA ASP A 58 -38.83 34.08 34.99
C ASP A 58 -39.90 34.82 34.15
N SER A 59 -39.52 35.95 33.52
CA SER A 59 -40.43 36.77 32.72
C SER A 59 -40.89 36.11 31.43
N ALA A 60 -40.16 35.08 30.96
CA ALA A 60 -40.46 34.38 29.72
C ALA A 60 -40.73 32.88 29.84
N LYS A 61 -40.51 32.25 31.02
CA LYS A 61 -40.73 30.82 31.21
C LYS A 61 -42.15 30.31 30.97
N GLY A 62 -42.26 29.16 30.29
CA GLY A 62 -43.52 28.54 29.87
C GLY A 62 -44.08 29.09 28.58
N ARG A 63 -43.88 30.39 28.31
CA ARG A 63 -44.19 31.03 27.04
C ARG A 63 -43.21 30.71 25.93
N PHE A 64 -41.90 30.69 26.24
CA PHE A 64 -40.86 30.60 25.22
C PHE A 64 -40.02 29.34 25.35
N THR A 65 -39.60 28.77 24.19
CA THR A 65 -38.85 27.53 24.07
C THR A 65 -37.61 27.72 23.21
N ILE A 66 -36.43 27.28 23.67
CA ILE A 66 -35.17 27.36 22.94
C ILE A 66 -34.83 25.99 22.42
N SER A 67 -34.34 25.91 21.18
CA SER A 67 -34.02 24.66 20.56
C SER A 67 -32.91 24.91 19.58
N ARG A 68 -32.28 23.85 19.09
CA ARG A 68 -31.17 24.00 18.20
C ARG A 68 -31.11 22.83 17.27
N ASP A 69 -30.61 23.07 16.05
CA ASP A 69 -30.27 22.05 15.11
C ASP A 69 -28.78 22.17 14.93
N SER A 70 -28.04 21.11 15.30
CA SER A 70 -26.60 21.13 15.22
C SER A 70 -26.09 20.73 13.86
N ALA A 71 -26.98 20.20 13.00
CA ALA A 71 -26.72 19.88 11.62
C ALA A 71 -27.01 21.05 10.69
N LYS A 72 -27.89 21.97 11.10
CA LYS A 72 -28.16 23.20 10.36
C LYS A 72 -27.32 24.37 10.87
N ASN A 73 -26.70 24.18 12.05
CA ASN A 73 -25.94 25.18 12.79
C ASN A 73 -26.79 26.37 13.25
N THR A 74 -28.02 26.08 13.70
CA THR A 74 -29.02 27.11 13.99
C THR A 74 -29.57 26.92 15.38
N VAL A 75 -29.77 28.02 16.12
CA VAL A 75 -30.50 28.03 17.38
C VAL A 75 -31.79 28.79 17.17
N TYR A 76 -32.91 28.28 17.72
CA TYR A 76 -34.23 28.81 17.50
C TYR A 76 -34.78 29.25 18.83
N LEU A 77 -35.61 30.32 18.83
CA LEU A 77 -36.37 30.71 20.00
C LEU A 77 -37.81 30.80 19.58
N GLN A 78 -38.66 29.89 20.10
CA GLN A 78 -40.05 29.85 19.76
C GLN A 78 -40.81 30.59 20.82
N MET A 79 -41.32 31.78 20.48
CA MET A 79 -42.02 32.65 21.37
C MET A 79 -43.51 32.49 21.16
N ASN A 80 -44.30 32.33 22.24
CA ASN A 80 -45.74 32.20 22.16
C ASN A 80 -46.36 33.10 23.21
N SER A 81 -47.66 33.43 23.04
CA SER A 81 -48.46 34.23 23.97
C SER A 81 -47.82 35.54 24.40
N LEU A 82 -47.27 36.24 23.39
CA LEU A 82 -46.47 37.45 23.52
C LEU A 82 -47.14 38.62 24.21
N LYS A 83 -46.35 39.37 24.98
CA LYS A 83 -46.81 40.52 25.72
C LYS A 83 -46.15 41.77 25.19
N PRO A 84 -46.74 42.98 25.31
CA PRO A 84 -46.09 44.25 24.97
C PRO A 84 -44.73 44.48 25.63
N GLU A 85 -44.46 43.78 26.75
CA GLU A 85 -43.23 43.82 27.51
C GLU A 85 -42.15 42.90 26.96
N ASP A 86 -42.45 42.14 25.89
CA ASP A 86 -41.44 41.39 25.19
C ASP A 86 -40.77 42.23 24.10
N THR A 87 -41.28 43.45 23.79
CA THR A 87 -40.75 44.39 22.80
C THR A 87 -39.32 44.82 23.04
N ALA A 88 -38.41 44.25 22.22
CA ALA A 88 -36.99 44.42 22.40
C ALA A 88 -36.27 43.99 21.15
N VAL A 89 -34.98 44.32 21.06
CA VAL A 89 -34.09 43.73 20.08
C VAL A 89 -33.61 42.41 20.67
N TYR A 90 -33.83 41.28 19.99
CA TYR A 90 -33.43 39.98 20.48
C TYR A 90 -32.13 39.59 19.83
N TYR A 91 -31.11 39.35 20.64
CA TYR A 91 -29.77 39.06 20.18
C TYR A 91 -29.45 37.63 20.50
N CYS A 92 -28.78 36.97 19.57
CA CYS A 92 -28.24 35.64 19.70
C CYS A 92 -26.77 35.71 20.09
N ALA A 93 -26.26 34.73 20.87
CA ALA A 93 -24.89 34.78 21.34
C ALA A 93 -24.27 33.39 21.54
N ALA A 94 -22.96 33.23 21.25
CA ALA A 94 -22.25 31.97 21.22
C ALA A 94 -21.02 31.96 22.12
N THR A 95 -20.88 30.99 23.07
CA THR A 95 -19.73 30.93 23.99
C THR A 95 -18.66 30.00 23.51
N TYR A 111 -19.32 35.74 21.46
CA TYR A 111 -19.75 36.17 20.14
C TYR A 111 -21.20 36.60 20.14
N TRP A 112 -21.50 37.80 19.57
CA TRP A 112 -22.83 38.40 19.51
C TRP A 112 -23.29 38.54 18.09
N GLY A 113 -24.59 38.22 17.85
CA GLY A 113 -25.29 38.75 16.70
C GLY A 113 -25.54 40.23 16.77
N GLN A 114 -26.19 40.76 15.73
CA GLN A 114 -26.51 42.16 15.64
C GLN A 114 -27.89 42.42 16.21
N GLY A 115 -28.70 41.35 16.38
CA GLY A 115 -30.02 41.39 16.95
C GLY A 115 -31.12 41.60 15.95
N THR A 116 -32.30 40.99 16.24
CA THR A 116 -33.49 41.15 15.42
C THR A 116 -34.60 41.80 16.23
N GLN A 117 -35.22 42.86 15.67
CA GLN A 117 -36.25 43.63 16.33
C GLN A 117 -37.55 42.85 16.48
N VAL A 118 -38.08 42.75 17.71
CA VAL A 118 -39.37 42.17 17.98
C VAL A 118 -40.21 43.24 18.64
N THR A 119 -41.41 43.50 18.11
CA THR A 119 -42.27 44.57 18.61
C THR A 119 -43.64 43.99 18.79
N VAL A 120 -44.14 43.96 20.04
CA VAL A 120 -45.38 43.31 20.38
C VAL A 120 -46.36 44.36 20.85
N SER A 121 -47.60 44.33 20.36
CA SER A 121 -48.52 45.43 20.58
C SER A 121 -49.96 44.96 20.46
N ARG B 204 43.56 -8.61 -1.80
CA ARG B 204 43.74 -9.38 -3.01
C ARG B 204 42.42 -10.04 -3.37
N PHE B 205 41.87 -9.66 -4.53
CA PHE B 205 40.63 -10.22 -5.05
C PHE B 205 40.94 -10.69 -6.48
N GLU B 206 41.39 -11.94 -6.59
CA GLU B 206 41.92 -12.46 -7.84
C GLU B 206 40.88 -13.32 -8.53
N ILE B 207 40.63 -13.03 -9.81
CA ILE B 207 39.77 -13.86 -10.64
C ILE B 207 40.62 -14.98 -11.24
N THR B 208 40.26 -16.22 -10.96
CA THR B 208 41.02 -17.37 -11.43
C THR B 208 40.10 -18.58 -11.48
N GLY B 209 40.58 -19.62 -12.17
CA GLY B 209 39.80 -20.83 -12.28
C GLY B 209 38.58 -20.64 -13.17
N THR B 210 37.52 -21.38 -12.86
CA THR B 210 36.33 -21.35 -13.68
C THR B 210 35.81 -19.93 -13.85
N MET B 211 35.79 -19.15 -12.76
CA MET B 211 35.23 -17.81 -12.83
C MET B 211 36.00 -16.93 -13.81
N ARG B 212 37.27 -17.24 -14.08
CA ARG B 212 38.01 -16.51 -15.10
C ARG B 212 37.50 -16.85 -16.49
N ARG B 213 37.25 -18.13 -16.76
CA ARG B 213 36.76 -18.53 -18.07
C ARG B 213 35.41 -17.89 -18.36
N LEU B 214 34.54 -17.83 -17.36
CA LEU B 214 33.27 -17.13 -17.53
C LEU B 214 33.51 -15.68 -17.92
N ALA B 215 34.53 -15.04 -17.35
CA ALA B 215 34.86 -13.67 -17.72
C ALA B 215 35.30 -13.58 -19.18
N ASP B 216 35.93 -14.64 -19.69
CA ASP B 216 36.35 -14.67 -21.08
C ASP B 216 35.19 -14.88 -22.04
N GLN B 217 34.02 -15.27 -21.54
CA GLN B 217 32.84 -15.51 -22.37
C GLN B 217 31.76 -14.46 -22.15
N SER B 218 32.11 -13.32 -21.55
CA SER B 218 31.18 -12.23 -21.29
C SER B 218 31.72 -10.93 -21.87
N LEU B 219 32.35 -11.01 -23.02
CA LEU B 219 32.93 -9.88 -23.71
C LEU B 219 32.23 -9.63 -25.04
N PRO B 220 32.50 -8.50 -25.70
CA PRO B 220 31.95 -8.27 -27.04
C PRO B 220 32.36 -9.39 -27.98
N PRO B 221 31.74 -9.46 -29.16
CA PRO B 221 31.95 -10.65 -30.00
C PRO B 221 33.39 -10.87 -30.42
N ASN B 222 34.15 -9.81 -30.65
CA ASN B 222 35.50 -9.91 -31.21
C ASN B 222 36.58 -9.70 -30.17
N PHE B 223 36.37 -10.19 -28.94
CA PHE B 223 37.38 -10.15 -27.89
C PHE B 223 37.59 -11.55 -27.36
N SER B 224 38.83 -11.82 -26.93
CA SER B 224 39.24 -13.16 -26.53
C SER B 224 39.49 -13.33 -25.04
N SER B 225 39.81 -12.26 -24.32
CA SER B 225 40.12 -12.37 -22.90
C SER B 225 39.78 -11.07 -22.20
N LEU B 226 39.47 -11.18 -20.91
CA LEU B 226 39.18 -9.99 -20.12
C LEU B 226 40.37 -9.06 -20.06
N GLU B 227 41.59 -9.62 -20.04
CA GLU B 227 42.78 -8.78 -20.06
C GLU B 227 42.81 -7.89 -21.30
N ASN B 228 42.59 -8.50 -22.48
CA ASN B 228 42.63 -7.72 -23.71
C ASN B 228 41.52 -6.68 -23.75
N PHE B 229 40.32 -7.03 -23.31
CA PHE B 229 39.23 -6.08 -23.34
C PHE B 229 39.49 -4.92 -22.39
N ARG B 230 40.01 -5.19 -21.19
CA ARG B 230 40.34 -4.10 -20.28
C ARG B 230 41.46 -3.23 -20.83
N ALA B 231 42.46 -3.83 -21.47
CA ALA B 231 43.50 -3.03 -22.10
C ALA B 231 42.92 -2.13 -23.18
N TYR B 232 42.02 -2.67 -24.00
CA TYR B 232 41.38 -1.87 -25.04
C TYR B 232 40.58 -0.73 -24.44
N VAL B 233 39.83 -1.01 -23.36
CA VAL B 233 39.03 0.04 -22.73
C VAL B 233 39.95 1.14 -22.18
N ASP B 234 41.02 0.75 -21.50
CA ASP B 234 41.95 1.74 -20.97
C ASP B 234 42.59 2.56 -22.08
N GLY B 235 42.88 1.94 -23.22
CA GLY B 235 43.42 2.66 -24.35
C GLY B 235 42.39 3.34 -25.22
N PHE B 236 41.11 3.18 -24.93
CA PHE B 236 40.06 3.79 -25.73
C PHE B 236 39.92 5.27 -25.40
N GLU B 237 39.73 6.09 -26.44
CA GLU B 237 39.46 7.50 -26.30
C GLU B 237 38.42 7.90 -27.35
N PRO B 238 37.58 8.89 -27.06
CA PRO B 238 36.53 9.26 -28.02
C PRO B 238 37.13 9.86 -29.29
N ASN B 239 36.74 9.28 -30.43
CA ASN B 239 37.21 9.74 -31.73
C ASN B 239 36.06 9.80 -32.71
N GLY B 240 34.92 10.31 -32.27
CA GLY B 240 33.76 10.46 -33.14
C GLY B 240 33.29 9.14 -33.73
N TYR B 241 32.90 8.20 -32.87
CA TYR B 241 32.37 6.92 -33.31
C TYR B 241 30.85 6.90 -33.36
N ILE B 242 30.17 7.67 -32.51
CA ILE B 242 28.72 7.75 -32.59
C ILE B 242 28.29 8.39 -33.90
N GLU B 243 29.02 9.41 -34.35
CA GLU B 243 28.68 10.09 -35.60
C GLU B 243 28.79 9.15 -36.78
N GLY B 244 29.84 8.33 -36.82
CA GLY B 244 30.02 7.42 -37.95
C GLY B 244 28.88 6.43 -38.08
N LYS B 245 28.49 5.81 -36.96
CA LYS B 245 27.39 4.85 -37.01
C LYS B 245 26.06 5.54 -37.24
N LEU B 246 25.88 6.75 -36.73
CA LEU B 246 24.66 7.50 -37.02
C LEU B 246 24.54 7.77 -38.52
N SER B 247 25.64 8.15 -39.16
CA SER B 247 25.63 8.36 -40.60
C SER B 247 25.40 7.05 -41.35
N GLN B 248 26.02 5.96 -40.89
CA GLN B 248 25.88 4.68 -41.58
C GLN B 248 24.53 4.03 -41.31
N MET B 249 23.92 4.29 -40.15
CA MET B 249 22.65 3.66 -39.82
C MET B 249 21.58 4.07 -40.81
N SER B 250 20.70 3.13 -41.13
CA SER B 250 19.64 3.39 -42.09
C SER B 250 18.75 4.53 -41.62
N LYS B 251 18.31 5.35 -42.57
CA LYS B 251 17.49 6.51 -42.26
C LYS B 251 16.05 6.14 -41.93
N GLU B 252 15.63 4.91 -42.21
CA GLU B 252 14.29 4.47 -41.82
C GLU B 252 14.12 4.40 -40.32
N VAL B 253 15.21 4.41 -39.56
CA VAL B 253 15.16 4.46 -38.10
C VAL B 253 14.96 5.92 -37.72
N ASN B 254 13.70 6.32 -37.53
CA ASN B 254 13.37 7.71 -37.25
C ASN B 254 12.22 7.75 -36.25
N ALA B 255 12.00 8.94 -35.69
CA ALA B 255 10.93 9.20 -34.74
C ALA B 255 10.08 10.37 -35.24
N ARG B 256 9.66 10.30 -36.50
CA ARG B 256 8.92 11.38 -37.11
C ARG B 256 7.67 11.70 -36.30
N ILE B 257 7.39 12.99 -36.15
CA ILE B 257 6.26 13.46 -35.35
C ILE B 257 5.05 13.63 -36.27
N GLU B 258 3.97 12.94 -35.96
CA GLU B 258 2.73 13.09 -36.71
C GLU B 258 1.87 14.16 -36.05
N PRO B 259 1.54 15.26 -36.73
CA PRO B 259 0.73 16.29 -36.08
C PRO B 259 -0.62 15.73 -35.63
N PHE B 260 -1.08 16.23 -34.48
CA PHE B 260 -2.35 15.83 -33.89
C PHE B 260 -3.31 17.01 -34.01
N LEU B 261 -4.30 16.87 -34.88
CA LEU B 261 -5.27 17.93 -35.17
C LEU B 261 -6.65 17.50 -34.71
N LYS B 262 -7.63 18.40 -34.92
CA LYS B 262 -9.00 18.10 -34.52
C LYS B 262 -9.56 16.91 -35.30
N THR B 263 -9.18 16.76 -36.56
CA THR B 263 -9.69 15.70 -37.41
C THR B 263 -8.92 14.39 -37.27
N THR B 264 -7.85 14.37 -36.47
CA THR B 264 -7.02 13.19 -36.36
C THR B 264 -7.68 12.11 -35.50
N PRO B 265 -8.09 12.41 -34.27
CA PRO B 265 -8.60 11.33 -33.39
C PRO B 265 -9.91 10.78 -33.90
N ARG B 266 -10.01 9.45 -33.92
CA ARG B 266 -11.21 8.74 -34.32
C ARG B 266 -11.89 8.12 -33.10
N PRO B 267 -13.19 7.91 -33.14
CA PRO B 267 -13.88 7.32 -31.99
C PRO B 267 -13.38 5.92 -31.71
N LEU B 268 -13.30 5.58 -30.43
CA LEU B 268 -12.88 4.24 -30.03
C LEU B 268 -13.94 3.22 -30.41
N ARG B 269 -13.50 2.14 -31.04
CA ARG B 269 -14.43 1.08 -31.45
C ARG B 269 -14.78 0.20 -30.26
N LEU B 270 -16.07 -0.11 -30.13
CA LEU B 270 -16.50 -0.99 -29.05
C LEU B 270 -16.71 -2.40 -29.56
N PRO B 271 -16.46 -3.42 -28.75
CA PRO B 271 -16.65 -4.80 -29.21
C PRO B 271 -18.13 -5.09 -29.47
N ASP B 272 -18.37 -6.02 -30.38
CA ASP B 272 -19.71 -6.44 -30.76
C ASP B 272 -19.94 -7.89 -30.33
N GLY B 273 -21.15 -8.17 -29.89
CA GLY B 273 -21.52 -9.49 -29.43
C GLY B 273 -22.80 -9.47 -28.63
N PRO B 274 -23.05 -10.52 -27.87
CA PRO B 274 -24.24 -10.55 -27.04
C PRO B 274 -24.21 -9.43 -26.01
N PRO B 275 -25.37 -8.90 -25.63
CA PRO B 275 -25.37 -7.77 -24.69
C PRO B 275 -24.65 -8.10 -23.39
N CYS B 276 -24.24 -7.05 -22.70
CA CYS B 276 -23.50 -7.21 -21.44
C CYS B 276 -24.46 -7.52 -20.30
N SER B 277 -24.01 -8.38 -19.40
CA SER B 277 -24.83 -8.85 -18.28
C SER B 277 -24.44 -8.14 -16.99
N GLN B 278 -25.19 -8.44 -15.94
CA GLN B 278 -24.95 -7.84 -14.63
C GLN B 278 -23.90 -8.65 -13.87
N ARG B 279 -22.97 -7.95 -13.23
CA ARG B 279 -21.88 -8.59 -12.50
C ARG B 279 -21.86 -8.26 -11.01
N SER B 280 -22.67 -7.30 -10.56
CA SER B 280 -22.63 -6.88 -9.16
C SER B 280 -22.97 -8.04 -8.23
N LYS B 281 -22.54 -7.94 -6.98
CA LYS B 281 -22.84 -8.94 -5.97
C LYS B 281 -24.20 -8.72 -5.30
N PHE B 282 -24.90 -7.64 -5.66
CA PHE B 282 -26.22 -7.36 -5.12
C PHE B 282 -26.95 -6.42 -6.07
N LEU B 283 -28.27 -6.39 -5.95
CA LEU B 283 -29.06 -5.48 -6.75
C LEU B 283 -28.79 -4.03 -6.34
N LEU B 284 -28.62 -3.16 -7.33
CA LEU B 284 -28.34 -1.75 -7.09
C LEU B 284 -29.55 -0.87 -7.41
N MET B 285 -30.10 -0.99 -8.62
CA MET B 285 -31.20 -0.15 -9.03
C MET B 285 -32.56 -0.77 -8.74
N ASP B 286 -32.63 -2.09 -8.55
CA ASP B 286 -33.89 -2.81 -8.40
C ASP B 286 -34.08 -3.36 -6.99
N ALA B 287 -33.42 -2.76 -6.01
CA ALA B 287 -33.52 -3.24 -4.64
C ALA B 287 -34.85 -2.80 -4.02
N LEU B 288 -35.31 -3.59 -3.05
CA LEU B 288 -36.51 -3.28 -2.28
C LEU B 288 -36.19 -3.41 -0.81
N LYS B 289 -36.86 -2.61 0.01
CA LYS B 289 -36.53 -2.47 1.43
C LYS B 289 -37.75 -2.78 2.28
N LEU B 290 -37.60 -3.73 3.19
CA LEU B 290 -38.59 -4.00 4.24
C LEU B 290 -38.07 -3.42 5.55
N SER B 291 -38.90 -2.64 6.23
CA SER B 291 -38.43 -1.81 7.32
C SER B 291 -39.26 -2.01 8.58
N ILE B 292 -38.68 -1.57 9.71
CA ILE B 292 -39.31 -1.69 11.01
C ILE B 292 -39.42 -0.37 11.74
N GLU B 293 -38.59 0.62 11.43
CA GLU B 293 -38.63 1.92 12.10
C GLU B 293 -38.15 1.81 13.56
N ASP B 294 -37.09 1.03 13.77
CA ASP B 294 -36.52 0.85 15.09
C ASP B 294 -35.53 1.97 15.39
N PRO B 295 -35.19 2.16 16.67
CA PRO B 295 -34.22 3.21 17.05
C PRO B 295 -32.77 2.76 17.09
N SER B 296 -32.45 1.55 16.65
CA SER B 296 -31.09 1.03 16.75
C SER B 296 -30.19 1.67 15.70
N HIS B 297 -28.89 1.69 16.00
CA HIS B 297 -27.89 2.24 15.10
C HIS B 297 -27.37 1.16 14.16
N GLU B 298 -26.47 1.55 13.26
CA GLU B 298 -26.02 0.66 12.19
C GLU B 298 -25.55 -0.69 12.74
N GLY B 299 -24.49 -0.67 13.55
CA GLY B 299 -23.99 -1.92 14.10
C GLY B 299 -24.81 -2.45 15.24
N GLU B 300 -25.57 -1.59 15.91
CA GLU B 300 -26.37 -2.00 17.05
C GLU B 300 -27.48 -2.94 16.61
N GLY B 301 -27.66 -4.03 17.35
CA GLY B 301 -28.74 -4.97 17.12
C GLY B 301 -28.22 -6.35 16.80
N ILE B 302 -29.15 -7.26 16.58
CA ILE B 302 -28.87 -8.65 16.22
C ILE B 302 -29.44 -8.90 14.84
N PRO B 303 -28.68 -9.49 13.91
CA PRO B 303 -29.17 -9.53 12.52
C PRO B 303 -30.45 -10.34 12.33
N LEU B 304 -30.49 -11.58 12.82
CA LEU B 304 -31.59 -12.47 12.47
C LEU B 304 -32.93 -11.95 12.98
N TYR B 305 -32.97 -11.45 14.21
CA TYR B 305 -34.21 -10.94 14.75
C TYR B 305 -34.69 -9.73 13.97
N ASP B 306 -33.78 -8.83 13.62
CA ASP B 306 -34.16 -7.67 12.82
C ASP B 306 -34.71 -8.09 11.47
N ALA B 307 -34.06 -9.07 10.83
CA ALA B 307 -34.52 -9.53 9.52
C ALA B 307 -35.92 -10.14 9.63
N ILE B 308 -36.14 -10.98 10.64
CA ILE B 308 -37.45 -11.61 10.80
C ILE B 308 -38.52 -10.55 11.09
N LYS B 309 -38.20 -9.59 11.95
CA LYS B 309 -39.17 -8.54 12.27
C LYS B 309 -39.50 -7.71 11.04
N CYS B 310 -38.49 -7.38 10.22
CA CYS B 310 -38.75 -6.65 8.99
C CYS B 310 -39.62 -7.45 8.04
N MET B 311 -39.35 -8.75 7.92
CA MET B 311 -40.11 -9.56 6.97
C MET B 311 -41.54 -9.77 7.43
N ARG B 312 -41.78 -9.86 8.74
CA ARG B 312 -43.15 -9.95 9.25
C ARG B 312 -43.94 -8.67 9.00
N THR B 313 -43.27 -7.56 8.72
CA THR B 313 -43.97 -6.30 8.43
C THR B 313 -44.69 -6.33 7.10
N PHE B 314 -44.40 -7.30 6.24
CA PHE B 314 -45.00 -7.39 4.91
C PHE B 314 -46.01 -8.54 4.90
N PHE B 315 -47.18 -8.28 4.33
CA PHE B 315 -48.24 -9.28 4.19
C PHE B 315 -48.60 -9.41 2.72
N GLY B 316 -48.90 -10.64 2.30
CA GLY B 316 -49.22 -10.92 0.91
C GLY B 316 -48.37 -12.01 0.32
N TRP B 317 -47.72 -12.80 1.18
CA TRP B 317 -46.88 -13.89 0.71
C TRP B 317 -47.69 -14.88 -0.12
N LYS B 318 -47.09 -15.34 -1.21
CA LYS B 318 -47.67 -16.35 -2.07
C LYS B 318 -46.69 -17.51 -2.23
N GLU B 319 -47.20 -18.67 -2.60
CA GLU B 319 -46.33 -19.80 -2.85
C GLU B 319 -45.42 -19.45 -4.02
N PRO B 320 -44.10 -19.55 -3.86
CA PRO B 320 -43.21 -19.09 -4.92
C PRO B 320 -43.26 -20.00 -6.14
N ASN B 321 -43.07 -19.38 -7.31
CA ASN B 321 -43.06 -20.10 -8.58
C ASN B 321 -42.05 -19.46 -9.50
N VAL B 322 -41.61 -20.23 -10.50
CA VAL B 322 -40.58 -19.75 -11.41
C VAL B 322 -41.17 -18.72 -12.36
N VAL B 323 -40.45 -17.62 -12.55
CA VAL B 323 -40.85 -16.58 -13.50
C VAL B 323 -39.82 -16.54 -14.62
N LYS B 324 -38.56 -16.33 -14.27
CA LYS B 324 -37.48 -16.31 -15.26
C LYS B 324 -36.40 -17.29 -14.83
N PRO B 325 -36.14 -18.36 -15.59
CA PRO B 325 -35.14 -19.35 -15.17
C PRO B 325 -33.72 -18.85 -15.32
N HIS B 326 -32.81 -19.56 -14.64
CA HIS B 326 -31.39 -19.22 -14.73
C HIS B 326 -30.86 -19.43 -16.14
N GLU B 327 -31.48 -20.32 -16.92
CA GLU B 327 -31.13 -20.69 -18.28
C GLU B 327 -29.89 -21.59 -18.32
N LYS B 328 -29.21 -21.81 -17.20
CA LYS B 328 -28.08 -22.74 -17.16
C LYS B 328 -28.05 -23.62 -15.92
N GLY B 329 -28.83 -23.31 -14.88
CA GLY B 329 -28.85 -24.08 -13.67
C GLY B 329 -30.14 -24.84 -13.48
N ILE B 330 -30.41 -25.22 -12.24
CA ILE B 330 -31.61 -25.98 -11.88
C ILE B 330 -32.45 -25.06 -11.00
N ASN B 331 -33.40 -24.37 -11.62
CA ASN B 331 -34.23 -23.41 -10.88
C ASN B 331 -34.98 -24.05 -9.72
N PRO B 332 -35.52 -25.27 -9.83
CA PRO B 332 -36.17 -25.89 -8.66
C PRO B 332 -35.28 -25.89 -7.44
N ASN B 333 -33.97 -26.02 -7.60
CA ASN B 333 -33.07 -25.91 -6.44
C ASN B 333 -33.18 -24.53 -5.80
N TYR B 334 -33.22 -23.47 -6.61
CA TYR B 334 -33.39 -22.13 -6.05
C TYR B 334 -34.72 -22.00 -5.33
N LEU B 335 -35.79 -22.52 -5.92
CA LEU B 335 -37.10 -22.47 -5.27
C LEU B 335 -37.06 -23.16 -3.91
N LEU B 336 -36.51 -24.38 -3.89
CA LEU B 336 -36.45 -25.14 -2.64
C LEU B 336 -35.55 -24.44 -1.63
N ALA B 337 -34.48 -23.80 -2.09
CA ALA B 337 -33.62 -23.06 -1.17
C ALA B 337 -34.36 -21.88 -0.54
N TRP B 338 -35.17 -21.17 -1.33
CA TRP B 338 -35.94 -20.06 -0.78
C TRP B 338 -36.93 -20.57 0.27
N LYS B 339 -37.65 -21.64 -0.05
CA LYS B 339 -38.60 -22.18 0.93
C LYS B 339 -37.89 -22.69 2.17
N GLN B 340 -36.71 -23.29 2.00
CA GLN B 340 -35.92 -23.73 3.15
C GLN B 340 -35.51 -22.56 4.02
N VAL B 341 -35.09 -21.45 3.41
CA VAL B 341 -34.71 -20.27 4.17
C VAL B 341 -35.90 -19.78 4.97
N LEU B 342 -37.07 -19.71 4.35
CA LEU B 342 -38.26 -19.26 5.07
C LEU B 342 -38.58 -20.20 6.24
N ALA B 343 -38.53 -21.50 6.00
CA ALA B 343 -38.85 -22.47 7.04
C ALA B 343 -37.91 -22.34 8.22
N GLU B 344 -36.61 -22.21 7.95
CA GLU B 344 -35.64 -22.12 9.05
C GLU B 344 -35.72 -20.77 9.75
N LEU B 345 -36.12 -19.72 9.03
CA LEU B 345 -36.37 -18.44 9.68
C LEU B 345 -37.51 -18.57 10.69
N GLN B 346 -38.58 -19.26 10.29
CA GLN B 346 -39.66 -19.52 11.25
C GLN B 346 -39.15 -20.37 12.41
N ASP B 347 -38.32 -21.37 12.12
CA ASP B 347 -37.79 -22.22 13.18
C ASP B 347 -37.03 -21.39 14.22
N ILE B 348 -36.27 -20.40 13.77
CA ILE B 348 -35.62 -19.50 14.73
C ILE B 348 -36.65 -18.67 15.46
N GLU B 349 -37.67 -18.18 14.74
CA GLU B 349 -38.68 -17.36 15.40
C GLU B 349 -39.32 -18.10 16.57
N ASN B 350 -39.47 -19.42 16.46
CA ASN B 350 -40.19 -20.16 17.50
C ASN B 350 -39.39 -20.22 18.81
N GLU B 351 -38.08 -20.49 18.71
CA GLU B 351 -37.30 -20.84 19.90
C GLU B 351 -37.07 -19.62 20.78
N GLU B 352 -36.34 -19.85 21.88
CA GLU B 352 -36.26 -18.89 22.98
C GLU B 352 -35.63 -17.56 22.60
N LYS B 353 -34.35 -17.55 22.24
CA LYS B 353 -33.64 -16.33 21.88
C LYS B 353 -32.99 -16.50 20.52
N ILE B 354 -33.19 -15.50 19.66
CA ILE B 354 -32.70 -15.54 18.29
C ILE B 354 -31.18 -15.70 18.33
N PRO B 355 -30.60 -16.71 17.70
CA PRO B 355 -29.14 -16.82 17.71
C PRO B 355 -28.50 -15.66 16.97
N LYS B 356 -27.30 -15.27 17.42
CA LYS B 356 -26.58 -14.19 16.75
C LYS B 356 -26.23 -14.57 15.31
N THR B 357 -25.82 -15.82 15.10
CA THR B 357 -25.50 -16.33 13.78
C THR B 357 -26.06 -17.73 13.64
N LYS B 358 -26.71 -18.01 12.51
CA LYS B 358 -27.33 -19.30 12.28
C LYS B 358 -26.60 -20.08 11.20
N ASN B 359 -26.52 -21.39 11.40
CA ASN B 359 -26.03 -22.31 10.39
C ASN B 359 -27.20 -23.07 9.78
N MET B 360 -27.13 -23.28 8.46
CA MET B 360 -28.18 -23.98 7.74
C MET B 360 -27.76 -25.41 7.44
N LYS B 361 -28.77 -26.24 7.13
CA LYS B 361 -28.53 -27.62 6.77
C LYS B 361 -27.91 -27.71 5.37
N LYS B 362 -27.06 -28.72 5.18
CA LYS B 362 -26.37 -28.92 3.91
C LYS B 362 -27.15 -29.92 3.05
N THR B 363 -28.26 -29.44 2.50
CA THR B 363 -29.06 -30.25 1.61
C THR B 363 -28.46 -30.25 0.20
N SER B 364 -28.89 -31.22 -0.61
CA SER B 364 -28.41 -31.29 -1.99
C SER B 364 -28.69 -29.99 -2.74
N GLN B 365 -29.77 -29.31 -2.38
CA GLN B 365 -30.13 -28.06 -3.05
C GLN B 365 -28.99 -27.06 -2.99
N LEU B 366 -28.57 -26.70 -1.77
CA LEU B 366 -27.47 -25.76 -1.60
C LEU B 366 -26.12 -26.38 -1.86
N LYS B 367 -26.03 -27.71 -1.83
CA LYS B 367 -24.80 -28.38 -2.28
C LYS B 367 -24.54 -28.07 -3.75
N TRP B 368 -25.59 -28.12 -4.57
CA TRP B 368 -25.45 -27.72 -5.97
C TRP B 368 -25.32 -26.22 -6.11
N ALA B 369 -26.16 -25.46 -5.41
CA ALA B 369 -26.14 -24.00 -5.55
C ALA B 369 -24.83 -23.40 -5.09
N LEU B 370 -24.16 -23.99 -4.10
CA LEU B 370 -22.91 -23.47 -3.59
C LEU B 370 -21.70 -24.14 -4.20
N GLY B 371 -21.89 -25.05 -5.16
CA GLY B 371 -20.77 -25.71 -5.80
C GLY B 371 -19.90 -26.47 -4.83
N GLU B 372 -20.43 -27.55 -4.25
CA GLU B 372 -19.74 -28.36 -3.27
C GLU B 372 -19.31 -29.67 -3.90
N ASN B 373 -18.08 -30.10 -3.58
CA ASN B 373 -17.54 -31.35 -4.10
C ASN B 373 -17.48 -31.35 -5.63
N MET B 374 -17.22 -30.19 -6.22
CA MET B 374 -17.09 -30.08 -7.66
C MET B 374 -15.65 -29.83 -8.11
N ALA B 375 -14.77 -29.41 -7.21
CA ALA B 375 -13.38 -29.25 -7.57
C ALA B 375 -12.78 -30.61 -7.93
N PRO B 376 -12.13 -30.76 -9.08
CA PRO B 376 -11.53 -32.06 -9.41
C PRO B 376 -10.50 -32.46 -8.37
N GLU B 377 -10.49 -33.75 -8.04
CA GLU B 377 -9.56 -34.26 -7.05
C GLU B 377 -8.13 -34.17 -7.59
N LYS B 378 -7.21 -33.73 -6.73
CA LYS B 378 -5.83 -33.55 -7.13
C LYS B 378 -5.09 -34.89 -7.09
N VAL B 379 -4.40 -35.22 -8.18
CA VAL B 379 -3.68 -36.47 -8.33
C VAL B 379 -2.30 -36.16 -8.89
N ASP B 380 -1.53 -37.22 -9.13
CA ASP B 380 -0.18 -37.11 -9.64
C ASP B 380 -0.15 -37.36 -11.14
N PHE B 381 0.79 -36.70 -11.82
CA PHE B 381 0.87 -36.81 -13.28
C PHE B 381 1.22 -38.23 -13.71
N ASP B 382 2.09 -38.91 -12.95
CA ASP B 382 2.50 -40.25 -13.32
C ASP B 382 1.34 -41.24 -13.35
N ASP B 383 0.22 -40.91 -12.72
CA ASP B 383 -0.94 -41.78 -12.69
C ASP B 383 -2.01 -41.38 -13.72
N CYS B 384 -1.92 -40.18 -14.30
CA CYS B 384 -2.89 -39.71 -15.30
C CYS B 384 -2.11 -39.09 -16.44
N LYS B 385 -1.72 -39.91 -17.42
CA LYS B 385 -1.01 -39.44 -18.59
C LYS B 385 -1.66 -39.92 -19.87
N ASP B 386 -2.33 -41.07 -19.80
CA ASP B 386 -2.98 -41.65 -20.97
C ASP B 386 -4.40 -41.13 -21.19
N VAL B 387 -4.88 -40.24 -20.34
CA VAL B 387 -6.23 -39.69 -20.48
C VAL B 387 -6.19 -38.65 -21.60
N SER B 388 -6.94 -38.92 -22.68
CA SER B 388 -6.92 -38.03 -23.84
C SER B 388 -7.44 -36.64 -23.48
N ASP B 389 -8.49 -36.58 -22.66
CA ASP B 389 -9.10 -35.30 -22.29
C ASP B 389 -8.19 -34.44 -21.42
N LEU B 390 -7.10 -34.99 -20.91
CA LEU B 390 -6.22 -34.24 -20.01
C LEU B 390 -5.49 -33.16 -20.77
N LYS B 391 -5.69 -31.90 -20.37
CA LYS B 391 -5.09 -30.76 -21.05
C LYS B 391 -4.99 -29.61 -20.06
N GLN B 392 -4.51 -28.47 -20.55
CA GLN B 392 -4.39 -27.28 -19.71
C GLN B 392 -5.75 -26.73 -19.33
N TYR B 393 -5.74 -25.86 -18.33
CA TYR B 393 -6.92 -25.06 -18.01
C TYR B 393 -7.22 -24.10 -19.17
N ASP B 394 -8.50 -23.86 -19.39
CA ASP B 394 -8.92 -22.98 -20.47
C ASP B 394 -8.35 -21.58 -20.23
N SER B 395 -7.44 -21.16 -21.10
CA SER B 395 -6.75 -19.87 -20.99
C SER B 395 -6.86 -19.16 -22.35
N ASP B 396 -7.87 -18.31 -22.48
CA ASP B 396 -8.09 -17.57 -23.71
C ASP B 396 -8.74 -16.22 -23.36
N GLU B 397 -8.82 -15.35 -24.37
CA GLU B 397 -9.43 -14.05 -24.16
C GLU B 397 -10.89 -14.23 -23.77
N PRO B 398 -11.41 -13.46 -22.81
CA PRO B 398 -12.81 -13.62 -22.41
C PRO B 398 -13.76 -13.43 -23.60
N GLU B 399 -14.99 -13.88 -23.40
CA GLU B 399 -16.01 -13.72 -24.41
C GLU B 399 -16.27 -12.25 -24.68
N LEU B 400 -16.51 -11.91 -25.95
CA LEU B 400 -16.81 -10.53 -26.32
C LEU B 400 -18.29 -10.24 -26.14
N ARG B 401 -18.59 -9.07 -25.58
CA ARG B 401 -19.96 -8.67 -25.34
C ARG B 401 -20.10 -7.18 -25.62
N SER B 402 -21.20 -6.81 -26.25
CA SER B 402 -21.46 -5.42 -26.59
C SER B 402 -22.18 -4.70 -25.45
N LEU B 403 -22.01 -3.39 -25.39
CA LEU B 403 -22.62 -2.60 -24.34
C LEU B 403 -24.14 -2.57 -24.50
N ALA B 404 -24.82 -2.48 -23.37
CA ALA B 404 -26.27 -2.34 -23.33
C ALA B 404 -26.63 -1.05 -22.61
N SER B 405 -27.89 -0.63 -22.76
CA SER B 405 -28.33 0.65 -22.23
C SER B 405 -28.70 0.59 -20.75
N TRP B 406 -28.69 -0.60 -20.14
CA TRP B 406 -29.11 -0.70 -18.74
C TRP B 406 -28.06 -0.12 -17.78
N ILE B 407 -26.78 -0.26 -18.10
CA ILE B 407 -25.75 0.27 -17.21
C ILE B 407 -25.82 1.78 -17.17
N GLN B 408 -26.15 2.43 -18.30
CA GLN B 408 -26.27 3.87 -18.32
C GLN B 408 -27.38 4.34 -17.39
N SER B 409 -28.56 3.70 -17.46
CA SER B 409 -29.66 4.07 -16.58
C SER B 409 -29.34 3.75 -15.13
N GLU B 410 -28.62 2.65 -14.88
CA GLU B 410 -28.25 2.31 -13.52
C GLU B 410 -27.34 3.37 -12.93
N PHE B 411 -26.35 3.85 -13.70
CA PHE B 411 -25.52 4.94 -13.22
C PHE B 411 -26.32 6.22 -13.06
N ASN B 412 -27.27 6.47 -13.97
CA ASN B 412 -28.09 7.67 -13.87
C ASN B 412 -28.84 7.70 -12.55
N LYS B 413 -29.48 6.58 -12.20
CA LYS B 413 -30.24 6.52 -10.95
C LYS B 413 -29.36 6.26 -9.74
N ALA B 414 -28.08 5.95 -9.93
CA ALA B 414 -27.15 5.87 -8.82
C ALA B 414 -26.67 7.23 -8.35
N CYS B 415 -26.92 8.29 -9.11
CA CYS B 415 -26.55 9.64 -8.74
C CYS B 415 -27.74 10.47 -8.28
N GLU B 416 -28.90 9.84 -8.09
CA GLU B 416 -30.11 10.55 -7.72
C GLU B 416 -30.26 10.62 -6.20
N LEU B 417 -30.95 11.66 -5.75
CA LEU B 417 -31.18 11.84 -4.32
C LEU B 417 -32.17 10.79 -3.81
N THR B 418 -32.29 10.73 -2.49
CA THR B 418 -33.15 9.76 -1.83
C THR B 418 -33.86 10.43 -0.67
N ASP B 419 -34.78 9.70 -0.04
CA ASP B 419 -35.55 10.18 1.10
C ASP B 419 -34.98 9.70 2.43
N SER B 420 -33.66 9.50 2.49
CA SER B 420 -33.02 8.98 3.71
C SER B 420 -31.58 9.43 3.75
N SER B 421 -30.99 9.34 4.93
CA SER B 421 -29.57 9.65 5.14
C SER B 421 -28.86 8.33 5.40
N TRP B 422 -27.96 7.95 4.49
CA TRP B 422 -27.31 6.64 4.51
C TRP B 422 -25.91 6.68 5.09
N ILE B 423 -25.50 7.79 5.69
CA ILE B 423 -24.20 7.90 6.33
C ILE B 423 -24.41 8.49 7.72
N GLU B 424 -23.93 7.80 8.75
CA GLU B 424 -23.93 8.31 10.12
C GLU B 424 -22.46 8.33 10.56
N LEU B 425 -21.84 9.51 10.43
CA LEU B 425 -20.41 9.60 10.62
C LEU B 425 -20.06 9.53 12.11
N ASP B 426 -18.78 9.26 12.37
CA ASP B 426 -18.28 9.08 13.72
C ASP B 426 -17.99 10.45 14.35
N GLU B 427 -17.30 10.45 15.48
CA GLU B 427 -16.99 11.66 16.22
C GLU B 427 -15.55 12.09 15.94
N ILE B 428 -15.31 13.38 16.07
CA ILE B 428 -13.98 13.95 15.93
C ILE B 428 -13.74 14.91 17.09
N GLY B 429 -12.46 15.19 17.34
CA GLY B 429 -12.11 16.15 18.37
C GLY B 429 -12.76 17.49 18.10
N GLU B 430 -13.26 18.13 19.15
CA GLU B 430 -13.95 19.41 18.98
C GLU B 430 -13.03 20.41 18.29
N ASP B 431 -13.56 21.08 17.27
CA ASP B 431 -12.74 22.00 16.48
C ASP B 431 -12.27 23.17 17.35
N VAL B 432 -10.98 23.47 17.28
CA VAL B 432 -10.39 24.54 18.06
C VAL B 432 -9.85 25.67 17.19
N ALA B 433 -9.41 25.37 15.96
CA ALA B 433 -8.84 26.40 15.10
C ALA B 433 -9.86 26.87 14.08
N PRO B 434 -9.80 28.13 13.64
CA PRO B 434 -10.74 28.58 12.60
C PRO B 434 -10.68 27.74 11.34
N ILE B 435 -9.49 27.29 10.94
CA ILE B 435 -9.40 26.41 9.78
C ILE B 435 -10.17 25.13 10.03
N GLU B 436 -10.14 24.62 11.27
CA GLU B 436 -10.93 23.44 11.58
C GLU B 436 -12.43 23.73 11.46
N HIS B 437 -12.86 24.93 11.85
CA HIS B 437 -14.26 25.28 11.65
C HIS B 437 -14.63 25.33 10.18
N ILE B 438 -13.76 25.90 9.34
CA ILE B 438 -14.01 25.93 7.90
C ILE B 438 -14.11 24.51 7.36
N ALA B 439 -13.18 23.65 7.78
CA ALA B 439 -13.20 22.26 7.34
C ALA B 439 -14.49 21.57 7.76
N SER B 440 -14.92 21.79 9.00
CA SER B 440 -16.15 21.17 9.49
C SER B 440 -17.37 21.66 8.72
N MET B 441 -17.43 22.95 8.42
CA MET B 441 -18.55 23.47 7.65
C MET B 441 -18.57 22.87 6.24
N ARG B 442 -17.40 22.81 5.60
CA ARG B 442 -17.32 22.17 4.28
C ARG B 442 -17.79 20.73 4.37
N ARG B 443 -17.31 19.99 5.37
CA ARG B 443 -17.65 18.59 5.51
C ARG B 443 -19.15 18.41 5.75
N ASN B 444 -19.75 19.30 6.55
CA ASN B 444 -21.18 19.23 6.76
C ASN B 444 -21.94 19.48 5.47
N TYR B 445 -21.49 20.45 4.67
CA TYR B 445 -22.13 20.68 3.38
C TYR B 445 -22.07 19.44 2.50
N PHE B 446 -20.87 18.83 2.38
CA PHE B 446 -20.78 17.64 1.52
C PHE B 446 -21.60 16.49 2.07
N THR B 447 -21.63 16.31 3.39
CA THR B 447 -22.44 15.23 3.95
C THR B 447 -23.91 15.46 3.66
N ALA B 448 -24.38 16.70 3.80
CA ALA B 448 -25.77 17.00 3.43
C ALA B 448 -26.02 16.71 1.96
N GLU B 449 -25.03 16.93 1.10
CA GLU B 449 -25.23 16.70 -0.32
C GLU B 449 -25.22 15.21 -0.68
N VAL B 450 -24.34 14.43 -0.07
CA VAL B 450 -24.11 13.06 -0.55
C VAL B 450 -24.83 12.01 0.30
N SER B 451 -25.20 12.33 1.53
CA SER B 451 -25.87 11.33 2.38
C SER B 451 -27.14 10.83 1.73
N HIS B 452 -27.95 11.73 1.18
CA HIS B 452 -29.15 11.35 0.45
C HIS B 452 -28.78 11.06 -1.01
N CYS B 453 -28.08 9.95 -1.20
CA CYS B 453 -27.63 9.53 -2.51
C CYS B 453 -27.59 8.02 -2.57
N ARG B 454 -28.04 7.45 -3.70
CA ARG B 454 -28.02 6.00 -3.84
C ARG B 454 -26.61 5.44 -3.79
N ALA B 455 -25.61 6.25 -4.14
CA ALA B 455 -24.23 5.80 -4.06
C ALA B 455 -23.84 5.47 -2.63
N THR B 456 -24.24 6.32 -1.68
CA THR B 456 -23.96 6.04 -0.27
C THR B 456 -24.66 4.78 0.20
N GLU B 457 -25.91 4.57 -0.24
CA GLU B 457 -26.62 3.35 0.11
C GLU B 457 -25.91 2.13 -0.43
N TYR B 458 -25.43 2.20 -1.67
CA TYR B 458 -24.66 1.10 -2.23
C TYR B 458 -23.37 0.88 -1.45
N ILE B 459 -22.72 1.97 -1.04
CA ILE B 459 -21.49 1.85 -0.25
C ILE B 459 -21.76 1.08 1.04
N MET B 460 -22.81 1.49 1.76
CA MET B 460 -23.13 0.82 3.02
C MET B 460 -23.52 -0.64 2.78
N LYS B 461 -24.34 -0.89 1.76
CA LYS B 461 -24.72 -2.27 1.44
C LYS B 461 -23.49 -3.14 1.21
N GLY B 462 -22.59 -2.67 0.33
CA GLY B 462 -21.42 -3.46 0.02
C GLY B 462 -20.53 -3.66 1.23
N VAL B 463 -20.30 -2.60 2.00
CA VAL B 463 -19.44 -2.70 3.17
C VAL B 463 -20.00 -3.74 4.14
N TYR B 464 -21.28 -3.62 4.48
CA TYR B 464 -21.88 -4.54 5.44
C TYR B 464 -21.86 -5.97 4.92
N ILE B 465 -22.24 -6.16 3.65
CA ILE B 465 -22.34 -7.51 3.11
C ILE B 465 -20.96 -8.17 3.08
N ASN B 466 -19.96 -7.44 2.61
CA ASN B 466 -18.62 -8.01 2.53
C ASN B 466 -18.02 -8.23 3.91
N THR B 467 -18.27 -7.34 4.87
CA THR B 467 -17.78 -7.56 6.23
C THR B 467 -18.39 -8.82 6.83
N ALA B 468 -19.71 -8.96 6.72
CA ALA B 468 -20.36 -10.14 7.26
C ALA B 468 -19.87 -11.40 6.57
N LEU B 469 -19.72 -11.36 5.25
CA LEU B 469 -19.29 -12.54 4.51
C LEU B 469 -17.87 -12.94 4.90
N LEU B 470 -16.95 -11.96 5.01
CA LEU B 470 -15.59 -12.27 5.40
C LEU B 470 -15.53 -12.83 6.82
N ASN B 471 -16.26 -12.23 7.75
CA ASN B 471 -16.24 -12.72 9.12
C ASN B 471 -16.81 -14.13 9.21
N ALA B 472 -17.91 -14.39 8.52
CA ALA B 472 -18.48 -15.73 8.52
C ALA B 472 -17.54 -16.74 7.88
N SER B 473 -16.88 -16.36 6.78
CA SER B 473 -15.95 -17.27 6.13
C SER B 473 -14.79 -17.60 7.06
N CYS B 474 -14.28 -16.60 7.78
CA CYS B 474 -13.15 -16.84 8.67
C CYS B 474 -13.57 -17.62 9.91
N ALA B 475 -14.82 -17.48 10.35
CA ALA B 475 -15.28 -18.16 11.55
C ALA B 475 -15.88 -19.53 11.24
N ALA B 476 -16.93 -19.56 10.42
CA ALA B 476 -17.61 -20.80 10.07
C ALA B 476 -17.12 -21.23 8.68
N MET B 477 -15.91 -21.79 8.66
CA MET B 477 -15.30 -22.19 7.39
C MET B 477 -16.05 -23.35 6.74
N ASP B 478 -16.53 -24.28 7.55
CA ASP B 478 -17.09 -25.52 7.03
C ASP B 478 -18.57 -25.43 6.69
N ASP B 479 -19.36 -24.77 7.52
CA ASP B 479 -20.80 -24.96 7.51
C ASP B 479 -21.49 -23.75 6.90
N PHE B 480 -22.52 -24.02 6.10
CA PHE B 480 -23.23 -22.96 5.40
C PHE B 480 -23.91 -22.03 6.39
N GLN B 481 -23.83 -20.72 6.14
CA GLN B 481 -24.32 -19.74 7.09
C GLN B 481 -25.30 -18.77 6.44
N LEU B 482 -26.32 -18.37 7.20
CA LEU B 482 -27.33 -17.43 6.77
C LEU B 482 -26.98 -16.03 7.28
N ILE B 483 -27.07 -15.04 6.39
CA ILE B 483 -26.77 -13.66 6.74
C ILE B 483 -27.81 -12.75 6.07
N PRO B 484 -28.69 -12.07 6.82
CA PRO B 484 -29.65 -11.17 6.17
C PRO B 484 -29.00 -9.85 5.78
N MET B 485 -29.27 -9.39 4.57
CA MET B 485 -28.77 -8.10 4.11
C MET B 485 -29.49 -6.99 4.87
N ILE B 486 -28.75 -6.28 5.71
CA ILE B 486 -29.32 -5.25 6.58
C ILE B 486 -28.61 -3.93 6.32
N SER B 487 -29.40 -2.85 6.27
CA SER B 487 -28.84 -1.51 6.18
C SER B 487 -29.76 -0.57 6.94
N LYS B 488 -29.18 0.26 7.80
CA LYS B 488 -29.97 1.15 8.65
C LYS B 488 -29.78 2.59 8.22
N CYS B 489 -30.89 3.29 8.03
CA CYS B 489 -30.94 4.67 7.57
C CYS B 489 -31.73 5.52 8.56
N ARG B 490 -31.86 6.79 8.23
CA ARG B 490 -32.63 7.73 9.04
C ARG B 490 -33.54 8.54 8.13
N THR B 491 -34.82 8.61 8.49
CA THR B 491 -35.81 9.27 7.65
C THR B 491 -35.67 10.80 7.75
N LYS B 492 -36.42 11.48 6.90
CA LYS B 492 -36.46 12.94 6.96
C LYS B 492 -37.02 13.40 8.30
N GLU B 493 -38.03 12.71 8.81
CA GLU B 493 -38.59 13.06 10.12
C GLU B 493 -37.58 12.87 11.24
N GLY B 494 -36.50 12.12 11.00
CA GLY B 494 -35.48 11.87 11.99
C GLY B 494 -35.55 10.50 12.64
N ARG B 495 -36.62 9.76 12.41
CA ARG B 495 -36.75 8.43 13.01
C ARG B 495 -35.80 7.47 12.32
N ARG B 496 -35.06 6.71 13.12
CA ARG B 496 -34.16 5.70 12.57
C ARG B 496 -34.96 4.52 12.03
N LYS B 497 -34.38 3.82 11.07
CA LYS B 497 -35.08 2.74 10.38
C LYS B 497 -34.08 1.69 9.92
N THR B 498 -34.54 0.45 9.88
CA THR B 498 -33.78 -0.67 9.35
C THR B 498 -34.39 -1.10 8.02
N ASN B 499 -33.56 -1.72 7.18
CA ASN B 499 -34.00 -2.17 5.87
C ASN B 499 -33.37 -3.52 5.57
N LEU B 500 -34.20 -4.44 5.09
CA LEU B 500 -33.80 -5.81 4.79
C LEU B 500 -33.99 -6.06 3.30
N TYR B 501 -32.88 -6.07 2.56
CA TYR B 501 -32.96 -6.34 1.13
C TYR B 501 -33.19 -7.81 0.83
N GLY B 502 -32.58 -8.71 1.60
CA GLY B 502 -32.73 -10.13 1.37
C GLY B 502 -31.82 -10.97 2.24
N PHE B 503 -31.26 -12.02 1.66
CA PHE B 503 -30.42 -12.96 2.41
C PHE B 503 -29.25 -13.43 1.56
N ILE B 504 -28.19 -13.84 2.25
CA ILE B 504 -27.01 -14.42 1.63
C ILE B 504 -26.69 -15.71 2.36
N ILE B 505 -26.50 -16.79 1.61
CA ILE B 505 -26.06 -18.05 2.18
C ILE B 505 -24.62 -18.26 1.75
N LYS B 506 -23.72 -18.20 2.74
CA LYS B 506 -22.30 -18.45 2.50
C LYS B 506 -22.00 -19.94 2.61
N GLY B 507 -21.19 -20.43 1.69
CA GLY B 507 -20.80 -21.83 1.66
C GLY B 507 -19.39 -22.06 2.19
N ARG B 508 -18.87 -23.24 1.90
CA ARG B 508 -17.53 -23.59 2.34
C ARG B 508 -16.53 -22.53 1.87
N SER B 509 -15.72 -22.04 2.80
CA SER B 509 -14.83 -20.90 2.55
C SER B 509 -13.44 -21.18 3.09
N HIS B 510 -12.90 -22.36 2.78
CA HIS B 510 -11.53 -22.70 3.15
C HIS B 510 -10.58 -21.99 2.18
N LEU B 511 -10.44 -20.69 2.40
CA LEU B 511 -9.70 -19.81 1.50
C LEU B 511 -8.25 -19.73 1.97
N ARG B 512 -7.34 -20.27 1.15
CA ARG B 512 -5.92 -20.20 1.45
C ARG B 512 -5.25 -19.04 0.73
N ASN B 513 -5.32 -19.01 -0.59
CA ASN B 513 -4.74 -17.92 -1.36
C ASN B 513 -5.70 -16.74 -1.43
N ASP B 514 -5.15 -15.57 -1.71
CA ASP B 514 -5.97 -14.37 -1.86
C ASP B 514 -6.92 -14.45 -3.04
N THR B 515 -6.69 -15.39 -3.97
CA THR B 515 -7.54 -15.55 -5.13
C THR B 515 -8.54 -16.68 -4.99
N ASP B 516 -8.42 -17.52 -3.95
CA ASP B 516 -9.38 -18.60 -3.75
C ASP B 516 -10.78 -18.03 -3.61
N VAL B 517 -11.76 -18.76 -4.12
CA VAL B 517 -13.13 -18.27 -4.27
C VAL B 517 -14.02 -18.92 -3.24
N VAL B 518 -14.79 -18.09 -2.53
CA VAL B 518 -15.88 -18.55 -1.67
C VAL B 518 -17.17 -18.29 -2.42
N ASN B 519 -17.97 -19.34 -2.58
CA ASN B 519 -19.25 -19.25 -3.28
C ASN B 519 -20.38 -19.06 -2.28
N PHE B 520 -21.33 -18.21 -2.64
CA PHE B 520 -22.54 -18.01 -1.87
C PHE B 520 -23.71 -17.87 -2.82
N VAL B 521 -24.92 -17.92 -2.26
CA VAL B 521 -26.14 -17.70 -3.03
C VAL B 521 -26.88 -16.52 -2.42
N SER B 522 -27.24 -15.56 -3.26
CA SER B 522 -27.87 -14.32 -2.84
C SER B 522 -29.32 -14.28 -3.31
N MET B 523 -30.20 -13.87 -2.39
CA MET B 523 -31.62 -13.72 -2.67
C MET B 523 -32.01 -12.29 -2.29
N GLU B 524 -32.70 -11.59 -3.19
CA GLU B 524 -33.06 -10.21 -2.93
C GLU B 524 -34.47 -9.93 -3.46
N PHE B 525 -35.27 -9.26 -2.64
CA PHE B 525 -36.60 -8.85 -3.07
C PHE B 525 -36.51 -7.70 -4.06
N SER B 526 -37.50 -7.60 -4.94
CA SER B 526 -37.55 -6.50 -5.89
C SER B 526 -38.96 -6.42 -6.47
N LEU B 527 -39.23 -5.32 -7.16
CA LEU B 527 -40.47 -5.16 -7.91
C LEU B 527 -40.26 -5.05 -9.40
N THR B 528 -39.01 -4.94 -9.86
CA THR B 528 -38.74 -4.77 -11.28
C THR B 528 -38.96 -6.10 -12.00
N ASP B 529 -39.88 -6.10 -12.96
CA ASP B 529 -40.16 -7.32 -13.71
C ASP B 529 -38.95 -7.66 -14.58
N PRO B 530 -38.44 -8.89 -14.52
CA PRO B 530 -37.30 -9.27 -15.35
C PRO B 530 -37.64 -9.62 -16.79
N ARG B 531 -38.89 -9.45 -17.20
CA ARG B 531 -39.31 -9.77 -18.56
C ARG B 531 -39.08 -8.64 -19.53
N LEU B 532 -38.55 -7.50 -19.08
CA LEU B 532 -38.33 -6.34 -19.92
C LEU B 532 -36.88 -6.18 -20.36
N GLU B 533 -35.92 -6.58 -19.51
CA GLU B 533 -34.50 -6.52 -19.86
C GLU B 533 -33.85 -7.86 -19.51
N PRO B 534 -34.28 -8.94 -20.17
CA PRO B 534 -33.77 -10.27 -19.79
C PRO B 534 -32.26 -10.41 -19.93
N HIS B 535 -31.67 -9.76 -20.93
CA HIS B 535 -30.24 -9.93 -21.15
C HIS B 535 -29.39 -9.41 -20.00
N LYS B 536 -29.95 -8.54 -19.15
CA LYS B 536 -29.23 -8.04 -18.00
C LYS B 536 -29.19 -9.05 -16.85
N TRP B 537 -30.03 -10.07 -16.89
CA TRP B 537 -30.15 -11.07 -15.82
C TRP B 537 -29.80 -12.45 -16.32
N GLU B 538 -28.70 -12.58 -17.06
CA GLU B 538 -28.35 -13.87 -17.65
C GLU B 538 -28.06 -14.91 -16.57
N LYS B 539 -27.45 -14.50 -15.46
CA LYS B 539 -27.00 -15.43 -14.43
C LYS B 539 -27.93 -15.48 -13.22
N TYR B 540 -29.10 -14.85 -13.31
CA TYR B 540 -30.04 -14.81 -12.20
C TYR B 540 -31.20 -15.77 -12.45
N CYS B 541 -31.78 -16.28 -11.37
CA CYS B 541 -33.05 -16.98 -11.40
C CYS B 541 -34.05 -16.16 -10.59
N VAL B 542 -35.17 -15.79 -11.22
CA VAL B 542 -36.12 -14.86 -10.63
C VAL B 542 -37.46 -15.57 -10.44
N LEU B 543 -37.95 -15.57 -9.20
CA LEU B 543 -39.22 -16.17 -8.84
C LEU B 543 -40.25 -15.08 -8.55
N GLU B 544 -41.50 -15.50 -8.41
CA GLU B 544 -42.59 -14.63 -7.94
C GLU B 544 -42.95 -15.07 -6.53
N ILE B 545 -42.77 -14.17 -5.57
CA ILE B 545 -42.94 -14.52 -4.16
C ILE B 545 -44.09 -13.78 -3.48
N GLY B 546 -44.55 -12.65 -4.01
CA GLY B 546 -45.66 -11.99 -3.36
C GLY B 546 -46.21 -10.82 -4.14
N ASP B 547 -47.02 -10.02 -3.45
CA ASP B 547 -47.59 -8.80 -4.00
C ASP B 547 -47.47 -7.69 -2.98
N MET B 548 -47.17 -6.49 -3.45
CA MET B 548 -46.96 -5.33 -2.58
C MET B 548 -47.96 -4.24 -2.94
N LEU B 549 -48.40 -3.51 -1.92
CA LEU B 549 -49.37 -2.42 -2.08
C LEU B 549 -48.75 -1.14 -1.52
N LEU B 550 -48.30 -0.27 -2.43
CA LEU B 550 -47.76 1.03 -2.05
C LEU B 550 -48.79 2.12 -2.37
N ARG B 551 -49.00 3.04 -1.43
CA ARG B 551 -50.05 4.04 -1.56
C ARG B 551 -49.77 4.92 -2.78
N SER B 552 -50.70 4.93 -3.73
CA SER B 552 -50.62 5.78 -4.89
C SER B 552 -52.02 6.31 -5.21
N ALA B 553 -52.05 7.46 -5.90
CA ALA B 553 -53.33 8.08 -6.24
C ALA B 553 -54.14 7.23 -7.22
N ILE B 554 -53.52 6.29 -7.92
CA ILE B 554 -54.24 5.41 -8.85
C ILE B 554 -54.71 4.22 -8.03
N GLY B 555 -55.84 4.40 -7.35
CA GLY B 555 -56.31 3.39 -6.43
C GLY B 555 -55.18 2.92 -5.54
N GLN B 556 -54.77 1.66 -5.68
CA GLN B 556 -53.51 1.20 -5.13
C GLN B 556 -52.95 0.16 -6.08
N VAL B 557 -51.65 0.24 -6.34
CA VAL B 557 -51.06 -0.45 -7.48
C VAL B 557 -51.22 -1.96 -7.33
N SER B 558 -50.90 -2.51 -6.16
CA SER B 558 -50.88 -3.95 -5.95
C SER B 558 -49.93 -4.62 -6.95
N ARG B 559 -48.70 -4.14 -6.96
CA ARG B 559 -47.67 -4.62 -7.87
C ARG B 559 -47.23 -6.03 -7.50
N PRO B 560 -46.71 -6.81 -8.45
CA PRO B 560 -46.03 -8.06 -8.10
C PRO B 560 -44.73 -7.77 -7.37
N MET B 561 -44.21 -8.80 -6.70
CA MET B 561 -43.01 -8.65 -5.89
C MET B 561 -42.20 -9.93 -6.04
N PHE B 562 -41.08 -9.82 -6.76
CA PHE B 562 -40.28 -10.95 -7.21
C PHE B 562 -39.05 -11.12 -6.34
N LEU B 563 -38.40 -12.28 -6.48
CA LEU B 563 -37.18 -12.61 -5.76
C LEU B 563 -36.09 -12.94 -6.77
N TYR B 564 -35.05 -12.11 -6.81
CA TYR B 564 -33.88 -12.38 -7.64
C TYR B 564 -32.93 -13.27 -6.85
N VAL B 565 -32.72 -14.49 -7.34
CA VAL B 565 -31.88 -15.49 -6.70
C VAL B 565 -30.75 -15.85 -7.65
N ARG B 566 -29.52 -15.86 -7.14
CA ARG B 566 -28.39 -16.22 -7.99
C ARG B 566 -27.28 -16.82 -7.15
N THR B 567 -26.38 -17.52 -7.85
CA THR B 567 -25.15 -18.03 -7.26
C THR B 567 -24.01 -17.11 -7.64
N ASN B 568 -23.34 -16.53 -6.66
CA ASN B 568 -22.23 -15.62 -6.87
C ASN B 568 -21.04 -16.10 -6.07
N GLY B 569 -19.90 -15.43 -6.24
CA GLY B 569 -18.70 -15.78 -5.53
C GLY B 569 -17.80 -14.58 -5.36
N THR B 570 -16.93 -14.66 -4.35
CA THR B 570 -15.96 -13.61 -4.09
C THR B 570 -14.67 -14.25 -3.61
N SER B 571 -13.72 -13.41 -3.20
CA SER B 571 -12.44 -13.87 -2.70
C SER B 571 -11.99 -12.94 -1.58
N LYS B 572 -10.97 -13.37 -0.85
CA LYS B 572 -10.47 -12.59 0.27
C LYS B 572 -10.11 -11.17 -0.17
N ILE B 573 -9.41 -11.04 -1.29
CA ILE B 573 -9.04 -9.72 -1.78
C ILE B 573 -10.29 -8.92 -2.15
N LYS B 574 -11.24 -9.56 -2.84
CA LYS B 574 -12.45 -8.84 -3.22
C LYS B 574 -13.26 -8.43 -2.00
N MET B 575 -13.37 -9.30 -1.00
CA MET B 575 -14.09 -8.94 0.22
C MET B 575 -13.40 -7.78 0.92
N LYS B 576 -12.08 -7.84 1.04
CA LYS B 576 -11.35 -6.77 1.73
C LYS B 576 -11.53 -5.44 1.01
N TRP B 577 -11.45 -5.45 -0.33
CA TRP B 577 -11.57 -4.21 -1.07
C TRP B 577 -12.99 -3.69 -1.12
N GLY B 578 -13.98 -4.58 -1.10
CA GLY B 578 -15.36 -4.15 -1.04
C GLY B 578 -15.79 -3.65 0.32
N MET B 579 -15.08 -4.07 1.37
CA MET B 579 -15.34 -3.54 2.70
C MET B 579 -14.64 -2.22 2.96
N GLU B 580 -13.85 -1.72 2.00
CA GLU B 580 -13.25 -0.39 2.06
C GLU B 580 -13.85 0.50 0.98
N MET B 581 -15.16 0.38 0.74
CA MET B 581 -15.81 1.21 -0.26
C MET B 581 -16.04 2.64 0.21
N ARG B 582 -15.81 2.93 1.49
CA ARG B 582 -16.05 4.28 2.00
C ARG B 582 -15.03 5.28 1.48
N ARG B 583 -13.90 4.81 0.95
CA ARG B 583 -12.93 5.73 0.38
C ARG B 583 -13.37 6.31 -0.96
N CYS B 584 -14.46 5.79 -1.54
CA CYS B 584 -15.07 6.47 -2.68
C CYS B 584 -15.56 7.85 -2.28
N LEU B 585 -16.16 7.96 -1.10
CA LEU B 585 -16.52 9.26 -0.55
C LEU B 585 -15.31 10.18 -0.54
N LEU B 586 -14.17 9.67 -0.05
CA LEU B 586 -12.95 10.46 -0.03
C LEU B 586 -12.64 10.90 -1.45
N GLN B 587 -12.31 9.97 -2.33
CA GLN B 587 -11.96 10.33 -3.71
C GLN B 587 -12.84 11.45 -4.26
N SER B 588 -14.16 11.23 -4.23
CA SER B 588 -15.07 12.21 -4.81
C SER B 588 -14.93 13.57 -4.14
N LEU B 589 -14.98 13.58 -2.81
CA LEU B 589 -15.07 14.87 -2.13
C LEU B 589 -13.72 15.57 -2.10
N GLN B 590 -12.63 14.82 -2.15
CA GLN B 590 -11.32 15.41 -2.37
C GLN B 590 -11.28 16.12 -3.72
N GLN B 591 -11.83 15.49 -4.76
CA GLN B 591 -11.88 16.16 -6.05
C GLN B 591 -12.68 17.47 -5.97
N ILE B 592 -13.85 17.42 -5.33
CA ILE B 592 -14.67 18.61 -5.23
C ILE B 592 -13.98 19.69 -4.40
N GLU B 593 -13.33 19.30 -3.31
CA GLU B 593 -12.65 20.27 -2.46
C GLU B 593 -11.44 20.86 -3.17
N SER B 594 -10.77 20.07 -4.01
CA SER B 594 -9.71 20.61 -4.85
C SER B 594 -10.27 21.65 -5.81
N MET B 595 -11.42 21.38 -6.42
CA MET B 595 -12.06 22.37 -7.26
C MET B 595 -12.31 23.65 -6.48
N ILE B 596 -12.90 23.52 -5.28
CA ILE B 596 -13.27 24.69 -4.49
C ILE B 596 -12.04 25.48 -4.10
N GLU B 597 -10.98 24.79 -3.67
CA GLU B 597 -9.76 25.48 -3.28
C GLU B 597 -9.11 26.18 -4.47
N ALA B 598 -9.07 25.51 -5.62
CA ALA B 598 -8.48 26.12 -6.80
C ALA B 598 -9.24 27.38 -7.20
N GLU B 599 -10.57 27.34 -7.14
CA GLU B 599 -11.33 28.53 -7.48
C GLU B 599 -11.17 29.62 -6.42
N SER B 600 -11.06 29.23 -5.15
CA SER B 600 -10.90 30.20 -4.07
C SER B 600 -9.51 30.81 -4.02
N SER B 601 -8.51 30.16 -4.61
CA SER B 601 -7.20 30.79 -4.75
C SER B 601 -7.26 31.99 -5.67
N VAL B 602 -8.27 32.06 -6.53
CA VAL B 602 -8.43 33.22 -7.41
C VAL B 602 -9.01 34.40 -6.65
N LYS B 603 -10.20 34.21 -6.08
CA LYS B 603 -10.81 35.22 -5.23
C LYS B 603 -10.39 34.96 -3.79
N GLU B 604 -9.74 35.95 -3.17
CA GLU B 604 -9.14 35.73 -1.86
C GLU B 604 -10.22 35.62 -0.79
N LYS B 605 -10.93 34.49 -0.80
CA LYS B 605 -12.02 34.24 0.13
C LYS B 605 -12.53 32.82 -0.05
N ASP B 606 -13.02 32.20 1.02
CA ASP B 606 -13.61 30.87 0.91
C ASP B 606 -14.90 30.95 0.11
N MET B 607 -15.05 30.03 -0.85
CA MET B 607 -16.12 30.12 -1.84
C MET B 607 -17.10 28.96 -1.73
N THR B 608 -17.07 28.24 -0.61
CA THR B 608 -17.89 27.03 -0.48
C THR B 608 -19.37 27.38 -0.38
N LYS B 609 -19.72 28.36 0.46
CA LYS B 609 -21.13 28.61 0.78
C LYS B 609 -21.89 29.02 -0.47
N GLU B 610 -21.33 29.94 -1.25
CA GLU B 610 -22.04 30.40 -2.44
C GLU B 610 -22.09 29.30 -3.51
N PHE B 611 -21.03 28.49 -3.61
CA PHE B 611 -21.09 27.34 -4.51
C PHE B 611 -22.26 26.43 -4.17
N PHE B 612 -22.45 26.12 -2.88
CA PHE B 612 -23.46 25.15 -2.50
C PHE B 612 -24.87 25.73 -2.40
N GLU B 613 -25.01 27.04 -2.18
CA GLU B 613 -26.33 27.66 -2.08
C GLU B 613 -26.77 28.38 -3.35
N ASN B 614 -25.96 29.31 -3.85
CA ASN B 614 -26.37 30.06 -5.03
C ASN B 614 -26.51 29.16 -6.26
N LYS B 615 -25.62 28.20 -6.42
CA LYS B 615 -25.69 27.24 -7.52
C LYS B 615 -25.61 27.94 -8.87
N SER B 616 -24.95 29.09 -8.92
CA SER B 616 -24.81 29.82 -10.17
C SER B 616 -23.88 29.08 -11.13
N GLU B 617 -22.69 28.71 -10.66
CA GLU B 617 -21.74 28.00 -11.50
C GLU B 617 -22.17 26.54 -11.65
N THR B 618 -21.96 25.99 -12.85
CA THR B 618 -22.31 24.62 -13.13
C THR B 618 -21.26 24.01 -14.03
N TRP B 619 -21.11 22.68 -13.94
CA TRP B 619 -20.14 21.94 -14.72
C TRP B 619 -20.83 20.97 -15.66
N PRO B 620 -20.28 20.70 -16.86
CA PRO B 620 -20.88 19.68 -17.73
C PRO B 620 -20.80 18.30 -17.09
N ILE B 621 -21.95 17.72 -16.75
CA ILE B 621 -21.98 16.46 -16.02
C ILE B 621 -22.89 15.46 -16.72
N GLY B 622 -23.12 15.66 -18.00
CA GLY B 622 -23.96 14.76 -18.76
C GLY B 622 -24.49 15.43 -20.02
N GLU B 623 -24.98 14.62 -20.94
CA GLU B 623 -25.49 15.08 -22.22
C GLU B 623 -26.91 14.56 -22.42
N SER B 624 -27.81 15.45 -22.81
CA SER B 624 -29.16 15.12 -23.20
C SER B 624 -29.32 15.27 -24.71
N PRO B 625 -30.32 14.61 -25.30
CA PRO B 625 -30.52 14.77 -26.75
C PRO B 625 -30.54 16.22 -27.21
N LYS B 626 -31.01 17.14 -26.37
CA LYS B 626 -30.92 18.56 -26.70
C LYS B 626 -29.47 19.02 -26.75
N GLY B 627 -28.63 18.53 -25.85
CA GLY B 627 -27.23 18.94 -25.83
C GLY B 627 -26.61 18.58 -24.49
N VAL B 628 -25.47 19.21 -24.21
CA VAL B 628 -24.74 18.98 -22.97
C VAL B 628 -25.48 19.68 -21.83
N GLU B 629 -25.66 18.97 -20.73
CA GLU B 629 -26.37 19.49 -19.57
C GLU B 629 -25.38 19.72 -18.43
N GLU B 630 -25.52 20.87 -17.77
CA GLU B 630 -24.67 21.24 -16.65
C GLU B 630 -25.48 21.22 -15.35
N GLY B 631 -24.81 20.82 -14.26
CA GLY B 631 -25.45 20.75 -12.97
C GLY B 631 -24.62 21.45 -11.91
N SER B 632 -25.27 21.71 -10.77
CA SER B 632 -24.62 22.41 -9.67
C SER B 632 -23.50 21.56 -9.10
N ILE B 633 -22.79 22.13 -8.12
CA ILE B 633 -21.64 21.44 -7.55
C ILE B 633 -22.07 20.17 -6.82
N GLY B 634 -23.24 20.21 -6.19
CA GLY B 634 -23.73 19.01 -5.51
C GLY B 634 -23.95 17.85 -6.46
N LYS B 635 -24.49 18.13 -7.64
CA LYS B 635 -24.67 17.07 -8.63
C LYS B 635 -23.32 16.52 -9.09
N VAL B 636 -22.31 17.38 -9.22
CA VAL B 636 -20.97 16.91 -9.54
C VAL B 636 -20.46 16.00 -8.43
N CYS B 637 -20.68 16.39 -7.17
CA CYS B 637 -20.29 15.55 -6.05
C CYS B 637 -20.90 14.17 -6.17
N ARG B 638 -22.22 14.12 -6.40
CA ARG B 638 -22.92 12.84 -6.48
C ARG B 638 -22.43 12.04 -7.67
N THR B 639 -22.19 12.69 -8.81
CA THR B 639 -21.72 11.99 -10.00
C THR B 639 -20.35 11.35 -9.77
N LEU B 640 -19.43 12.11 -9.17
CA LEU B 640 -18.10 11.56 -8.91
C LEU B 640 -18.18 10.44 -7.88
N LEU B 641 -19.03 10.59 -6.86
CA LEU B 641 -19.20 9.53 -5.88
C LEU B 641 -19.73 8.26 -6.53
N ALA B 642 -20.70 8.40 -7.43
CA ALA B 642 -21.24 7.23 -8.13
C ALA B 642 -20.17 6.61 -9.03
N LYS B 643 -19.36 7.43 -9.69
CA LYS B 643 -18.28 6.89 -10.52
C LYS B 643 -17.31 6.07 -9.69
N SER B 644 -16.92 6.60 -8.52
CA SER B 644 -16.00 5.86 -7.66
C SER B 644 -16.64 4.57 -7.14
N VAL B 645 -17.93 4.64 -6.79
CA VAL B 645 -18.61 3.45 -6.28
C VAL B 645 -18.65 2.37 -7.35
N PHE B 646 -18.98 2.76 -8.59
CA PHE B 646 -19.01 1.78 -9.68
C PHE B 646 -17.63 1.27 -10.01
N ASN B 647 -16.60 2.10 -9.88
CA ASN B 647 -15.23 1.62 -10.03
C ASN B 647 -14.93 0.54 -9.01
N SER B 648 -15.36 0.74 -7.77
CA SER B 648 -15.12 -0.25 -6.72
C SER B 648 -15.98 -1.49 -6.90
N LEU B 649 -17.15 -1.36 -7.55
CA LEU B 649 -18.04 -2.49 -7.71
C LEU B 649 -17.67 -3.34 -8.92
N TYR B 650 -17.43 -2.72 -10.06
CA TYR B 650 -17.10 -3.41 -11.29
C TYR B 650 -15.60 -3.41 -11.58
N ALA B 651 -14.77 -3.46 -10.53
CA ALA B 651 -13.33 -3.43 -10.72
C ALA B 651 -12.87 -4.67 -11.49
N SER B 652 -11.88 -4.46 -12.36
CA SER B 652 -11.34 -5.55 -13.16
C SER B 652 -10.07 -5.09 -13.88
N PRO B 653 -9.24 -6.02 -14.36
CA PRO B 653 -8.04 -5.59 -15.10
C PRO B 653 -8.36 -4.76 -16.32
N GLN B 654 -9.48 -5.06 -17.00
CA GLN B 654 -9.90 -4.25 -18.13
C GLN B 654 -10.03 -2.78 -17.72
N LEU B 655 -10.62 -2.54 -16.55
CA LEU B 655 -10.79 -1.15 -16.10
C LEU B 655 -9.45 -0.46 -15.94
N GLU B 656 -8.48 -1.13 -15.31
CA GLU B 656 -7.18 -0.50 -15.10
C GLU B 656 -6.50 -0.21 -16.44
N GLY B 657 -6.47 -1.20 -17.33
CA GLY B 657 -5.81 -0.99 -18.60
C GLY B 657 -6.45 0.12 -19.41
N PHE B 658 -7.79 0.11 -19.50
CA PHE B 658 -8.47 1.16 -20.23
C PHE B 658 -8.24 2.52 -19.58
N SER B 659 -8.27 2.58 -18.25
CA SER B 659 -8.06 3.84 -17.56
C SER B 659 -6.71 4.43 -17.92
N ALA B 660 -5.65 3.62 -17.85
CA ALA B 660 -4.32 4.14 -18.17
C ALA B 660 -4.22 4.57 -19.63
N GLU B 661 -4.59 3.68 -20.55
CA GLU B 661 -4.39 3.95 -21.96
C GLU B 661 -5.36 5.00 -22.50
N SER B 662 -6.42 5.31 -21.77
CA SER B 662 -7.32 6.39 -22.12
C SER B 662 -6.97 7.70 -21.44
N ARG B 663 -6.34 7.64 -20.26
CA ARG B 663 -5.77 8.84 -19.66
C ARG B 663 -4.66 9.39 -20.54
N LYS B 664 -3.88 8.52 -21.17
CA LYS B 664 -2.87 9.00 -22.11
C LYS B 664 -3.51 9.82 -23.22
N LEU B 665 -4.55 9.26 -23.87
CA LEU B 665 -5.21 9.96 -24.96
C LEU B 665 -5.93 11.21 -24.48
N LEU B 666 -6.47 11.17 -23.25
CA LEU B 666 -7.11 12.35 -22.69
C LEU B 666 -6.10 13.48 -22.50
N LEU B 667 -4.90 13.14 -22.02
CA LEU B 667 -3.86 14.16 -21.90
C LEU B 667 -3.48 14.71 -23.26
N ILE B 668 -3.37 13.85 -24.28
CA ILE B 668 -3.05 14.33 -25.61
C ILE B 668 -4.14 15.30 -26.11
N VAL B 669 -5.41 14.92 -25.91
CA VAL B 669 -6.52 15.77 -26.35
C VAL B 669 -6.52 17.08 -25.60
N GLN B 670 -6.23 17.04 -24.30
CA GLN B 670 -6.16 18.28 -23.52
C GLN B 670 -5.05 19.18 -24.03
N ALA B 671 -3.90 18.60 -24.37
CA ALA B 671 -2.82 19.40 -24.97
C ALA B 671 -3.28 20.02 -26.28
N LEU B 672 -4.03 19.27 -27.09
CA LEU B 672 -4.57 19.83 -28.32
C LEU B 672 -5.48 21.01 -28.04
N ARG B 673 -6.39 20.85 -27.08
CA ARG B 673 -7.34 21.91 -26.76
C ARG B 673 -6.65 23.12 -26.14
N ASP B 674 -5.45 22.96 -25.59
CA ASP B 674 -4.71 24.04 -24.99
C ASP B 674 -3.81 24.77 -25.98
N ASN B 675 -3.85 24.38 -27.26
CA ASN B 675 -3.03 25.00 -28.30
C ASN B 675 -1.54 24.83 -28.00
N LEU B 676 -1.15 23.57 -27.77
CA LEU B 676 0.24 23.24 -27.43
C LEU B 676 0.89 22.37 -28.50
N GLU B 677 0.35 22.38 -29.73
CA GLU B 677 0.90 21.66 -30.87
C GLU B 677 1.30 20.23 -30.49
N PRO B 678 0.34 19.43 -30.00
CA PRO B 678 0.68 18.06 -29.62
C PRO B 678 1.07 17.23 -30.83
N GLY B 679 1.90 16.23 -30.58
CA GLY B 679 2.33 15.33 -31.63
C GLY B 679 2.46 13.92 -31.09
N THR B 680 2.37 12.95 -32.00
CA THR B 680 2.43 11.55 -31.64
C THR B 680 3.38 10.83 -32.59
N PHE B 681 3.99 9.77 -32.08
CA PHE B 681 4.88 8.94 -32.89
C PHE B 681 4.15 7.74 -33.49
N ASP B 682 3.24 7.12 -32.74
CA ASP B 682 2.41 6.05 -33.28
C ASP B 682 1.06 6.11 -32.56
N LEU B 683 0.11 6.82 -33.15
CA LEU B 683 -1.21 6.94 -32.54
C LEU B 683 -2.03 5.66 -32.72
N GLY B 684 -1.84 4.98 -33.86
CA GLY B 684 -2.53 3.71 -34.06
C GLY B 684 -2.18 2.70 -32.99
N GLY B 685 -0.91 2.67 -32.57
CA GLY B 685 -0.53 1.78 -31.49
C GLY B 685 -1.25 2.09 -30.20
N LEU B 686 -1.36 3.38 -29.86
CA LEU B 686 -2.10 3.76 -28.66
C LEU B 686 -3.57 3.35 -28.78
N TYR B 687 -4.17 3.56 -29.93
CA TYR B 687 -5.56 3.17 -30.13
C TYR B 687 -5.74 1.67 -29.95
N GLU B 688 -4.84 0.88 -30.53
CA GLU B 688 -4.92 -0.57 -30.38
C GLU B 688 -4.71 -0.97 -28.93
N ALA B 689 -3.85 -0.26 -28.20
CA ALA B 689 -3.67 -0.54 -26.79
C ALA B 689 -4.93 -0.25 -25.99
N ILE B 690 -5.65 0.82 -26.33
CA ILE B 690 -6.90 1.13 -25.63
C ILE B 690 -7.97 0.10 -25.97
N GLU B 691 -8.09 -0.24 -27.25
CA GLU B 691 -9.20 -1.08 -27.69
C GLU B 691 -9.08 -2.53 -27.24
N GLU B 692 -7.89 -2.97 -26.83
CA GLU B 692 -7.74 -4.35 -26.37
C GLU B 692 -8.21 -4.55 -24.94
N CYS B 693 -8.46 -3.47 -24.20
CA CYS B 693 -8.97 -3.58 -22.83
C CYS B 693 -10.48 -3.74 -22.79
N LEU B 694 -11.18 -3.43 -23.86
CA LEU B 694 -12.64 -3.48 -23.90
C LEU B 694 -13.06 -4.86 -24.39
N ILE B 695 -13.50 -5.72 -23.47
CA ILE B 695 -13.86 -7.08 -23.84
C ILE B 695 -15.30 -7.39 -23.48
N ASN B 696 -15.62 -7.43 -22.19
CA ASN B 696 -16.98 -7.76 -21.77
C ASN B 696 -17.45 -7.03 -20.52
N ASP B 697 -16.66 -6.16 -19.93
CA ASP B 697 -17.09 -5.56 -18.67
C ASP B 697 -18.04 -4.40 -18.95
N PRO B 698 -19.26 -4.40 -18.39
CA PRO B 698 -20.18 -3.28 -18.67
C PRO B 698 -19.60 -1.93 -18.30
N TRP B 699 -18.88 -1.86 -17.17
CA TRP B 699 -18.40 -0.56 -16.69
C TRP B 699 -17.36 0.02 -17.63
N VAL B 700 -16.39 -0.79 -18.08
CA VAL B 700 -15.35 -0.27 -18.96
C VAL B 700 -15.94 0.10 -20.32
N LEU B 701 -16.91 -0.67 -20.81
CA LEU B 701 -17.55 -0.33 -22.07
C LEU B 701 -18.32 0.99 -21.95
N LEU B 702 -19.01 1.19 -20.82
CA LEU B 702 -19.69 2.46 -20.60
C LEU B 702 -18.68 3.61 -20.53
N ASN B 703 -17.54 3.38 -19.89
CA ASN B 703 -16.51 4.40 -19.85
C ASN B 703 -15.99 4.72 -21.25
N ALA B 704 -15.82 3.70 -22.08
CA ALA B 704 -15.38 3.93 -23.46
C ALA B 704 -16.41 4.72 -24.25
N SER B 705 -17.69 4.40 -24.06
CA SER B 705 -18.74 5.17 -24.72
C SER B 705 -18.73 6.62 -24.25
N TRP B 706 -18.53 6.83 -22.95
CA TRP B 706 -18.40 8.19 -22.43
C TRP B 706 -17.22 8.91 -23.05
N PHE B 707 -16.09 8.20 -23.21
CA PHE B 707 -14.91 8.81 -23.82
C PHE B 707 -15.17 9.20 -25.27
N ASN B 708 -15.87 8.33 -26.02
CA ASN B 708 -16.23 8.68 -27.39
C ASN B 708 -17.13 9.90 -27.43
N SER B 709 -18.11 9.96 -26.53
CA SER B 709 -18.98 11.14 -26.47
C SER B 709 -18.19 12.40 -26.14
N PHE B 710 -17.24 12.28 -25.22
CA PHE B 710 -16.41 13.43 -24.85
C PHE B 710 -15.56 13.90 -26.03
N LEU B 711 -15.00 12.96 -26.78
CA LEU B 711 -14.26 13.33 -27.99
C LEU B 711 -15.17 14.04 -28.99
N THR B 712 -16.39 13.51 -29.18
CA THR B 712 -17.31 14.13 -30.13
C THR B 712 -17.66 15.55 -29.70
N HIS B 713 -17.94 15.74 -28.41
CA HIS B 713 -18.27 17.08 -27.92
C HIS B 713 -17.04 17.97 -27.88
N ALA B 714 -15.88 17.42 -27.54
CA ALA B 714 -14.63 18.15 -27.61
C ALA B 714 -14.20 18.23 -29.07
N LEU B 715 -13.00 18.76 -29.32
CA LEU B 715 -12.48 18.89 -30.68
C LEU B 715 -13.40 19.76 -31.54
N ARG B 716 -13.66 20.96 -31.03
CA ARG B 716 -14.53 21.91 -31.71
C ARG B 716 -14.02 23.34 -31.54
N MET C 1 -31.99 12.90 -19.26
CA MET C 1 -30.55 13.28 -19.25
C MET C 1 -29.69 12.12 -18.76
N ASP C 2 -28.61 11.85 -19.47
CA ASP C 2 -27.68 10.78 -19.11
C ASP C 2 -26.43 11.39 -18.49
N VAL C 3 -26.07 10.91 -17.31
CA VAL C 3 -24.92 11.43 -16.58
C VAL C 3 -23.65 10.86 -17.19
N ASN C 4 -22.64 11.71 -17.34
CA ASN C 4 -21.36 11.31 -17.90
C ASN C 4 -20.23 12.09 -17.24
N PRO C 5 -19.50 11.48 -16.30
CA PRO C 5 -18.43 12.23 -15.61
C PRO C 5 -17.35 12.73 -16.54
N THR C 6 -17.03 12.00 -17.61
CA THR C 6 -15.93 12.39 -18.48
C THR C 6 -16.15 13.77 -19.08
N LEU C 7 -17.40 14.15 -19.34
CA LEU C 7 -17.68 15.47 -19.89
C LEU C 7 -17.21 16.57 -18.97
N LEU C 8 -16.98 16.25 -17.69
CA LEU C 8 -16.44 17.25 -16.77
C LEU C 8 -15.11 17.80 -17.26
N PHE C 9 -14.38 17.06 -18.07
CA PHE C 9 -13.10 17.53 -18.59
C PHE C 9 -13.27 18.66 -19.62
N LEU C 10 -14.49 18.91 -20.10
CA LEU C 10 -14.71 20.00 -21.02
C LEU C 10 -14.62 21.37 -20.35
N LYS C 11 -14.73 21.42 -19.03
CA LYS C 11 -14.59 22.66 -18.27
C LYS C 11 -13.39 22.66 -17.35
N VAL C 12 -13.09 21.54 -16.71
CA VAL C 12 -11.92 21.39 -15.85
C VAL C 12 -10.81 20.76 -16.69
N PRO C 13 -9.62 21.39 -16.79
CA PRO C 13 -8.53 20.76 -17.55
C PRO C 13 -8.25 19.34 -17.09
N ALA C 14 -7.64 18.53 -17.96
CA ALA C 14 -7.47 17.12 -17.67
C ALA C 14 -6.63 16.91 -16.41
N GLN C 15 -5.54 17.66 -16.26
CA GLN C 15 -4.65 17.46 -15.13
C GLN C 15 -5.26 17.96 -13.83
N ASN C 16 -6.10 18.99 -13.88
CA ASN C 16 -6.75 19.49 -12.66
C ASN C 16 -7.78 18.53 -12.11
N ALA C 17 -8.20 17.53 -12.89
CA ALA C 17 -9.13 16.52 -12.42
C ALA C 17 -8.66 15.12 -12.79
N ILE C 18 -7.35 14.93 -12.89
CA ILE C 18 -6.81 13.64 -13.29
C ILE C 18 -7.10 12.57 -12.26
N SER C 19 -7.35 12.95 -11.01
CA SER C 19 -7.64 11.95 -9.98
C SER C 19 -8.85 11.11 -10.35
N THR C 20 -9.79 11.68 -11.10
CA THR C 20 -10.98 10.93 -11.52
C THR C 20 -10.64 9.78 -12.44
N THR C 21 -9.48 9.81 -13.10
CA THR C 21 -9.10 8.79 -14.07
C THR C 21 -8.26 7.68 -13.44
N PHE C 22 -8.29 7.53 -12.11
CA PHE C 22 -7.50 6.52 -11.41
C PHE C 22 -8.46 5.64 -10.61
N PRO C 23 -8.88 4.49 -11.17
CA PRO C 23 -9.81 3.61 -10.45
C PRO C 23 -9.12 2.80 -9.36
N TYR C 24 -8.59 3.49 -8.36
CA TYR C 24 -7.85 2.87 -7.27
C TYR C 24 -8.73 2.63 -6.04
N THR C 25 -10.04 2.47 -6.25
CA THR C 25 -10.95 2.14 -5.17
C THR C 25 -11.44 0.69 -5.24
N GLY C 26 -10.98 -0.09 -6.21
CA GLY C 26 -11.37 -1.46 -6.36
C GLY C 26 -10.17 -2.39 -6.21
N ASP C 27 -10.46 -3.68 -6.23
CA ASP C 27 -9.41 -4.68 -6.06
C ASP C 27 -8.46 -4.63 -7.25
N PRO C 28 -7.15 -4.53 -7.03
CA PRO C 28 -6.22 -4.54 -8.16
C PRO C 28 -6.10 -5.93 -8.76
N PRO C 29 -5.68 -6.04 -10.02
CA PRO C 29 -5.57 -7.36 -10.64
C PRO C 29 -4.54 -8.23 -9.94
N TYR C 30 -4.83 -9.52 -9.84
CA TYR C 30 -3.93 -10.51 -9.27
C TYR C 30 -3.76 -11.67 -10.22
N SER C 31 -2.58 -12.28 -10.20
CA SER C 31 -2.36 -13.54 -10.88
C SER C 31 -2.86 -14.69 -10.01
N HIS C 32 -3.35 -15.74 -10.67
CA HIS C 32 -3.98 -16.86 -9.97
C HIS C 32 -3.12 -18.10 -9.93
N GLY C 33 -2.43 -18.44 -11.01
CA GLY C 33 -1.68 -19.69 -11.08
C GLY C 33 -0.21 -19.51 -11.38
N THR C 34 0.32 -20.38 -12.23
CA THR C 34 1.74 -20.40 -12.52
C THR C 34 2.16 -19.16 -13.30
N GLY C 35 3.43 -18.79 -13.14
CA GLY C 35 4.03 -17.73 -13.92
C GLY C 35 4.99 -18.28 -14.96
N THR C 36 4.92 -19.59 -15.21
CA THR C 36 5.84 -20.22 -16.15
C THR C 36 5.61 -19.68 -17.56
N GLY C 37 4.35 -19.51 -17.96
CA GLY C 37 4.08 -18.98 -19.29
C GLY C 37 4.71 -17.62 -19.51
N TYR C 38 4.57 -16.73 -18.53
CA TYR C 38 5.17 -15.41 -18.64
C TYR C 38 6.69 -15.49 -18.69
N THR C 39 7.28 -16.37 -17.88
CA THR C 39 8.74 -16.51 -17.89
C THR C 39 9.22 -16.98 -19.26
N MET C 40 8.57 -17.99 -19.82
CA MET C 40 8.96 -18.48 -21.14
C MET C 40 8.78 -17.40 -22.19
N ASP C 41 7.66 -16.66 -22.13
CA ASP C 41 7.43 -15.60 -23.11
C ASP C 41 8.50 -14.53 -23.00
N THR C 42 8.87 -14.15 -21.79
CA THR C 42 9.91 -13.13 -21.60
C THR C 42 11.25 -13.62 -22.13
N VAL C 43 11.60 -14.88 -21.86
CA VAL C 43 12.87 -15.41 -22.35
C VAL C 43 12.89 -15.40 -23.88
N ASN C 44 11.82 -15.89 -24.50
CA ASN C 44 11.78 -15.93 -25.96
C ASN C 44 11.82 -14.51 -26.54
N ARG C 45 11.09 -13.58 -25.94
CA ARG C 45 11.08 -12.22 -26.44
C ARG C 45 12.46 -11.57 -26.31
N THR C 46 13.13 -11.79 -25.19
CA THR C 46 14.49 -11.25 -25.02
C THR C 46 15.45 -11.85 -26.03
N HIS C 47 15.29 -13.14 -26.34
CA HIS C 47 16.20 -13.79 -27.28
C HIS C 47 15.91 -13.42 -28.73
N GLN C 48 14.67 -13.06 -29.06
CA GLN C 48 14.34 -12.75 -30.45
C GLN C 48 14.51 -11.27 -30.79
N TYR C 49 14.57 -10.40 -29.77
CA TYR C 49 14.98 -9.02 -30.02
C TYR C 49 16.46 -8.91 -30.34
N SER C 50 17.23 -9.98 -30.14
CA SER C 50 18.67 -10.00 -30.41
C SER C 50 19.02 -11.17 -31.31
N GLU C 51 18.07 -11.58 -32.17
CA GLU C 51 18.26 -12.78 -32.96
C GLU C 51 19.48 -12.69 -33.88
N LYS C 52 19.80 -11.50 -34.36
CA LYS C 52 20.87 -11.32 -35.34
C LYS C 52 22.26 -11.31 -34.70
N GLY C 53 22.36 -11.58 -33.40
CA GLY C 53 23.65 -11.67 -32.76
C GLY C 53 24.40 -12.92 -33.17
N ARG C 54 25.34 -13.38 -32.35
CA ARG C 54 26.10 -14.59 -32.63
C ARG C 54 25.94 -15.57 -31.47
N TRP C 55 25.83 -16.85 -31.80
CA TRP C 55 25.60 -17.89 -30.82
C TRP C 55 26.91 -18.54 -30.39
N THR C 56 26.96 -18.93 -29.12
CA THR C 56 28.10 -19.66 -28.58
C THR C 56 27.58 -20.61 -27.52
N THR C 57 28.46 -21.52 -27.09
CA THR C 57 28.13 -22.47 -26.03
C THR C 57 29.18 -22.33 -24.93
N ASN C 58 28.73 -21.96 -23.73
CA ASN C 58 29.67 -21.79 -22.62
C ASN C 58 30.33 -23.12 -22.29
N THR C 59 31.66 -23.08 -22.13
CA THR C 59 32.41 -24.29 -21.83
C THR C 59 32.22 -24.76 -20.39
N GLU C 60 31.78 -23.88 -19.50
CA GLU C 60 31.57 -24.25 -18.10
C GLU C 60 30.14 -24.73 -17.86
N THR C 61 29.14 -23.90 -18.19
CA THR C 61 27.75 -24.28 -17.98
C THR C 61 27.16 -25.07 -19.14
N GLY C 62 27.82 -25.08 -20.30
CA GLY C 62 27.30 -25.82 -21.43
C GLY C 62 26.00 -25.29 -21.99
N ALA C 63 25.64 -24.05 -21.66
CA ALA C 63 24.38 -23.49 -22.11
C ALA C 63 24.60 -22.60 -23.34
N PRO C 64 23.62 -22.52 -24.25
CA PRO C 64 23.76 -21.64 -25.40
C PRO C 64 23.52 -20.18 -25.00
N GLN C 65 24.43 -19.31 -25.44
CA GLN C 65 24.36 -17.89 -25.14
C GLN C 65 24.42 -17.09 -26.43
N LEU C 66 23.70 -15.98 -26.46
CA LEU C 66 23.57 -15.14 -27.64
C LEU C 66 24.19 -13.77 -27.34
N ASN C 67 25.19 -13.39 -28.14
CA ASN C 67 25.86 -12.12 -27.97
C ASN C 67 25.50 -11.19 -29.13
N PRO C 68 24.69 -10.15 -28.90
CA PRO C 68 24.34 -9.25 -30.01
C PRO C 68 25.22 -8.02 -30.09
N ILE C 69 26.08 -7.83 -29.08
CA ILE C 69 26.88 -6.61 -29.02
C ILE C 69 27.69 -6.48 -30.30
N ASP C 70 27.80 -5.24 -30.79
CA ASP C 70 28.48 -4.95 -32.05
C ASP C 70 27.85 -5.67 -33.23
N GLY C 71 26.56 -6.05 -33.10
CA GLY C 71 25.87 -6.70 -34.17
C GLY C 71 25.43 -5.71 -35.23
N PRO C 72 24.73 -6.21 -36.25
CA PRO C 72 24.28 -5.33 -37.33
C PRO C 72 23.38 -4.22 -36.80
N LEU C 73 23.55 -3.03 -37.36
CA LEU C 73 22.76 -1.89 -36.95
C LEU C 73 21.29 -2.12 -37.31
N PRO C 74 20.35 -1.68 -36.47
CA PRO C 74 18.94 -1.90 -36.78
C PRO C 74 18.52 -1.14 -38.03
N GLU C 75 17.61 -1.74 -38.79
CA GLU C 75 17.06 -1.12 -39.99
C GLU C 75 15.56 -0.87 -39.86
N ASP C 76 15.00 -1.04 -38.68
CA ASP C 76 13.58 -0.80 -38.43
C ASP C 76 13.42 -0.24 -37.02
N ASN C 77 12.22 0.27 -36.73
CA ASN C 77 11.93 0.89 -35.45
C ASN C 77 11.52 -0.11 -34.38
N GLU C 78 11.59 -1.41 -34.68
CA GLU C 78 11.26 -2.42 -33.69
C GLU C 78 12.35 -2.46 -32.61
N PRO C 79 12.03 -2.98 -31.43
CA PRO C 79 13.03 -3.05 -30.36
C PRO C 79 14.23 -3.86 -30.79
N SER C 80 15.42 -3.40 -30.37
CA SER C 80 16.67 -4.04 -30.76
C SER C 80 17.65 -3.95 -29.60
N GLY C 81 18.36 -5.05 -29.35
CA GLY C 81 19.35 -5.08 -28.29
C GLY C 81 20.78 -5.08 -28.81
N TYR C 82 20.97 -4.59 -30.04
CA TYR C 82 22.29 -4.59 -30.68
C TYR C 82 23.03 -3.31 -30.30
N ALA C 83 23.46 -3.26 -29.05
CA ALA C 83 24.26 -2.14 -28.56
C ALA C 83 25.68 -2.24 -29.09
N GLN C 84 26.29 -1.08 -29.35
CA GLN C 84 27.63 -1.02 -29.91
C GLN C 84 28.60 -0.62 -28.81
N THR C 85 29.65 -1.41 -28.63
CA THR C 85 30.59 -1.18 -27.53
C THR C 85 31.24 0.18 -27.64
N ASP C 86 31.72 0.54 -28.84
CA ASP C 86 32.44 1.80 -29.01
C ASP C 86 31.53 2.98 -28.71
N CYS C 87 30.27 2.93 -29.17
CA CYS C 87 29.36 4.03 -28.93
C CYS C 87 29.12 4.26 -27.44
N VAL C 88 28.90 3.18 -26.70
CA VAL C 88 28.62 3.31 -25.27
C VAL C 88 29.87 3.76 -24.52
N LEU C 89 31.05 3.25 -24.91
CA LEU C 89 32.28 3.73 -24.30
C LEU C 89 32.46 5.22 -24.55
N GLU C 90 32.16 5.68 -25.77
CA GLU C 90 32.26 7.10 -26.07
C GLU C 90 31.25 7.90 -25.26
N ALA C 91 30.03 7.39 -25.08
CA ALA C 91 29.04 8.07 -24.28
C ALA C 91 29.52 8.21 -22.83
N MET C 92 30.08 7.14 -22.27
CA MET C 92 30.62 7.21 -20.92
C MET C 92 31.79 8.19 -20.84
N ALA C 93 32.63 8.22 -21.88
CA ALA C 93 33.75 9.16 -21.90
C ALA C 93 33.25 10.60 -21.91
N PHE C 94 32.22 10.90 -22.70
CA PHE C 94 31.65 12.24 -22.70
C PHE C 94 31.00 12.56 -21.36
N LEU C 95 30.35 11.57 -20.75
CA LEU C 95 29.80 11.78 -19.41
C LEU C 95 30.90 12.16 -18.43
N GLU C 96 32.04 11.47 -18.50
CA GLU C 96 33.16 11.81 -17.63
C GLU C 96 33.68 13.21 -17.93
N GLU C 97 33.80 13.55 -19.22
CA GLU C 97 34.35 14.85 -19.59
C GLU C 97 33.45 15.98 -19.07
N SER C 98 32.14 15.83 -19.21
CA SER C 98 31.22 16.85 -18.71
C SER C 98 31.19 16.90 -17.19
N HIS C 99 31.59 15.81 -16.51
CA HIS C 99 31.62 15.76 -15.05
C HIS C 99 32.96 15.17 -14.63
N PRO C 100 34.04 15.94 -14.76
CA PRO C 100 35.36 15.40 -14.39
C PRO C 100 35.43 14.98 -12.94
N GLY C 101 36.16 13.89 -12.70
CA GLY C 101 36.35 13.38 -11.35
C GLY C 101 35.20 12.57 -10.81
N ILE C 102 34.15 12.34 -11.59
CA ILE C 102 32.99 11.59 -11.10
C ILE C 102 33.37 10.15 -10.83
N PHE C 103 33.96 9.48 -11.82
CA PHE C 103 34.24 8.05 -11.69
C PHE C 103 35.29 7.79 -10.62
N GLU C 104 36.37 8.59 -10.60
CA GLU C 104 37.42 8.35 -9.63
C GLU C 104 36.91 8.50 -8.21
N ASN C 105 36.18 9.58 -7.93
CA ASN C 105 35.63 9.76 -6.60
C ASN C 105 34.70 8.62 -6.25
N SER C 106 33.70 8.37 -7.09
CA SER C 106 32.71 7.34 -6.78
C SER C 106 33.40 6.01 -6.51
N CYS C 107 34.44 5.68 -7.28
CA CYS C 107 35.19 4.47 -7.04
C CYS C 107 35.90 4.52 -5.69
N LEU C 108 36.39 5.69 -5.29
CA LEU C 108 37.05 5.78 -3.99
C LEU C 108 36.09 5.47 -2.85
N GLU C 109 34.92 6.12 -2.83
CA GLU C 109 33.96 5.81 -1.76
C GLU C 109 33.49 4.36 -1.85
N THR C 110 33.29 3.85 -3.06
CA THR C 110 32.86 2.45 -3.20
C THR C 110 33.94 1.50 -2.67
N MET C 111 35.20 1.82 -2.91
CA MET C 111 36.29 1.00 -2.39
C MET C 111 36.31 1.01 -0.88
N GLU C 112 36.12 2.19 -0.29
CA GLU C 112 36.02 2.27 1.17
C GLU C 112 34.91 1.37 1.68
N VAL C 113 33.72 1.49 1.09
CA VAL C 113 32.57 0.72 1.57
C VAL C 113 32.80 -0.77 1.40
N VAL C 114 33.33 -1.18 0.24
CA VAL C 114 33.53 -2.61 -0.02
C VAL C 114 34.53 -3.19 0.98
N GLN C 115 35.61 -2.46 1.26
CA GLN C 115 36.61 -3.02 2.16
C GLN C 115 36.24 -2.85 3.63
N GLN C 116 35.19 -2.10 3.96
CA GLN C 116 34.70 -2.05 5.34
C GLN C 116 33.31 -2.66 5.51
N THR C 117 32.70 -3.15 4.43
CA THR C 117 31.37 -3.75 4.55
C THR C 117 31.45 -5.09 5.28
N ARG C 118 30.34 -5.47 5.91
CA ARG C 118 30.22 -6.70 6.68
C ARG C 118 29.27 -7.66 5.97
N VAL C 119 29.28 -8.91 6.43
CA VAL C 119 28.41 -9.93 5.85
C VAL C 119 26.96 -9.66 6.22
N ASP C 120 26.70 -9.21 7.43
CA ASP C 120 25.33 -9.06 7.92
C ASP C 120 24.51 -8.12 7.05
N LYS C 121 25.16 -7.25 6.27
CA LYS C 121 24.43 -6.36 5.38
C LYS C 121 23.58 -7.12 4.39
N LEU C 122 23.92 -8.38 4.09
CA LEU C 122 23.12 -9.17 3.18
C LEU C 122 21.81 -9.64 3.79
N THR C 123 21.70 -9.63 5.12
CA THR C 123 20.45 -10.05 5.76
C THR C 123 19.36 -9.00 5.58
N GLN C 124 19.73 -7.75 5.33
CA GLN C 124 18.77 -6.66 5.15
C GLN C 124 18.22 -6.67 3.73
N GLY C 125 17.53 -7.76 3.38
CA GLY C 125 16.95 -7.90 2.07
C GLY C 125 15.73 -8.79 2.13
N ARG C 126 14.86 -8.63 1.12
CA ARG C 126 13.64 -9.41 1.04
C ARG C 126 13.93 -10.77 0.41
N GLN C 127 12.88 -11.49 0.02
CA GLN C 127 13.03 -12.87 -0.44
C GLN C 127 14.19 -13.03 -1.40
N THR C 128 14.96 -14.09 -1.21
CA THR C 128 16.06 -14.45 -2.10
C THR C 128 15.98 -15.93 -2.41
N TYR C 129 16.49 -16.32 -3.58
CA TYR C 129 16.40 -17.70 -4.04
C TYR C 129 17.51 -18.52 -3.39
N ASP C 130 17.16 -19.29 -2.36
CA ASP C 130 18.09 -20.22 -1.76
C ASP C 130 18.25 -21.43 -2.68
N TRP C 131 19.50 -21.70 -3.07
CA TRP C 131 19.80 -22.86 -3.90
C TRP C 131 19.97 -24.14 -3.10
N THR C 132 20.18 -24.03 -1.79
CA THR C 132 20.26 -25.23 -0.96
C THR C 132 18.95 -26.00 -0.98
N LEU C 133 17.83 -25.29 -1.12
CA LEU C 133 16.52 -25.91 -1.20
C LEU C 133 15.81 -25.64 -2.51
N ASN C 134 16.40 -24.85 -3.40
CA ASN C 134 15.80 -24.51 -4.69
C ASN C 134 14.44 -23.82 -4.48
N ARG C 135 14.44 -22.78 -3.65
CA ARG C 135 13.18 -22.08 -3.39
C ARG C 135 13.48 -20.72 -2.78
N ASN C 136 12.49 -19.84 -2.84
CA ASN C 136 12.63 -18.51 -2.26
C ASN C 136 12.45 -18.58 -0.75
N GLN C 137 13.38 -17.94 -0.04
CA GLN C 137 13.35 -17.89 1.42
C GLN C 137 13.85 -16.53 1.85
N PRO C 138 13.59 -16.14 3.10
CA PRO C 138 14.08 -14.84 3.58
C PRO C 138 15.60 -14.74 3.45
N ALA C 139 16.07 -13.53 3.22
CA ALA C 139 17.50 -13.33 2.94
C ALA C 139 18.36 -13.92 4.05
N ALA C 140 18.00 -13.68 5.30
CA ALA C 140 18.80 -14.19 6.41
C ALA C 140 18.85 -15.72 6.39
N THR C 141 17.72 -16.37 6.14
CA THR C 141 17.69 -17.83 6.14
C THR C 141 18.57 -18.38 5.02
N ALA C 142 18.46 -17.82 3.82
CA ALA C 142 19.28 -18.29 2.70
C ALA C 142 20.76 -18.06 2.98
N LEU C 143 21.10 -16.89 3.52
CA LEU C 143 22.51 -16.62 3.84
C LEU C 143 23.03 -17.62 4.86
N ALA C 144 22.24 -17.90 5.90
CA ALA C 144 22.67 -18.87 6.91
C ALA C 144 22.87 -20.25 6.31
N ASN C 145 21.93 -20.69 5.46
CA ASN C 145 22.06 -22.01 4.85
C ASN C 145 23.30 -22.09 3.97
N THR C 146 23.55 -21.05 3.15
CA THR C 146 24.72 -21.07 2.30
C THR C 146 26.00 -21.06 3.12
N ILE C 147 26.04 -20.27 4.20
CA ILE C 147 27.23 -20.26 5.06
C ILE C 147 27.45 -21.63 5.67
N GLU C 148 26.38 -22.28 6.13
CA GLU C 148 26.51 -23.60 6.72
C GLU C 148 27.06 -24.59 5.70
N VAL C 149 26.53 -24.55 4.47
CA VAL C 149 27.01 -25.47 3.44
C VAL C 149 28.47 -25.21 3.12
N PHE C 150 28.85 -23.94 3.00
CA PHE C 150 30.25 -23.60 2.72
C PHE C 150 31.16 -24.11 3.82
N ARG C 151 30.79 -23.88 5.08
CA ARG C 151 31.61 -24.34 6.19
C ARG C 151 31.69 -25.86 6.20
N SER C 152 30.61 -26.55 5.88
CA SER C 152 30.65 -28.01 5.79
C SER C 152 31.54 -28.48 4.65
N ASN C 153 31.66 -27.71 3.57
CA ASN C 153 32.48 -28.09 2.43
C ASN C 153 33.94 -27.67 2.59
N GLY C 154 34.26 -26.82 3.56
CA GLY C 154 35.64 -26.39 3.79
C GLY C 154 35.92 -24.94 3.46
N LEU C 155 34.92 -24.15 3.08
CA LEU C 155 35.12 -22.73 2.77
C LEU C 155 34.71 -21.92 3.99
N THR C 156 35.71 -21.55 4.79
CA THR C 156 35.47 -20.91 6.08
C THR C 156 36.13 -19.53 6.15
N ALA C 157 36.46 -18.93 5.01
CA ALA C 157 37.01 -17.58 5.02
C ALA C 157 35.96 -16.57 5.48
N ASN C 158 34.68 -16.86 5.26
CA ASN C 158 33.62 -15.95 5.68
C ASN C 158 33.60 -15.79 7.19
N GLU C 159 34.27 -16.67 7.93
CA GLU C 159 34.39 -16.50 9.37
C GLU C 159 35.11 -15.22 9.73
N SER C 160 35.84 -14.63 8.78
CA SER C 160 36.44 -13.31 9.02
C SER C 160 35.39 -12.24 9.21
N GLY C 161 34.13 -12.50 8.87
CA GLY C 161 33.07 -11.54 9.09
C GLY C 161 33.04 -10.41 8.08
N ARG C 162 33.71 -10.59 6.93
CA ARG C 162 33.78 -9.57 5.91
C ARG C 162 33.06 -10.05 4.65
N LEU C 163 32.27 -9.15 4.06
CA LEU C 163 31.56 -9.51 2.84
C LEU C 163 32.53 -9.82 1.70
N ILE C 164 33.65 -9.12 1.64
CA ILE C 164 34.65 -9.40 0.60
C ILE C 164 35.18 -10.83 0.77
N ASP C 165 35.42 -11.25 2.01
CA ASP C 165 35.85 -12.63 2.24
C ASP C 165 34.75 -13.63 1.88
N PHE C 166 33.49 -13.28 2.14
CA PHE C 166 32.40 -14.16 1.73
C PHE C 166 32.37 -14.32 0.22
N LEU C 167 32.59 -13.23 -0.52
CA LEU C 167 32.65 -13.33 -1.98
C LEU C 167 33.86 -14.12 -2.44
N LYS C 168 34.99 -13.98 -1.73
CA LYS C 168 36.16 -14.80 -2.06
C LYS C 168 35.83 -16.28 -1.92
N ASP C 169 35.16 -16.64 -0.82
CA ASP C 169 34.73 -18.03 -0.65
C ASP C 169 33.75 -18.45 -1.73
N VAL C 170 32.83 -17.56 -2.10
CA VAL C 170 31.86 -17.87 -3.14
C VAL C 170 32.57 -18.21 -4.45
N MET C 171 33.53 -17.38 -4.85
CA MET C 171 34.27 -17.65 -6.08
C MET C 171 35.09 -18.92 -5.95
N GLU C 172 35.73 -19.14 -4.81
CA GLU C 172 36.49 -20.37 -4.63
C GLU C 172 35.60 -21.60 -4.75
N SER C 173 34.34 -21.49 -4.34
CA SER C 173 33.41 -22.61 -4.48
C SER C 173 33.19 -22.99 -5.94
N MET C 174 33.39 -22.03 -6.85
CA MET C 174 33.17 -22.31 -8.28
C MET C 174 34.17 -23.32 -8.83
N ASP C 175 35.33 -23.46 -8.19
CA ASP C 175 36.39 -24.33 -8.68
C ASP C 175 36.47 -25.66 -7.92
N LYS C 176 35.39 -26.05 -7.24
CA LYS C 176 35.38 -27.28 -6.45
C LYS C 176 34.80 -28.41 -7.29
N GLU C 177 35.34 -29.61 -7.09
CA GLU C 177 34.91 -30.76 -7.87
C GLU C 177 33.55 -31.29 -7.41
N GLU C 178 33.26 -31.22 -6.12
CA GLU C 178 32.05 -31.85 -5.59
C GLU C 178 31.68 -31.16 -4.29
N MET C 179 30.51 -30.52 -4.26
CA MET C 179 29.96 -29.97 -3.03
C MET C 179 28.86 -30.88 -2.50
N GLU C 180 28.44 -30.62 -1.26
CA GLU C 180 27.42 -31.43 -0.61
C GLU C 180 26.33 -30.53 -0.04
N ILE C 181 25.08 -30.95 -0.22
CA ILE C 181 23.92 -30.22 0.28
C ILE C 181 23.06 -31.19 1.09
N THR C 182 22.13 -30.62 1.85
CA THR C 182 21.24 -31.36 2.72
C THR C 182 19.80 -31.22 2.22
N THR C 183 19.05 -32.32 2.26
CA THR C 183 17.64 -32.30 1.88
C THR C 183 16.83 -33.12 2.87
N HIS C 184 15.64 -32.62 3.19
CA HIS C 184 14.72 -33.31 4.09
C HIS C 184 13.50 -33.81 3.33
N PHE C 185 13.03 -34.99 3.69
CA PHE C 185 11.87 -35.59 3.06
C PHE C 185 11.11 -36.48 4.04
N LYS C 207 17.51 -36.81 7.27
CA LYS C 207 18.06 -35.92 6.26
C LYS C 207 19.01 -36.68 5.34
N LYS C 208 19.07 -36.28 4.07
CA LYS C 208 19.88 -36.93 3.05
C LYS C 208 20.95 -35.95 2.57
N LYS C 209 22.19 -36.44 2.49
CA LYS C 209 23.30 -35.67 1.95
C LYS C 209 23.44 -35.99 0.47
N GLN C 210 23.35 -34.97 -0.37
CA GLN C 210 23.44 -35.13 -1.81
C GLN C 210 24.67 -34.40 -2.33
N ARG C 211 25.29 -34.95 -3.37
CA ARG C 211 26.51 -34.40 -3.94
C ARG C 211 26.20 -33.71 -5.25
N LEU C 212 26.69 -32.47 -5.37
CA LEU C 212 26.53 -31.65 -6.57
C LEU C 212 27.89 -31.52 -7.25
N ASN C 213 27.95 -31.87 -8.54
CA ASN C 213 29.17 -31.75 -9.30
C ASN C 213 29.42 -30.29 -9.64
N LYS C 214 30.48 -30.04 -10.41
CA LYS C 214 30.87 -28.67 -10.72
C LYS C 214 29.79 -27.96 -11.53
N ARG C 215 29.36 -28.56 -12.64
CA ARG C 215 28.42 -27.89 -13.54
C ARG C 215 27.08 -27.65 -12.86
N SER C 216 26.59 -28.63 -12.11
CA SER C 216 25.30 -28.46 -11.44
C SER C 216 25.34 -27.31 -10.45
N TYR C 217 26.42 -27.23 -9.67
CA TYR C 217 26.55 -26.12 -8.73
C TYR C 217 26.71 -24.79 -9.45
N LEU C 218 27.44 -24.77 -10.57
CA LEU C 218 27.55 -23.53 -11.35
C LEU C 218 26.18 -23.04 -11.77
N ILE C 219 25.36 -23.96 -12.32
CA ILE C 219 24.02 -23.56 -12.76
C ILE C 219 23.14 -23.17 -11.60
N ARG C 220 23.28 -23.83 -10.45
CA ARG C 220 22.49 -23.47 -9.27
C ARG C 220 22.90 -22.11 -8.71
N ALA C 221 24.16 -21.72 -8.89
CA ALA C 221 24.60 -20.41 -8.43
C ALA C 221 24.33 -19.30 -9.44
N LEU C 222 24.17 -19.65 -10.72
CA LEU C 222 23.90 -18.67 -11.76
C LEU C 222 22.42 -18.54 -12.11
N THR C 223 21.54 -19.21 -11.38
CA THR C 223 20.13 -19.27 -11.76
C THR C 223 19.32 -18.23 -11.00
N LEU C 224 18.15 -17.91 -11.55
CA LEU C 224 17.20 -16.97 -10.97
C LEU C 224 15.86 -17.65 -10.80
N ASN C 225 15.10 -17.23 -9.80
CA ASN C 225 13.76 -17.76 -9.56
C ASN C 225 12.72 -16.76 -10.08
N THR C 226 11.77 -17.27 -10.86
CA THR C 226 10.79 -16.43 -11.53
C THR C 226 9.43 -16.57 -10.86
N MET C 227 8.77 -15.44 -10.63
CA MET C 227 7.43 -15.39 -10.05
C MET C 227 6.59 -14.42 -10.84
N THR C 228 5.30 -14.37 -10.51
CA THR C 228 4.36 -13.46 -11.15
C THR C 228 4.08 -12.29 -10.22
N LYS C 229 4.12 -11.07 -10.76
CA LYS C 229 3.92 -9.87 -9.97
C LYS C 229 2.43 -9.61 -9.80
N ASP C 230 1.99 -9.52 -8.56
CA ASP C 230 0.59 -9.23 -8.23
C ASP C 230 0.45 -7.80 -7.72
N ALA C 231 -0.80 -7.36 -7.63
CA ALA C 231 -1.12 -6.01 -7.16
C ALA C 231 -0.45 -4.96 -8.04
N GLU C 232 -0.46 -5.20 -9.35
CA GLU C 232 0.14 -4.29 -10.34
C GLU C 232 -0.98 -3.60 -11.08
N ARG C 233 -1.17 -2.30 -10.80
CA ARG C 233 -2.27 -1.53 -11.37
C ARG C 233 -1.77 -0.74 -12.57
N GLY C 234 -2.52 -0.79 -13.67
CA GLY C 234 -2.23 0.04 -14.82
C GLY C 234 -1.96 -0.72 -16.10
N LYS C 235 -2.33 -2.00 -16.14
CA LYS C 235 -2.14 -2.78 -17.36
C LYS C 235 -3.02 -4.02 -17.32
N LEU C 236 -3.46 -4.44 -18.50
CA LEU C 236 -4.37 -5.58 -18.62
C LEU C 236 -3.66 -6.91 -18.42
N LYS C 237 -2.41 -7.02 -18.85
CA LYS C 237 -1.69 -8.28 -18.83
C LYS C 237 -0.75 -8.34 -17.63
N ARG C 238 -0.52 -9.55 -17.14
CA ARG C 238 0.40 -9.79 -16.04
C ARG C 238 1.82 -9.92 -16.57
N ARG C 239 2.79 -9.66 -15.68
CA ARG C 239 4.20 -9.75 -16.01
C ARG C 239 4.90 -10.71 -15.05
N ALA C 240 6.15 -11.00 -15.36
CA ALA C 240 6.99 -11.87 -14.54
C ALA C 240 8.16 -11.09 -13.97
N ILE C 241 8.57 -11.46 -12.76
CA ILE C 241 9.70 -10.84 -12.09
C ILE C 241 10.64 -11.94 -11.61
N ALA C 242 11.87 -11.55 -11.30
CA ALA C 242 12.92 -12.50 -10.97
C ALA C 242 13.57 -12.13 -9.64
N THR C 243 14.10 -13.16 -8.98
CA THR C 243 14.82 -13.03 -7.73
C THR C 243 16.12 -13.82 -7.82
N PRO C 244 17.27 -13.20 -7.60
CA PRO C 244 18.54 -13.92 -7.71
C PRO C 244 18.89 -14.67 -6.43
N GLY C 245 20.00 -15.40 -6.50
CA GLY C 245 20.49 -16.17 -5.37
C GLY C 245 21.27 -15.33 -4.40
N MET C 246 22.00 -16.01 -3.52
CA MET C 246 22.81 -15.35 -2.50
C MET C 246 24.28 -15.22 -2.88
N GLN C 247 24.77 -16.05 -3.80
CA GLN C 247 26.16 -15.94 -4.22
C GLN C 247 26.41 -14.64 -4.97
N ILE C 248 25.40 -14.13 -5.69
CA ILE C 248 25.59 -12.99 -6.57
C ILE C 248 25.08 -11.69 -5.97
N ARG C 249 24.45 -11.73 -4.79
CA ARG C 249 23.88 -10.52 -4.22
C ARG C 249 24.93 -9.57 -3.64
N GLY C 250 26.06 -10.08 -3.17
CA GLY C 250 27.11 -9.19 -2.69
C GLY C 250 27.71 -8.33 -3.79
N PHE C 251 28.02 -8.97 -4.93
CA PHE C 251 28.53 -8.22 -6.07
C PHE C 251 27.51 -7.20 -6.54
N VAL C 252 26.22 -7.59 -6.56
CA VAL C 252 25.17 -6.66 -6.94
C VAL C 252 25.11 -5.50 -5.97
N TYR C 253 25.27 -5.78 -4.68
CA TYR C 253 25.25 -4.72 -3.68
C TYR C 253 26.38 -3.73 -3.92
N PHE C 254 27.58 -4.23 -4.18
CA PHE C 254 28.71 -3.33 -4.42
C PHE C 254 28.52 -2.52 -5.70
N VAL C 255 28.04 -3.18 -6.77
CA VAL C 255 27.84 -2.47 -8.03
C VAL C 255 26.79 -1.39 -7.88
N GLU C 256 25.69 -1.70 -7.17
CA GLU C 256 24.65 -0.71 -6.96
C GLU C 256 25.12 0.40 -6.04
N THR C 257 26.00 0.11 -5.08
CA THR C 257 26.59 1.17 -4.27
C THR C 257 27.38 2.13 -5.15
N LEU C 258 28.19 1.59 -6.06
CA LEU C 258 28.94 2.45 -6.98
C LEU C 258 27.99 3.27 -7.84
N ALA C 259 26.96 2.63 -8.39
CA ALA C 259 26.04 3.32 -9.27
C ALA C 259 25.27 4.42 -8.53
N ARG C 260 24.88 4.16 -7.29
CA ARG C 260 24.21 5.17 -6.49
C ARG C 260 25.14 6.34 -6.20
N SER C 261 26.38 6.05 -5.84
CA SER C 261 27.34 7.13 -5.60
C SER C 261 27.55 7.96 -6.86
N ILE C 262 27.51 7.31 -8.03
CA ILE C 262 27.67 8.05 -9.28
C ILE C 262 26.45 8.92 -9.55
N CYS C 263 25.26 8.32 -9.47
CA CYS C 263 24.03 9.04 -9.81
C CYS C 263 23.79 10.20 -8.85
N GLU C 264 24.21 10.07 -7.59
CA GLU C 264 24.06 11.17 -6.66
C GLU C 264 24.82 12.41 -7.11
N LYS C 265 25.81 12.25 -7.98
CA LYS C 265 26.55 13.37 -8.54
C LYS C 265 25.98 13.85 -9.87
N LEU C 266 24.90 13.24 -10.35
CA LEU C 266 24.26 13.62 -11.60
C LEU C 266 22.90 14.21 -11.28
N GLU C 267 22.67 15.46 -11.70
CA GLU C 267 21.39 16.10 -11.51
C GLU C 267 20.34 15.65 -12.50
N GLN C 268 20.73 15.01 -13.60
CA GLN C 268 19.78 14.52 -14.58
C GLN C 268 19.15 13.20 -14.18
N SER C 269 19.68 12.53 -13.17
CA SER C 269 19.11 11.29 -12.67
C SER C 269 18.07 11.58 -11.60
N GLY C 270 17.09 10.69 -11.48
CA GLY C 270 16.03 10.85 -10.52
C GLY C 270 15.64 9.57 -9.82
N LEU C 271 16.46 8.53 -9.97
CA LEU C 271 16.18 7.23 -9.40
C LEU C 271 16.55 7.16 -7.91
N PRO C 272 17.72 7.65 -7.49
CA PRO C 272 18.10 7.55 -6.07
C PRO C 272 17.45 8.59 -5.16
N VAL C 273 16.46 9.33 -5.63
CA VAL C 273 15.79 10.34 -4.82
C VAL C 273 14.34 9.96 -4.59
N GLY C 274 13.62 10.77 -3.83
CA GLY C 274 12.21 10.55 -3.58
C GLY C 274 11.34 11.20 -4.63
N GLY C 275 10.06 11.33 -4.29
CA GLY C 275 9.11 11.92 -5.24
C GLY C 275 9.21 13.43 -5.29
N ASN C 276 9.24 14.07 -4.12
CA ASN C 276 9.29 15.53 -4.10
C ASN C 276 10.57 16.05 -4.72
N GLU C 277 11.70 15.38 -4.48
CA GLU C 277 12.95 15.75 -5.16
C GLU C 277 12.81 15.59 -6.66
N LYS C 278 12.13 14.52 -7.09
CA LYS C 278 11.88 14.32 -8.52
C LYS C 278 11.12 15.50 -9.10
N LYS C 279 10.06 15.93 -8.41
CA LYS C 279 9.27 17.06 -8.89
C LYS C 279 10.11 18.33 -8.94
N ALA C 280 10.92 18.56 -7.90
CA ALA C 280 11.75 19.76 -7.88
C ALA C 280 12.73 19.77 -9.03
N LYS C 281 13.37 18.64 -9.30
CA LYS C 281 14.33 18.58 -10.40
C LYS C 281 13.63 18.75 -11.75
N LEU C 282 12.43 18.17 -11.89
CA LEU C 282 11.69 18.34 -13.14
C LEU C 282 11.34 19.81 -13.36
N ALA C 283 10.87 20.49 -12.32
CA ALA C 283 10.57 21.92 -12.45
C ALA C 283 11.81 22.71 -12.79
N ASN C 284 12.93 22.41 -12.13
CA ASN C 284 14.17 23.13 -12.42
C ASN C 284 14.61 22.94 -13.85
N VAL C 285 14.54 21.71 -14.37
CA VAL C 285 15.02 21.45 -15.72
C VAL C 285 14.10 22.11 -16.75
N VAL C 286 12.78 22.04 -16.54
CA VAL C 286 11.89 22.68 -17.49
C VAL C 286 12.09 24.19 -17.50
N ARG C 287 12.24 24.80 -16.32
CA ARG C 287 12.48 26.23 -16.26
C ARG C 287 13.79 26.60 -16.93
N LYS C 288 14.84 25.80 -16.69
CA LYS C 288 16.14 26.07 -17.31
C LYS C 288 16.05 25.99 -18.83
N MET C 289 15.38 24.96 -19.34
CA MET C 289 15.31 24.78 -20.79
C MET C 289 14.48 25.86 -21.46
N MET C 290 13.29 26.14 -20.90
CA MET C 290 12.41 27.10 -21.53
C MET C 290 12.90 28.54 -21.33
N THR C 291 13.35 28.87 -20.11
CA THR C 291 13.74 30.24 -19.82
C THR C 291 14.95 30.66 -20.65
N ASN C 292 15.97 29.79 -20.72
CA ASN C 292 17.15 30.12 -21.51
C ASN C 292 16.81 30.24 -22.99
N SER C 293 15.79 29.52 -23.45
CA SER C 293 15.36 29.61 -24.84
C SER C 293 14.79 31.00 -25.11
N GLN C 294 15.27 31.65 -26.16
CA GLN C 294 14.80 32.97 -26.52
C GLN C 294 13.52 32.85 -27.35
N ASP C 295 13.02 34.00 -27.82
CA ASP C 295 11.78 33.99 -28.60
C ASP C 295 11.93 33.20 -29.88
N THR C 296 13.13 33.14 -30.44
CA THR C 296 13.32 32.47 -31.73
C THR C 296 13.31 30.95 -31.59
N GLU C 297 13.80 30.43 -30.47
CA GLU C 297 13.87 28.99 -30.26
C GLU C 297 12.53 28.46 -29.76
N LEU C 298 12.05 27.40 -30.42
CA LEU C 298 10.88 26.66 -29.96
C LEU C 298 11.31 25.53 -29.02
N SER C 299 10.40 25.17 -28.13
CA SER C 299 10.65 24.17 -27.10
C SER C 299 9.55 23.12 -27.14
N PHE C 300 9.93 21.85 -27.02
CA PHE C 300 8.97 20.75 -27.03
C PHE C 300 9.35 19.72 -25.97
N THR C 301 8.34 19.22 -25.26
CA THR C 301 8.52 18.19 -24.25
C THR C 301 7.97 16.87 -24.76
N ILE C 302 8.80 15.82 -24.64
CA ILE C 302 8.43 14.46 -24.98
C ILE C 302 8.25 13.70 -23.68
N THR C 303 7.08 13.08 -23.51
CA THR C 303 6.78 12.29 -22.31
C THR C 303 6.99 10.82 -22.68
N GLY C 304 8.24 10.39 -22.63
CA GLY C 304 8.64 9.13 -23.23
C GLY C 304 8.68 7.98 -22.25
N ASP C 305 8.22 6.82 -22.72
CA ASP C 305 8.35 5.55 -22.02
C ASP C 305 9.12 4.60 -22.93
N ASN C 306 9.97 3.78 -22.32
CA ASN C 306 10.83 2.86 -23.06
C ASN C 306 10.20 1.47 -23.07
N THR C 307 9.97 0.94 -24.27
CA THR C 307 9.38 -0.38 -24.42
C THR C 307 10.46 -1.45 -24.24
N LYS C 308 10.15 -2.45 -23.41
CA LYS C 308 11.05 -3.56 -23.17
C LYS C 308 12.41 -3.06 -22.68
N TRP C 309 12.36 -2.25 -21.62
CA TRP C 309 13.57 -1.63 -21.11
C TRP C 309 14.57 -2.67 -20.61
N ASN C 310 14.12 -3.60 -19.76
CA ASN C 310 15.03 -4.56 -19.16
C ASN C 310 15.47 -5.63 -20.13
N GLU C 311 14.60 -6.01 -21.08
CA GLU C 311 14.92 -7.11 -21.99
C GLU C 311 15.99 -6.73 -23.00
N ASN C 312 16.28 -5.45 -23.19
CA ASN C 312 17.21 -4.99 -24.21
C ASN C 312 18.51 -4.46 -23.63
N GLN C 313 18.74 -4.63 -22.33
CA GLN C 313 19.97 -4.17 -21.68
C GLN C 313 20.88 -5.37 -21.46
N ASN C 314 21.97 -5.43 -22.21
CA ASN C 314 22.86 -6.59 -22.17
C ASN C 314 23.85 -6.45 -21.02
N PRO C 315 24.00 -7.47 -20.17
CA PRO C 315 24.96 -7.35 -19.06
C PRO C 315 26.39 -7.10 -19.50
N ARG C 316 26.78 -7.59 -20.69
CA ARG C 316 28.13 -7.32 -21.17
C ARG C 316 28.37 -5.82 -21.30
N MET C 317 27.35 -5.06 -21.67
CA MET C 317 27.51 -3.63 -21.80
C MET C 317 27.69 -2.98 -20.44
N PHE C 318 26.99 -3.48 -19.42
CA PHE C 318 27.24 -3.00 -18.06
C PHE C 318 28.65 -3.34 -17.61
N LEU C 319 29.16 -4.51 -17.99
CA LEU C 319 30.56 -4.82 -17.72
C LEU C 319 31.49 -3.80 -18.36
N ALA C 320 31.22 -3.45 -19.61
CA ALA C 320 32.04 -2.44 -20.30
C ALA C 320 31.97 -1.10 -19.57
N MET C 321 30.77 -0.68 -19.18
CA MET C 321 30.63 0.60 -18.49
C MET C 321 31.39 0.60 -17.17
N ILE C 322 31.30 -0.48 -16.40
CA ILE C 322 31.98 -0.49 -15.11
C ILE C 322 33.49 -0.55 -15.28
N THR C 323 33.99 -1.33 -16.26
CA THR C 323 35.43 -1.39 -16.45
C THR C 323 35.98 -0.08 -17.00
N TYR C 324 35.16 0.69 -17.72
CA TYR C 324 35.58 2.05 -18.06
C TYR C 324 35.53 2.96 -16.84
N ILE C 325 34.53 2.78 -15.97
CA ILE C 325 34.43 3.60 -14.77
C ILE C 325 35.60 3.34 -13.84
N THR C 326 36.00 2.07 -13.69
CA THR C 326 37.04 1.69 -12.74
C THR C 326 38.44 1.68 -13.36
N ARG C 327 38.67 2.49 -14.40
CA ARG C 327 40.00 2.61 -14.96
C ARG C 327 40.92 3.31 -13.97
N ASN C 328 42.20 2.92 -14.01
CA ASN C 328 43.22 3.51 -13.12
C ASN C 328 42.82 3.36 -11.66
N GLN C 329 42.39 2.15 -11.30
CA GLN C 329 42.02 1.78 -9.95
C GLN C 329 42.67 0.46 -9.59
N PRO C 330 42.76 0.13 -8.30
CA PRO C 330 43.36 -1.15 -7.92
C PRO C 330 42.67 -2.32 -8.61
N GLU C 331 43.47 -3.28 -9.07
CA GLU C 331 42.94 -4.37 -9.87
C GLU C 331 41.93 -5.20 -9.09
N TRP C 332 42.11 -5.34 -7.77
CA TRP C 332 41.15 -6.11 -6.99
C TRP C 332 39.78 -5.45 -6.99
N PHE C 333 39.74 -4.12 -6.90
CA PHE C 333 38.48 -3.41 -6.97
C PHE C 333 37.79 -3.64 -8.31
N ARG C 334 38.56 -3.56 -9.40
CA ARG C 334 38.01 -3.81 -10.71
C ARG C 334 37.45 -5.22 -10.80
N ASN C 335 38.19 -6.20 -10.29
CA ASN C 335 37.73 -7.59 -10.36
C ASN C 335 36.44 -7.78 -9.58
N VAL C 336 36.39 -7.27 -8.34
CA VAL C 336 35.22 -7.49 -7.51
C VAL C 336 34.00 -6.79 -8.09
N LEU C 337 34.18 -5.62 -8.69
CA LEU C 337 33.06 -4.95 -9.35
C LEU C 337 32.69 -5.57 -10.69
N SER C 338 33.62 -6.29 -11.32
CA SER C 338 33.33 -6.92 -12.61
C SER C 338 32.71 -8.30 -12.46
N ILE C 339 32.85 -8.93 -11.30
CA ILE C 339 32.31 -10.27 -11.13
C ILE C 339 30.81 -10.30 -11.39
N ALA C 340 30.08 -9.26 -10.95
CA ALA C 340 28.63 -9.28 -11.07
C ALA C 340 28.16 -9.35 -12.51
N PRO C 341 28.49 -8.40 -13.39
CA PRO C 341 28.04 -8.52 -14.79
C PRO C 341 28.54 -9.79 -15.46
N ILE C 342 29.69 -10.32 -15.04
CA ILE C 342 30.17 -11.57 -15.61
C ILE C 342 29.18 -12.69 -15.32
N MET C 343 28.62 -12.72 -14.10
CA MET C 343 27.64 -13.73 -13.76
C MET C 343 26.28 -13.45 -14.41
N PHE C 344 25.88 -12.18 -14.50
CA PHE C 344 24.63 -11.88 -15.21
C PHE C 344 24.70 -12.26 -16.68
N SER C 345 25.85 -12.10 -17.32
CA SER C 345 25.97 -12.46 -18.73
C SER C 345 25.73 -13.96 -18.93
N ASN C 346 25.99 -14.77 -17.90
CA ASN C 346 25.74 -16.21 -17.95
C ASN C 346 24.54 -16.61 -17.10
N LYS C 347 23.70 -15.66 -16.72
CA LYS C 347 22.61 -15.95 -15.81
C LYS C 347 21.63 -16.93 -16.43
N MET C 348 21.06 -17.78 -15.58
CA MET C 348 19.98 -18.69 -15.95
C MET C 348 18.74 -18.32 -15.18
N ALA C 349 17.58 -18.67 -15.73
CA ALA C 349 16.29 -18.38 -15.12
C ALA C 349 15.51 -19.66 -14.95
N ARG C 350 15.00 -19.89 -13.74
CA ARG C 350 14.10 -21.01 -13.52
C ARG C 350 12.75 -20.70 -14.16
N LEU C 351 12.19 -21.68 -14.87
CA LEU C 351 10.99 -21.44 -15.64
C LEU C 351 9.84 -21.01 -14.74
N GLY C 352 9.67 -21.67 -13.59
CA GLY C 352 8.66 -21.27 -12.64
C GLY C 352 8.02 -22.41 -11.88
N LYS C 353 6.82 -22.17 -11.37
CA LYS C 353 6.13 -23.19 -10.57
C LYS C 353 5.81 -24.43 -11.41
N GLY C 354 5.33 -24.22 -12.63
CA GLY C 354 4.97 -25.32 -13.50
C GLY C 354 3.68 -25.07 -14.25
N TYR C 355 2.93 -26.13 -14.54
CA TYR C 355 1.65 -26.00 -15.23
C TYR C 355 0.65 -26.97 -14.62
N MET C 356 -0.59 -26.52 -14.46
CA MET C 356 -1.66 -27.35 -13.92
C MET C 356 -2.63 -27.71 -15.03
N PHE C 357 -2.93 -29.00 -15.13
CA PHE C 357 -3.84 -29.55 -16.13
C PHE C 357 -5.13 -30.02 -15.46
N GLU C 358 -6.21 -29.99 -16.21
CA GLU C 358 -7.50 -30.49 -15.74
C GLU C 358 -8.09 -31.44 -16.77
N SER C 359 -8.68 -32.53 -16.29
CA SER C 359 -9.39 -33.48 -17.13
C SER C 359 -10.84 -33.53 -16.65
N LYS C 360 -11.74 -32.97 -17.45
CA LYS C 360 -13.15 -32.94 -17.09
C LYS C 360 -13.83 -34.29 -17.30
N SER C 361 -13.38 -35.05 -18.30
CA SER C 361 -13.97 -36.37 -18.54
C SER C 361 -13.78 -37.27 -17.33
N MET C 362 -12.56 -37.31 -16.78
CA MET C 362 -12.29 -38.06 -15.56
C MET C 362 -12.38 -37.21 -14.31
N LYS C 363 -12.59 -35.90 -14.45
CA LYS C 363 -12.84 -35.02 -13.31
C LYS C 363 -11.68 -35.06 -12.31
N LEU C 364 -10.51 -34.61 -12.77
CA LEU C 364 -9.32 -34.58 -11.93
C LEU C 364 -8.43 -33.42 -12.37
N ARG C 365 -7.44 -33.12 -11.54
CA ARG C 365 -6.45 -32.09 -11.85
C ARG C 365 -5.07 -32.60 -11.49
N THR C 366 -4.06 -32.00 -12.12
CA THR C 366 -2.68 -32.42 -11.97
C THR C 366 -1.79 -31.18 -12.03
N GLN C 367 -0.63 -31.27 -11.39
CA GLN C 367 0.34 -30.18 -11.36
C GLN C 367 1.71 -30.73 -11.74
N ILE C 368 2.18 -30.38 -12.93
CA ILE C 368 3.49 -30.81 -13.42
C ILE C 368 4.50 -29.70 -13.14
N PRO C 369 5.66 -30.00 -12.56
CA PRO C 369 6.67 -28.96 -12.36
C PRO C 369 7.25 -28.48 -13.67
N ALA C 370 7.79 -27.26 -13.65
CA ALA C 370 8.33 -26.66 -14.86
C ALA C 370 9.53 -27.44 -15.38
N GLU C 371 10.25 -28.13 -14.49
CA GLU C 371 11.47 -28.83 -14.93
C GLU C 371 11.17 -29.93 -15.94
N MET C 372 9.91 -30.36 -16.05
CA MET C 372 9.55 -31.37 -17.03
C MET C 372 9.30 -30.79 -18.42
N LEU C 373 9.31 -29.47 -18.56
CA LEU C 373 9.03 -28.87 -19.87
C LEU C 373 10.04 -29.28 -20.92
N ALA C 374 11.25 -29.67 -20.51
CA ALA C 374 12.27 -30.06 -21.48
C ALA C 374 11.91 -31.37 -22.18
N SER C 375 11.32 -32.32 -21.44
CA SER C 375 11.05 -33.65 -21.98
C SER C 375 9.57 -33.96 -22.14
N ILE C 376 8.68 -33.26 -21.41
CA ILE C 376 7.27 -33.58 -21.48
C ILE C 376 6.76 -33.38 -22.89
N ASP C 377 5.89 -34.29 -23.34
CA ASP C 377 5.28 -34.14 -24.65
C ASP C 377 4.44 -32.87 -24.70
N LEU C 378 4.15 -32.43 -25.92
CA LEU C 378 3.46 -31.17 -26.15
C LEU C 378 1.97 -31.36 -26.46
N LYS C 379 1.42 -32.55 -26.22
CA LYS C 379 0.01 -32.78 -26.48
C LYS C 379 -0.90 -32.07 -25.49
N TYR C 380 -0.42 -31.77 -24.29
CA TYR C 380 -1.24 -31.16 -23.25
C TYR C 380 -1.33 -29.65 -23.37
N PHE C 381 -0.46 -29.02 -24.15
CA PHE C 381 -0.34 -27.57 -24.20
C PHE C 381 -1.11 -27.01 -25.38
N ASN C 382 -1.66 -25.81 -25.20
CA ASN C 382 -2.36 -25.14 -26.28
C ASN C 382 -1.36 -24.66 -27.33
N ASP C 383 -1.88 -24.07 -28.41
CA ASP C 383 -1.03 -23.66 -29.51
C ASP C 383 0.01 -22.63 -29.06
N SER C 384 -0.43 -21.62 -28.32
CA SER C 384 0.50 -20.57 -27.88
C SER C 384 1.58 -21.14 -26.98
N THR C 385 1.18 -21.86 -25.93
CA THR C 385 2.16 -22.45 -25.03
C THR C 385 3.00 -23.50 -25.74
N ARG C 386 2.38 -24.27 -26.65
CA ARG C 386 3.15 -25.25 -27.42
C ARG C 386 4.29 -24.57 -28.17
N LYS C 387 3.98 -23.47 -28.87
CA LYS C 387 5.01 -22.78 -29.64
C LYS C 387 6.04 -22.15 -28.71
N LYS C 388 5.62 -21.59 -27.58
CA LYS C 388 6.57 -21.00 -26.65
C LYS C 388 7.55 -22.06 -26.15
N ILE C 389 7.05 -23.23 -25.78
CA ILE C 389 7.92 -24.30 -25.30
C ILE C 389 8.84 -24.77 -26.41
N GLU C 390 8.30 -24.92 -27.63
CA GLU C 390 9.13 -25.36 -28.74
C GLU C 390 10.27 -24.37 -29.00
N LYS C 391 9.99 -23.07 -28.84
CA LYS C 391 11.03 -22.07 -29.08
C LYS C 391 12.03 -21.98 -27.95
N ILE C 392 11.60 -22.22 -26.71
CA ILE C 392 12.50 -22.08 -25.57
C ILE C 392 13.26 -23.37 -25.23
N ARG C 393 12.83 -24.51 -25.76
CA ARG C 393 13.49 -25.77 -25.41
C ARG C 393 14.98 -25.77 -25.69
N PRO C 394 15.46 -25.25 -26.83
CA PRO C 394 16.91 -25.31 -27.11
C PRO C 394 17.76 -24.68 -26.03
N LEU C 395 17.19 -23.72 -25.30
CA LEU C 395 17.91 -23.02 -24.25
C LEU C 395 17.76 -23.67 -22.87
N LEU C 396 17.02 -24.78 -22.78
CA LEU C 396 16.80 -25.43 -21.49
C LEU C 396 18.02 -26.26 -21.11
N ILE C 397 18.59 -25.98 -19.95
CA ILE C 397 19.72 -26.72 -19.41
C ILE C 397 19.41 -27.02 -17.96
N ASP C 398 19.13 -28.29 -17.64
CA ASP C 398 18.88 -28.72 -16.26
C ASP C 398 17.68 -27.98 -15.66
N GLY C 399 16.60 -27.92 -16.42
CA GLY C 399 15.37 -27.34 -15.93
C GLY C 399 15.35 -25.83 -15.84
N THR C 400 16.37 -25.15 -16.38
CA THR C 400 16.43 -23.70 -16.37
C THR C 400 16.91 -23.22 -17.73
N ALA C 401 16.45 -22.03 -18.12
CA ALA C 401 16.73 -21.48 -19.44
C ALA C 401 17.79 -20.40 -19.35
N SER C 402 18.76 -20.46 -20.26
CA SER C 402 19.81 -19.43 -20.30
C SER C 402 19.21 -18.11 -20.79
N LEU C 403 19.52 -17.03 -20.09
CA LEU C 403 18.99 -15.71 -20.38
C LEU C 403 20.12 -14.70 -20.49
N SER C 404 21.16 -15.05 -21.25
CA SER C 404 22.30 -14.15 -21.42
C SER C 404 21.94 -12.82 -22.05
N PRO C 405 21.08 -12.73 -23.07
CA PRO C 405 21.02 -11.50 -23.87
C PRO C 405 20.73 -10.24 -23.07
N GLY C 406 19.89 -10.29 -22.04
CA GLY C 406 19.53 -9.07 -21.36
C GLY C 406 19.02 -9.31 -19.96
N MET C 407 18.91 -8.22 -19.20
CA MET C 407 18.43 -8.28 -17.83
C MET C 407 16.98 -8.73 -17.79
N MET C 408 16.59 -9.32 -16.65
CA MET C 408 15.24 -9.86 -16.49
C MET C 408 14.28 -8.84 -15.88
N MET C 409 14.58 -8.34 -14.68
CA MET C 409 13.71 -7.35 -14.04
C MET C 409 14.58 -6.41 -13.21
N GLY C 410 14.97 -5.30 -13.84
CA GLY C 410 15.55 -4.16 -13.14
C GLY C 410 16.44 -4.47 -11.96
N MET C 411 17.33 -5.45 -12.09
CA MET C 411 18.31 -5.67 -11.03
C MET C 411 19.36 -4.56 -11.04
N PHE C 412 19.83 -4.16 -12.22
CA PHE C 412 20.69 -3.00 -12.35
C PHE C 412 19.87 -1.78 -12.76
N ASN C 413 19.06 -1.32 -11.80
CA ASN C 413 18.31 -0.08 -12.02
C ASN C 413 19.25 1.11 -12.16
N MET C 414 20.22 1.21 -11.25
CA MET C 414 21.04 2.41 -11.17
C MET C 414 21.98 2.52 -12.36
N LEU C 415 22.53 1.40 -12.83
CA LEU C 415 23.38 1.43 -14.01
C LEU C 415 22.58 1.80 -15.26
N SER C 416 21.35 1.28 -15.37
CA SER C 416 20.48 1.69 -16.47
C SER C 416 20.19 3.18 -16.42
N THR C 417 19.95 3.71 -15.22
CA THR C 417 19.77 5.15 -15.08
C THR C 417 21.03 5.91 -15.48
N VAL C 418 22.21 5.35 -15.17
CA VAL C 418 23.46 5.98 -15.57
C VAL C 418 23.56 6.04 -17.09
N LEU C 419 23.22 4.95 -17.77
CA LEU C 419 23.26 4.94 -19.23
C LEU C 419 22.28 5.96 -19.81
N GLY C 420 21.08 6.01 -19.25
CA GLY C 420 20.11 7.00 -19.73
C GLY C 420 20.56 8.42 -19.50
N VAL C 421 21.20 8.68 -18.35
CA VAL C 421 21.72 10.01 -18.08
C VAL C 421 22.85 10.35 -19.04
N SER C 422 23.67 9.36 -19.39
CA SER C 422 24.71 9.60 -20.40
C SER C 422 24.07 10.00 -21.72
N ILE C 423 23.01 9.30 -22.12
CA ILE C 423 22.31 9.68 -23.36
C ILE C 423 21.77 11.10 -23.25
N LEU C 424 21.16 11.44 -22.11
CA LEU C 424 20.60 12.78 -21.94
C LEU C 424 21.68 13.84 -22.04
N ASN C 425 22.83 13.60 -21.39
CA ASN C 425 23.90 14.58 -21.39
C ASN C 425 24.60 14.67 -22.74
N LEU C 426 24.52 13.62 -23.55
CA LEU C 426 25.17 13.64 -24.87
C LEU C 426 24.58 14.67 -25.81
N GLY C 427 23.57 15.43 -25.39
CA GLY C 427 22.98 16.47 -26.21
C GLY C 427 23.06 17.84 -25.57
N GLN C 428 24.18 18.14 -24.92
CA GLN C 428 24.37 19.39 -24.21
C GLN C 428 24.67 20.57 -25.11
N LYS C 429 24.49 20.43 -26.43
CA LYS C 429 24.79 21.41 -27.46
C LYS C 429 26.28 21.50 -27.74
N ARG C 430 27.13 20.85 -26.95
CA ARG C 430 28.56 20.76 -27.25
C ARG C 430 28.87 19.53 -28.10
N TYR C 431 28.06 18.48 -27.99
CA TYR C 431 28.22 17.28 -28.81
C TYR C 431 27.23 17.23 -29.96
N THR C 432 26.11 17.96 -29.87
CA THR C 432 25.14 17.96 -30.96
C THR C 432 25.73 18.59 -32.21
N LYS C 433 26.52 19.66 -32.05
CA LYS C 433 27.12 20.37 -33.17
C LYS C 433 26.06 20.93 -34.11
N THR C 434 24.92 21.35 -33.56
CA THR C 434 23.83 21.87 -34.36
C THR C 434 22.99 22.80 -33.48
N THR C 435 22.14 23.59 -34.14
CA THR C 435 21.33 24.56 -33.41
C THR C 435 20.45 23.88 -32.37
N TYR C 436 19.86 22.73 -32.71
CA TYR C 436 19.00 22.04 -31.78
C TYR C 436 19.80 21.44 -30.64
N TRP C 437 19.12 21.24 -29.51
CA TRP C 437 19.73 20.59 -28.36
C TRP C 437 18.61 20.06 -27.47
N TRP C 438 18.98 19.24 -26.49
CA TRP C 438 17.99 18.62 -25.64
C TRP C 438 18.57 18.37 -24.26
N ASP C 439 17.67 18.23 -23.29
CA ASP C 439 18.00 17.82 -21.93
C ASP C 439 16.78 17.10 -21.37
N GLY C 440 16.80 16.81 -20.08
CA GLY C 440 15.62 16.24 -19.46
C GLY C 440 16.00 15.40 -18.24
N LEU C 441 15.08 14.52 -17.88
CA LEU C 441 15.26 13.68 -16.70
C LEU C 441 14.92 12.24 -17.06
N GLN C 442 15.75 11.31 -16.58
CA GLN C 442 15.62 9.88 -16.83
C GLN C 442 15.47 9.16 -15.51
N SER C 443 14.44 8.32 -15.39
CA SER C 443 14.36 7.34 -14.31
C SER C 443 13.93 6.04 -14.95
N SER C 444 14.69 4.97 -14.72
CA SER C 444 14.65 3.77 -15.54
C SER C 444 13.23 3.47 -16.03
N ASP C 445 13.11 3.28 -17.34
CA ASP C 445 11.88 2.92 -18.06
C ASP C 445 10.96 4.11 -18.30
N ASP C 446 11.36 5.31 -17.91
CA ASP C 446 10.54 6.51 -18.03
C ASP C 446 11.45 7.72 -18.17
N PHE C 447 11.03 8.69 -18.97
CA PHE C 447 11.84 9.89 -19.12
C PHE C 447 10.99 11.04 -19.63
N ALA C 448 11.45 12.26 -19.32
CA ALA C 448 10.92 13.48 -19.89
C ALA C 448 12.06 14.18 -20.62
N LEU C 449 11.84 14.53 -21.88
CA LEU C 449 12.88 15.09 -22.72
C LEU C 449 12.44 16.45 -23.25
N ILE C 450 13.11 17.51 -22.83
CA ILE C 450 12.84 18.86 -23.32
C ILE C 450 13.87 19.17 -24.39
N VAL C 451 13.40 19.38 -25.62
CA VAL C 451 14.25 19.62 -26.77
C VAL C 451 13.91 21.00 -27.34
N ASN C 452 14.94 21.82 -27.54
CA ASN C 452 14.78 23.15 -28.09
C ASN C 452 15.51 23.25 -29.43
N ALA C 453 14.91 24.00 -30.35
CA ALA C 453 15.48 24.17 -31.68
C ALA C 453 14.82 25.39 -32.33
N PRO C 454 15.53 26.09 -33.22
CA PRO C 454 14.97 27.33 -33.79
C PRO C 454 13.71 27.13 -34.60
N ASN C 455 13.44 25.93 -35.11
CA ASN C 455 12.27 25.71 -35.95
C ASN C 455 11.80 24.27 -35.78
N HIS C 456 10.58 24.01 -36.24
CA HIS C 456 10.01 22.67 -36.13
C HIS C 456 10.91 21.64 -36.78
N GLU C 457 11.58 22.01 -37.88
CA GLU C 457 12.53 21.09 -38.50
C GLU C 457 13.67 20.78 -37.54
N GLY C 458 14.15 21.79 -36.81
CA GLY C 458 15.19 21.54 -35.83
C GLY C 458 14.74 20.60 -34.73
N ILE C 459 13.51 20.78 -34.23
CA ILE C 459 12.99 19.88 -33.20
C ILE C 459 12.89 18.47 -33.73
N GLN C 460 12.39 18.32 -34.97
CA GLN C 460 12.26 16.99 -35.56
C GLN C 460 13.63 16.33 -35.70
N ALA C 461 14.62 17.08 -36.18
CA ALA C 461 15.96 16.52 -36.32
C ALA C 461 16.54 16.13 -34.96
N GLY C 462 16.34 16.97 -33.95
CA GLY C 462 16.86 16.66 -32.63
C GLY C 462 16.25 15.40 -32.05
N VAL C 463 14.92 15.28 -32.14
CA VAL C 463 14.27 14.08 -31.60
C VAL C 463 14.69 12.86 -32.39
N ASP C 464 14.83 12.99 -33.72
CA ASP C 464 15.25 11.86 -34.53
C ASP C 464 16.64 11.40 -34.13
N ARG C 465 17.58 12.34 -33.95
CA ARG C 465 18.93 11.96 -33.56
C ARG C 465 18.96 11.37 -32.16
N PHE C 466 18.15 11.90 -31.24
CA PHE C 466 18.09 11.33 -29.90
C PHE C 466 17.61 9.89 -29.95
N TYR C 467 16.55 9.63 -30.74
CA TYR C 467 16.04 8.28 -30.89
C TYR C 467 17.11 7.37 -31.50
N ARG C 468 17.80 7.85 -32.54
CA ARG C 468 18.82 7.04 -33.20
C ARG C 468 19.95 6.69 -32.23
N THR C 469 20.41 7.67 -31.45
CA THR C 469 21.45 7.41 -30.47
C THR C 469 20.98 6.44 -29.42
N CYS C 470 19.71 6.55 -29.00
CA CYS C 470 19.18 5.59 -28.04
C CYS C 470 19.21 4.18 -28.61
N LYS C 471 18.86 4.03 -29.89
CA LYS C 471 18.89 2.70 -30.51
C LYS C 471 20.29 2.14 -30.63
N LEU C 472 21.33 2.98 -30.59
CA LEU C 472 22.70 2.50 -30.62
C LEU C 472 23.19 2.00 -29.26
N LEU C 473 22.43 2.26 -28.20
CA LEU C 473 22.79 1.83 -26.85
C LEU C 473 21.87 0.73 -26.33
N GLY C 474 21.08 0.12 -27.21
CA GLY C 474 20.18 -0.93 -26.78
C GLY C 474 18.96 -0.43 -26.04
N ILE C 475 18.66 0.86 -26.13
CA ILE C 475 17.51 1.46 -25.47
C ILE C 475 16.48 1.83 -26.53
N ASN C 476 15.23 1.44 -26.31
CA ASN C 476 14.16 1.66 -27.26
C ASN C 476 13.13 2.60 -26.65
N MET C 477 12.56 3.46 -27.49
CA MET C 477 11.53 4.40 -27.07
C MET C 477 10.17 3.87 -27.51
N SER C 478 9.24 3.77 -26.56
CA SER C 478 7.90 3.25 -26.85
C SER C 478 7.10 4.33 -27.57
N LYS C 479 6.94 4.16 -28.88
CA LYS C 479 6.18 5.12 -29.67
C LYS C 479 4.70 5.12 -29.31
N LYS C 480 4.17 4.00 -28.83
CA LYS C 480 2.74 3.92 -28.53
C LYS C 480 2.40 4.63 -27.22
N LYS C 481 3.31 4.62 -26.24
CA LYS C 481 3.07 5.23 -24.94
C LYS C 481 3.78 6.57 -24.79
N SER C 482 4.17 7.21 -25.90
CA SER C 482 4.91 8.46 -25.85
C SER C 482 4.24 9.50 -26.74
N TYR C 483 4.35 10.76 -26.34
CA TYR C 483 3.82 11.86 -27.14
C TYR C 483 4.61 13.12 -26.83
N ILE C 484 4.59 14.05 -27.79
CA ILE C 484 5.36 15.28 -27.72
C ILE C 484 4.40 16.46 -27.87
N ASN C 485 4.56 17.45 -27.00
CA ASN C 485 3.76 18.68 -27.07
C ASN C 485 4.69 19.86 -26.80
N ARG C 486 4.12 21.06 -26.70
CA ARG C 486 4.91 22.20 -26.27
C ARG C 486 5.18 22.13 -24.78
N THR C 487 6.33 22.67 -24.38
CA THR C 487 6.73 22.63 -22.98
C THR C 487 5.75 23.41 -22.12
N GLY C 488 5.54 22.92 -20.90
CA GLY C 488 4.57 23.51 -20.00
C GLY C 488 3.56 22.49 -19.51
N THR C 489 3.45 21.38 -20.23
CA THR C 489 2.53 20.30 -19.89
C THR C 489 3.19 18.97 -20.23
N PHE C 490 3.29 18.08 -19.25
CA PHE C 490 3.89 16.77 -19.47
C PHE C 490 3.57 15.87 -18.28
N GLU C 491 4.08 14.65 -18.32
CA GLU C 491 3.89 13.66 -17.28
C GLU C 491 5.21 12.97 -16.99
N PHE C 492 5.35 12.48 -15.77
CA PHE C 492 6.54 11.73 -15.37
C PHE C 492 6.19 10.89 -14.15
N THR C 493 6.15 9.58 -14.31
CA THR C 493 5.89 8.65 -13.21
C THR C 493 4.66 9.07 -12.41
N SER C 494 3.54 9.17 -13.13
CA SER C 494 2.25 9.51 -12.54
C SER C 494 2.25 10.89 -11.89
N PHE C 495 3.23 11.72 -12.19
CA PHE C 495 3.26 13.12 -11.76
C PHE C 495 2.94 13.97 -12.98
N PHE C 496 1.82 14.68 -12.94
CA PHE C 496 1.35 15.47 -14.08
C PHE C 496 1.73 16.92 -13.84
N TYR C 497 2.60 17.46 -14.71
CA TYR C 497 3.04 18.84 -14.62
C TYR C 497 2.26 19.66 -15.62
N ARG C 498 1.59 20.70 -15.14
CA ARG C 498 0.84 21.65 -15.98
C ARG C 498 1.12 23.04 -15.41
N TYR C 499 2.19 23.67 -15.90
CA TYR C 499 2.65 24.95 -15.36
C TYR C 499 2.83 24.86 -13.84
N GLY C 500 3.30 23.70 -13.39
CA GLY C 500 3.39 23.40 -11.98
C GLY C 500 2.73 22.08 -11.66
N PHE C 501 3.36 21.27 -10.80
CA PHE C 501 2.83 19.95 -10.51
C PHE C 501 1.47 20.04 -9.84
N VAL C 502 0.59 19.12 -10.20
CA VAL C 502 -0.77 19.06 -9.68
C VAL C 502 -0.91 17.80 -8.83
N ALA C 503 -1.54 17.94 -7.68
CA ALA C 503 -1.75 16.81 -6.79
C ALA C 503 -2.72 15.82 -7.41
N ASN C 504 -2.51 14.53 -7.09
CA ASN C 504 -3.36 13.46 -7.59
C ASN C 504 -4.21 12.85 -6.49
N PHE C 505 -3.58 12.35 -5.42
CA PHE C 505 -4.27 11.83 -4.25
C PHE C 505 -4.95 10.50 -4.54
N SER C 506 -4.98 10.07 -5.80
CA SER C 506 -5.55 8.77 -6.14
C SER C 506 -4.50 7.66 -6.08
N MET C 507 -3.22 8.01 -6.10
CA MET C 507 -2.16 7.03 -5.93
C MET C 507 -2.01 6.59 -4.48
N GLU C 508 -2.35 7.46 -3.53
CA GLU C 508 -2.21 7.18 -2.11
C GLU C 508 -3.51 6.71 -1.46
N LEU C 509 -4.59 6.62 -2.23
CA LEU C 509 -5.88 6.22 -1.69
C LEU C 509 -5.81 4.84 -1.06
N PRO C 510 -5.13 3.86 -1.67
CA PRO C 510 -5.06 2.53 -1.07
C PRO C 510 -4.39 2.50 0.30
N SER C 511 -3.67 3.56 0.67
CA SER C 511 -2.94 3.60 1.94
C SER C 511 -3.73 4.28 3.04
N PHE C 512 -5.04 4.48 2.86
CA PHE C 512 -5.86 5.18 3.83
C PHE C 512 -6.59 4.25 4.79
N GLY C 513 -6.38 2.94 4.66
CA GLY C 513 -7.00 1.97 5.53
C GLY C 513 -6.08 1.55 6.68
N VAL C 514 -6.53 0.54 7.42
CA VAL C 514 -5.71 -0.01 8.48
C VAL C 514 -4.53 -0.73 7.85
N SER C 515 -3.31 -0.35 8.24
CA SER C 515 -2.13 -0.92 7.62
C SER C 515 -2.05 -2.43 7.83
N GLY C 516 -2.29 -2.87 9.06
CA GLY C 516 -2.28 -4.29 9.37
C GLY C 516 -1.08 -4.71 10.17
N ILE C 517 -0.47 -3.78 10.91
CA ILE C 517 0.69 -4.08 11.75
C ILE C 517 0.18 -4.48 13.13
N ASN C 518 -0.50 -3.57 13.80
CA ASN C 518 -1.13 -3.82 15.09
C ASN C 518 -2.00 -2.60 15.39
N GLU C 519 -2.61 -2.59 16.58
CA GLU C 519 -3.59 -1.55 16.89
C GLU C 519 -2.93 -0.18 16.97
N SER C 520 -1.97 -0.02 17.88
CA SER C 520 -1.29 1.26 18.02
C SER C 520 -0.57 1.63 16.74
N ALA C 521 0.13 0.67 16.12
CA ALA C 521 0.84 0.95 14.89
C ALA C 521 -0.12 1.37 13.79
N ASP C 522 -1.26 0.69 13.67
CA ASP C 522 -2.23 1.06 12.63
C ASP C 522 -2.78 2.46 12.86
N MET C 523 -3.11 2.78 14.12
CA MET C 523 -3.63 4.11 14.41
C MET C 523 -2.61 5.18 14.03
N SER C 524 -1.37 5.02 14.50
CA SER C 524 -0.34 6.01 14.22
C SER C 524 -0.08 6.12 12.73
N ILE C 525 -0.01 4.98 12.03
CA ILE C 525 0.27 5.00 10.61
C ILE C 525 -0.85 5.70 9.85
N GLY C 526 -2.11 5.44 10.22
CA GLY C 526 -3.21 6.09 9.53
C GLY C 526 -3.19 7.59 9.71
N VAL C 527 -3.01 8.04 10.96
CA VAL C 527 -2.99 9.49 11.19
C VAL C 527 -1.80 10.13 10.49
N THR C 528 -0.64 9.47 10.53
CA THR C 528 0.54 10.01 9.88
C THR C 528 0.38 10.05 8.36
N VAL C 529 -0.27 9.04 7.78
CA VAL C 529 -0.51 9.05 6.34
C VAL C 529 -1.44 10.19 5.97
N ILE C 530 -2.49 10.40 6.75
CA ILE C 530 -3.38 11.54 6.51
C ILE C 530 -2.59 12.84 6.55
N LYS C 531 -1.75 12.98 7.57
CA LYS C 531 -0.93 14.20 7.71
C LYS C 531 -0.03 14.39 6.50
N ASN C 532 0.69 13.34 6.11
CA ASN C 532 1.64 13.46 5.00
C ASN C 532 0.94 13.80 3.70
N ASN C 533 -0.16 13.10 3.40
CA ASN C 533 -0.91 13.40 2.19
C ASN C 533 -1.53 14.79 2.22
N MET C 534 -1.79 15.34 3.43
CA MET C 534 -2.14 16.74 3.53
C MET C 534 -0.96 17.65 3.20
N ILE C 535 0.24 17.27 3.60
CA ILE C 535 1.41 18.11 3.37
C ILE C 535 1.84 18.05 1.91
N ASN C 536 1.91 16.84 1.35
CA ASN C 536 2.48 16.66 0.01
C ASN C 536 1.41 16.68 -1.07
N ASN C 537 0.43 15.78 -0.98
CA ASN C 537 -0.55 15.59 -2.03
C ASN C 537 -1.74 16.55 -1.93
N ASP C 538 -1.58 17.66 -1.22
CA ASP C 538 -2.56 18.74 -1.21
C ASP C 538 -3.95 18.23 -0.86
N LEU C 539 -4.02 17.38 0.16
CA LEU C 539 -5.30 16.92 0.66
C LEU C 539 -5.99 18.03 1.43
N GLY C 540 -7.28 18.22 1.17
CA GLY C 540 -8.02 19.31 1.75
C GLY C 540 -8.33 19.10 3.21
N PRO C 541 -8.61 20.20 3.94
CA PRO C 541 -8.96 20.04 5.37
C PRO C 541 -10.21 19.21 5.59
N ALA C 542 -11.31 19.56 4.95
CA ALA C 542 -12.54 18.80 5.13
C ALA C 542 -12.37 17.37 4.65
N THR C 543 -11.66 17.17 3.54
CA THR C 543 -11.38 15.82 3.08
C THR C 543 -10.56 15.06 4.11
N ALA C 544 -9.60 15.73 4.73
CA ALA C 544 -8.79 15.06 5.76
C ALA C 544 -9.64 14.67 6.95
N GLN C 545 -10.57 15.54 7.36
CA GLN C 545 -11.46 15.19 8.46
C GLN C 545 -12.34 14.00 8.11
N MET C 546 -12.86 13.98 6.89
CA MET C 546 -13.65 12.83 6.44
C MET C 546 -12.80 11.57 6.44
N ALA C 547 -11.55 11.67 5.99
CA ALA C 547 -10.66 10.52 6.00
C ALA C 547 -10.42 10.03 7.42
N LEU C 548 -10.23 10.95 8.35
CA LEU C 548 -10.05 10.56 9.75
C LEU C 548 -11.29 9.83 10.27
N GLN C 549 -12.47 10.35 9.97
CA GLN C 549 -13.70 9.71 10.44
C GLN C 549 -13.83 8.30 9.86
N LEU C 550 -13.64 8.17 8.55
CA LEU C 550 -13.77 6.86 7.92
C LEU C 550 -12.71 5.89 8.43
N PHE C 551 -11.48 6.36 8.62
CA PHE C 551 -10.43 5.50 9.13
C PHE C 551 -10.75 5.04 10.54
N ILE C 552 -11.28 5.92 11.38
CA ILE C 552 -11.66 5.52 12.73
C ILE C 552 -12.77 4.49 12.69
N LYS C 553 -13.76 4.69 11.82
CA LYS C 553 -14.84 3.73 11.70
C LYS C 553 -14.31 2.36 11.30
N ASP C 554 -13.47 2.32 10.26
CA ASP C 554 -12.92 1.05 9.80
C ASP C 554 -12.01 0.42 10.85
N TYR C 555 -11.26 1.23 11.57
CA TYR C 555 -10.38 0.73 12.63
C TYR C 555 -11.20 0.08 13.74
N ARG C 556 -12.27 0.74 14.18
CA ARG C 556 -13.10 0.15 15.22
C ARG C 556 -13.79 -1.12 14.73
N TYR C 557 -14.23 -1.12 13.46
CA TYR C 557 -14.91 -2.30 12.94
C TYR C 557 -13.96 -3.45 12.64
N THR C 558 -12.66 -3.17 12.51
CA THR C 558 -11.67 -4.21 12.21
C THR C 558 -11.14 -4.85 13.47
N TYR C 559 -10.84 -4.06 14.49
CA TYR C 559 -10.29 -4.56 15.75
C TYR C 559 -11.35 -4.82 16.80
N ARG C 560 -12.63 -4.74 16.43
CA ARG C 560 -13.73 -5.06 17.35
C ARG C 560 -13.68 -4.18 18.59
N CYS C 561 -13.22 -2.95 18.43
CA CYS C 561 -13.09 -1.99 19.52
C CYS C 561 -14.04 -0.83 19.23
N HIS C 562 -15.29 -0.98 19.66
CA HIS C 562 -16.31 0.04 19.45
C HIS C 562 -16.35 1.00 20.63
N ARG C 563 -17.09 2.11 20.45
CA ARG C 563 -17.04 3.21 21.38
C ARG C 563 -17.27 2.79 22.83
N GLY C 564 -17.90 1.65 23.07
CA GLY C 564 -18.14 1.16 24.40
C GLY C 564 -19.49 1.55 24.97
N ASP C 565 -19.97 2.74 24.62
CA ASP C 565 -21.30 3.17 25.02
C ASP C 565 -22.39 2.68 24.09
N THR C 566 -22.02 1.93 23.06
CA THR C 566 -22.97 1.36 22.12
C THR C 566 -23.34 -0.06 22.53
N GLN C 567 -24.34 -0.62 21.86
CA GLN C 567 -24.81 -1.97 22.10
C GLN C 567 -24.47 -2.88 20.92
N ILE C 568 -23.29 -2.69 20.33
CA ILE C 568 -22.83 -3.52 19.23
C ILE C 568 -22.14 -4.74 19.84
N GLN C 569 -22.83 -5.87 19.83
CA GLN C 569 -22.28 -7.09 20.40
C GLN C 569 -21.21 -7.67 19.48
N THR C 570 -20.01 -7.87 20.02
CA THR C 570 -18.90 -8.49 19.31
C THR C 570 -18.22 -9.48 20.24
N ARG C 571 -17.15 -10.10 19.76
CA ARG C 571 -16.36 -10.99 20.59
C ARG C 571 -15.56 -10.25 21.65
N ARG C 572 -15.49 -8.92 21.57
CA ARG C 572 -14.70 -8.11 22.48
C ARG C 572 -15.52 -7.00 23.13
N SER C 573 -16.84 -7.01 22.98
CA SER C 573 -17.68 -5.93 23.47
C SER C 573 -17.97 -6.04 24.96
N PHE C 574 -17.68 -7.17 25.60
CA PHE C 574 -17.99 -7.33 27.01
C PHE C 574 -16.89 -6.73 27.88
N GLU C 575 -15.65 -7.17 27.66
CA GLU C 575 -14.52 -6.64 28.41
C GLU C 575 -14.40 -5.13 28.19
N ILE C 576 -14.61 -4.69 26.95
CA ILE C 576 -14.56 -3.26 26.65
C ILE C 576 -15.61 -2.51 27.46
N LYS C 577 -16.83 -3.06 27.53
CA LYS C 577 -17.89 -2.38 28.26
C LYS C 577 -17.60 -2.34 29.76
N LYS C 578 -17.06 -3.41 30.33
CA LYS C 578 -16.72 -3.35 31.76
C LYS C 578 -15.59 -2.38 32.02
N LEU C 579 -14.60 -2.32 31.12
CA LEU C 579 -13.56 -1.31 31.27
C LEU C 579 -14.14 0.09 31.18
N TRP C 580 -15.11 0.28 30.29
CA TRP C 580 -15.78 1.57 30.16
C TRP C 580 -16.49 1.95 31.45
N GLU C 581 -17.29 1.04 32.00
CA GLU C 581 -18.03 1.33 33.23
C GLU C 581 -17.11 1.45 34.43
N GLN C 582 -15.94 0.82 34.40
CA GLN C 582 -15.00 0.92 35.50
C GLN C 582 -14.29 2.27 35.51
N THR C 583 -13.97 2.80 34.33
CA THR C 583 -13.21 4.04 34.25
C THR C 583 -14.07 5.22 34.64
N ARG C 584 -13.46 6.19 35.32
CA ARG C 584 -14.15 7.40 35.72
C ARG C 584 -14.03 8.49 34.67
N SER C 585 -12.81 8.80 34.24
CA SER C 585 -12.56 9.76 33.16
C SER C 585 -12.49 8.97 31.86
N LYS C 586 -13.65 8.72 31.27
CA LYS C 586 -13.74 7.89 30.07
C LYS C 586 -13.18 8.56 28.83
N ALA C 587 -12.89 9.85 28.88
CA ALA C 587 -12.32 10.55 27.73
C ALA C 587 -10.86 10.18 27.50
N GLY C 588 -10.21 9.50 28.43
CA GLY C 588 -8.81 9.14 28.28
C GLY C 588 -8.60 7.76 27.72
N LEU C 589 -9.69 6.99 27.56
CA LEU C 589 -9.58 5.65 27.00
C LEU C 589 -9.17 5.73 25.54
N LEU C 590 -8.27 4.83 25.14
CA LEU C 590 -7.84 4.76 23.75
C LEU C 590 -8.94 4.16 22.89
N VAL C 591 -8.93 4.52 21.60
CA VAL C 591 -9.91 3.97 20.68
C VAL C 591 -9.78 2.45 20.61
N SER C 592 -8.58 1.93 20.84
CA SER C 592 -8.38 0.49 20.88
C SER C 592 -9.12 -0.15 22.04
N ASP C 593 -9.36 0.58 23.13
CA ASP C 593 -10.05 0.08 24.30
C ASP C 593 -11.49 0.57 24.37
N GLY C 594 -12.01 1.12 23.28
CA GLY C 594 -13.38 1.59 23.24
C GLY C 594 -13.56 2.96 23.88
N GLY C 595 -12.77 3.92 23.46
CA GLY C 595 -12.86 5.28 23.96
C GLY C 595 -13.14 6.27 22.84
N PRO C 596 -13.50 7.48 23.21
CA PRO C 596 -13.77 8.51 22.19
C PRO C 596 -12.51 8.91 21.45
N ASN C 597 -12.71 9.41 20.23
CA ASN C 597 -11.63 9.84 19.36
C ASN C 597 -11.48 11.35 19.48
N LEU C 598 -10.32 11.80 19.93
CA LEU C 598 -10.03 13.23 20.08
C LEU C 598 -9.18 13.78 18.94
N TYR C 599 -8.93 12.99 17.90
CA TYR C 599 -8.07 13.43 16.82
C TYR C 599 -8.76 14.49 15.97
N ASN C 600 -7.95 15.35 15.37
CA ASN C 600 -8.43 16.40 14.48
C ASN C 600 -7.25 16.87 13.64
N ILE C 601 -7.51 17.83 12.75
CA ILE C 601 -6.46 18.30 11.85
C ILE C 601 -5.27 18.82 12.64
N ARG C 602 -5.50 19.37 13.83
CA ARG C 602 -4.41 19.88 14.65
C ARG C 602 -3.66 18.78 15.40
N ASN C 603 -4.25 17.60 15.54
CA ASN C 603 -3.69 16.54 16.37
C ASN C 603 -3.18 15.36 15.55
N LEU C 604 -2.99 15.53 14.25
CA LEU C 604 -2.58 14.42 13.40
C LEU C 604 -1.13 14.03 13.57
N HIS C 605 -0.32 14.84 14.27
CA HIS C 605 1.09 14.57 14.45
C HIS C 605 1.44 14.16 15.87
N ILE C 606 0.45 13.73 16.65
CA ILE C 606 0.63 13.36 18.05
C ILE C 606 0.20 11.90 18.21
N PRO C 607 0.99 11.05 18.87
CA PRO C 607 0.52 9.70 19.15
C PRO C 607 -0.71 9.71 20.04
N GLU C 608 -1.54 8.67 19.88
CA GLU C 608 -2.79 8.60 20.64
C GLU C 608 -2.53 8.54 22.13
N VAL C 609 -1.51 7.78 22.56
CA VAL C 609 -1.26 7.63 23.97
C VAL C 609 -0.94 8.97 24.62
N CYS C 610 -0.09 9.77 23.97
CA CYS C 610 0.31 11.05 24.54
C CYS C 610 -0.80 12.10 24.44
N LEU C 611 -1.68 12.00 23.44
CA LEU C 611 -2.79 12.94 23.35
C LEU C 611 -3.81 12.71 24.46
N LYS C 612 -3.95 11.49 24.93
CA LYS C 612 -4.90 11.15 25.98
C LYS C 612 -4.22 10.89 27.33
N TRP C 613 -2.95 11.25 27.45
CA TRP C 613 -2.21 10.92 28.67
C TRP C 613 -2.81 11.60 29.90
N GLU C 614 -3.12 12.90 29.79
CA GLU C 614 -3.61 13.64 30.94
C GLU C 614 -5.05 13.30 31.30
N LEU C 615 -5.78 12.62 30.43
CA LEU C 615 -7.17 12.25 30.70
C LEU C 615 -7.31 10.84 31.25
N MET C 616 -6.28 10.00 31.13
CA MET C 616 -6.37 8.64 31.61
C MET C 616 -6.35 8.58 33.13
N ASP C 617 -7.08 7.61 33.68
CA ASP C 617 -6.99 7.30 35.09
C ASP C 617 -5.68 6.58 35.38
N GLU C 618 -5.09 6.87 36.53
CA GLU C 618 -3.77 6.31 36.83
C GLU C 618 -3.78 4.79 36.83
N ASP C 619 -4.87 4.17 37.27
CA ASP C 619 -4.95 2.72 37.25
C ASP C 619 -4.91 2.19 35.81
N TYR C 620 -5.76 2.74 34.94
CA TYR C 620 -5.77 2.31 33.55
C TYR C 620 -4.47 2.68 32.85
N GLN C 621 -3.93 3.86 33.18
CA GLN C 621 -2.66 4.27 32.59
C GLN C 621 -1.54 3.29 32.95
N GLY C 622 -1.46 2.91 34.21
CA GLY C 622 -0.44 1.95 34.62
C GLY C 622 -0.65 0.57 34.02
N ARG C 623 -1.90 0.10 33.98
CA ARG C 623 -2.16 -1.20 33.36
C ARG C 623 -1.80 -1.19 31.88
N LEU C 624 -2.09 -0.10 31.19
CA LEU C 624 -1.81 -0.02 29.75
C LEU C 624 -0.32 -0.06 29.49
N CYS C 625 0.42 0.92 30.02
CA CYS C 625 1.84 1.07 29.73
C CYS C 625 2.67 0.41 30.83
N ASN C 626 2.57 -0.91 30.88
CA ASN C 626 3.30 -1.70 31.86
C ASN C 626 4.43 -2.45 31.17
N PRO C 627 5.70 -2.22 31.52
CA PRO C 627 6.78 -2.94 30.83
C PRO C 627 6.66 -4.44 30.92
N LEU C 628 6.17 -4.97 32.03
CA LEU C 628 6.03 -6.41 32.21
C LEU C 628 4.91 -7.02 31.40
N ASN C 629 4.24 -6.29 30.52
CA ASN C 629 3.15 -6.86 29.75
C ASN C 629 3.68 -8.01 28.88
N PRO C 630 2.95 -9.12 28.77
CA PRO C 630 3.42 -10.23 27.94
C PRO C 630 3.18 -10.08 26.45
N PHE C 631 2.66 -8.93 26.01
CA PHE C 631 2.32 -8.73 24.60
C PHE C 631 3.42 -8.02 23.82
N VAL C 632 4.03 -6.98 24.40
CA VAL C 632 5.04 -6.21 23.69
C VAL C 632 6.28 -7.08 23.48
N SER C 633 6.77 -7.09 22.25
CA SER C 633 8.01 -7.80 21.91
C SER C 633 8.82 -6.95 20.95
N HIS C 634 10.07 -6.68 21.32
CA HIS C 634 10.98 -5.89 20.50
C HIS C 634 12.19 -6.75 20.18
N LYS C 635 12.54 -6.82 18.89
CA LYS C 635 13.61 -7.69 18.41
C LYS C 635 14.91 -6.93 18.18
N GLU C 636 14.87 -5.89 17.36
CA GLU C 636 16.07 -5.14 17.00
C GLU C 636 15.74 -3.66 16.87
N ILE C 637 16.80 -2.84 16.84
CA ILE C 637 16.63 -1.40 16.68
C ILE C 637 15.98 -1.09 15.34
N GLU C 638 16.21 -1.93 14.33
CA GLU C 638 15.66 -1.66 13.01
C GLU C 638 14.15 -1.84 12.97
N SER C 639 13.61 -2.78 13.74
CA SER C 639 12.19 -3.11 13.70
C SER C 639 11.42 -2.57 14.89
N VAL C 640 11.85 -1.42 15.44
CA VAL C 640 11.15 -0.86 16.59
C VAL C 640 9.87 -0.17 16.15
N ASN C 641 9.99 0.86 15.32
CA ASN C 641 8.84 1.63 14.85
C ASN C 641 8.95 1.86 13.34
N ASN C 642 9.34 0.81 12.62
CA ASN C 642 9.43 0.85 11.16
C ASN C 642 8.43 -0.15 10.60
N ALA C 643 7.57 0.32 9.69
CA ALA C 643 6.56 -0.52 9.07
C ALA C 643 6.78 -0.51 7.56
N VAL C 644 6.78 -1.71 6.97
CA VAL C 644 7.02 -1.88 5.54
C VAL C 644 5.65 -1.89 4.85
N MET C 645 5.31 -0.79 4.20
CA MET C 645 4.07 -0.68 3.44
C MET C 645 4.42 -0.60 1.96
N MET C 646 4.03 -1.62 1.21
CA MET C 646 4.26 -1.63 -0.23
C MET C 646 3.31 -0.62 -0.88
N PRO C 647 3.79 0.54 -1.33
CA PRO C 647 2.87 1.52 -1.92
C PRO C 647 2.35 1.07 -3.28
N ALA C 648 1.14 1.53 -3.59
CA ALA C 648 0.57 1.24 -4.89
C ALA C 648 1.38 1.94 -5.98
N HIS C 649 1.66 1.23 -7.06
CA HIS C 649 2.41 1.77 -8.19
C HIS C 649 3.80 2.23 -7.75
N GLY C 650 4.51 1.37 -7.03
CA GLY C 650 5.86 1.66 -6.61
C GLY C 650 6.52 0.49 -5.89
N PRO C 651 7.82 0.59 -5.64
CA PRO C 651 8.52 -0.47 -4.91
C PRO C 651 8.25 -0.40 -3.42
N ALA C 652 8.50 -1.53 -2.76
CA ALA C 652 8.28 -1.63 -1.32
C ALA C 652 9.04 -0.54 -0.57
N LYS C 653 8.35 0.10 0.38
CA LYS C 653 8.92 1.22 1.12
C LYS C 653 8.68 1.02 2.61
N ASN C 654 9.52 1.65 3.41
CA ASN C 654 9.45 1.61 4.87
C ASN C 654 9.11 2.99 5.41
N MET C 655 8.34 3.03 6.48
CA MET C 655 7.94 4.29 7.11
C MET C 655 8.22 4.24 8.60
N GLU C 656 8.73 5.35 9.12
CA GLU C 656 8.84 5.60 10.55
C GLU C 656 7.48 6.11 11.05
N TYR C 657 6.89 5.39 12.01
CA TYR C 657 5.63 5.80 12.61
C TYR C 657 5.84 6.04 14.09
N ASP C 658 5.31 7.16 14.59
CA ASP C 658 5.44 7.52 15.99
C ASP C 658 4.41 6.75 16.81
N ALA C 659 4.88 5.99 17.79
CA ALA C 659 3.97 5.21 18.64
C ALA C 659 4.65 4.97 19.97
N VAL C 660 3.81 4.84 21.01
CA VAL C 660 4.27 4.55 22.36
C VAL C 660 4.05 3.06 22.61
N ALA C 661 5.06 2.41 23.19
CA ALA C 661 4.98 0.97 23.45
C ALA C 661 3.93 0.72 24.52
N THR C 662 2.76 0.26 24.10
CA THR C 662 1.67 -0.07 24.99
C THR C 662 1.36 -1.56 24.90
N THR C 663 0.39 -2.00 25.70
CA THR C 663 -0.06 -3.38 25.65
C THR C 663 -0.71 -3.72 24.31
N HIS C 664 -1.05 -2.72 23.51
CA HIS C 664 -1.64 -2.93 22.20
C HIS C 664 -0.60 -3.13 21.09
N SER C 665 0.69 -3.09 21.41
CA SER C 665 1.74 -3.23 20.43
C SER C 665 2.10 -4.69 20.15
N TRP C 666 1.18 -5.62 20.42
CA TRP C 666 1.42 -7.02 20.15
C TRP C 666 1.78 -7.23 18.68
N ILE C 667 2.38 -8.39 18.40
CA ILE C 667 2.67 -8.81 17.03
C ILE C 667 1.72 -9.95 16.68
N PRO C 668 1.21 -10.01 15.46
CA PRO C 668 0.16 -10.98 15.13
C PRO C 668 0.70 -12.40 14.98
N LYS C 669 -0.22 -13.34 14.80
CA LYS C 669 0.12 -14.74 14.65
C LYS C 669 0.86 -14.97 13.33
N ARG C 670 1.71 -16.00 13.32
CA ARG C 670 2.46 -16.37 12.13
C ARG C 670 1.67 -17.39 11.31
N ASN C 671 2.25 -17.80 10.18
CA ASN C 671 1.50 -18.59 9.21
C ASN C 671 1.06 -19.93 9.80
N ARG C 672 1.99 -20.68 10.38
CA ARG C 672 1.75 -21.96 11.04
C ARG C 672 1.51 -23.12 10.08
N SER C 673 1.67 -22.91 8.76
CA SER C 673 1.47 -23.99 7.81
C SER C 673 2.72 -24.84 7.60
N ILE C 674 3.86 -24.46 8.19
CA ILE C 674 5.07 -25.25 8.08
C ILE C 674 4.92 -26.63 8.70
N LEU C 675 3.95 -26.81 9.59
CA LEU C 675 3.82 -28.06 10.33
C LEU C 675 3.45 -29.24 9.43
N ASN C 676 2.87 -28.97 8.25
CA ASN C 676 2.43 -30.03 7.35
C ASN C 676 3.44 -30.30 6.23
N THR C 677 4.62 -29.68 6.29
CA THR C 677 5.62 -29.82 5.24
C THR C 677 6.83 -30.58 5.76
N SER C 678 7.56 -31.20 4.83
CA SER C 678 8.79 -31.89 5.21
C SER C 678 9.82 -30.92 5.79
N GLN C 679 9.71 -29.63 5.49
CA GLN C 679 10.58 -28.63 6.10
C GLN C 679 10.04 -28.23 7.47
N ARG C 680 9.79 -29.22 8.32
CA ARG C 680 9.25 -28.97 9.65
C ARG C 680 10.35 -28.72 10.68
N GLY C 681 11.54 -29.27 10.45
CA GLY C 681 12.65 -29.05 11.37
C GLY C 681 13.14 -27.61 11.42
N ILE C 682 12.77 -26.80 10.43
CA ILE C 682 13.19 -25.39 10.45
C ILE C 682 12.60 -24.68 11.67
N LEU C 683 11.42 -25.10 12.13
CA LEU C 683 10.82 -24.45 13.30
C LEU C 683 11.59 -24.80 14.56
N GLU C 684 12.04 -26.04 14.70
CA GLU C 684 12.85 -26.40 15.86
C GLU C 684 14.16 -25.63 15.87
N ASP C 685 14.80 -25.50 14.71
CA ASP C 685 16.01 -24.70 14.61
C ASP C 685 15.73 -23.25 14.95
N GLU C 686 14.60 -22.72 14.48
CA GLU C 686 14.21 -21.36 14.84
C GLU C 686 14.10 -21.20 16.34
N GLN C 687 13.40 -22.13 17.00
CA GLN C 687 13.22 -22.03 18.44
C GLN C 687 14.54 -22.09 19.18
N MET C 688 15.41 -23.02 18.79
CA MET C 688 16.70 -23.15 19.46
C MET C 688 17.57 -21.92 19.24
N TYR C 689 17.61 -21.41 18.00
CA TYR C 689 18.37 -20.21 17.72
C TYR C 689 17.84 -19.03 18.53
N GLN C 690 16.52 -18.91 18.64
CA GLN C 690 15.95 -17.80 19.40
C GLN C 690 16.25 -17.94 20.89
N LYS C 691 16.22 -19.16 21.42
CA LYS C 691 16.58 -19.36 22.81
C LYS C 691 18.02 -18.95 23.07
N CYS C 692 18.93 -19.38 22.19
CA CYS C 692 20.34 -19.00 22.34
C CYS C 692 20.52 -17.50 22.21
N CYS C 693 19.81 -16.87 21.27
CA CYS C 693 19.92 -15.43 21.09
C CYS C 693 19.40 -14.68 22.29
N ASN C 694 18.29 -15.13 22.87
CA ASN C 694 17.76 -14.49 24.08
C ASN C 694 18.74 -14.64 25.23
N LEU C 695 19.35 -15.82 25.37
CA LEU C 695 20.35 -16.00 26.42
C LEU C 695 21.53 -15.06 26.22
N PHE C 696 22.01 -14.95 24.97
CA PHE C 696 23.13 -14.06 24.70
C PHE C 696 22.75 -12.60 24.99
N GLU C 697 21.53 -12.20 24.61
CA GLU C 697 21.10 -10.83 24.88
C GLU C 697 21.05 -10.57 26.38
N LYS C 698 20.53 -11.52 27.15
CA LYS C 698 20.56 -11.36 28.61
C LYS C 698 21.99 -11.31 29.11
N PHE C 699 22.92 -11.98 28.41
CA PHE C 699 24.33 -11.89 28.76
C PHE C 699 24.96 -10.63 28.18
N PHE C 700 24.55 -10.23 26.97
CA PHE C 700 25.07 -9.05 26.28
C PHE C 700 23.90 -8.14 25.95
N PRO C 701 23.53 -7.22 26.84
CA PRO C 701 22.33 -6.40 26.60
C PRO C 701 22.37 -5.60 25.31
N SER C 702 23.55 -5.23 24.83
CA SER C 702 23.65 -4.42 23.61
C SER C 702 23.56 -5.25 22.34
N SER C 703 23.19 -6.53 22.44
CA SER C 703 23.16 -7.38 21.27
C SER C 703 22.22 -6.85 20.21
N SER C 704 21.07 -6.30 20.63
CA SER C 704 20.08 -5.83 19.66
C SER C 704 20.48 -4.48 19.06
N TYR C 705 20.79 -3.50 19.92
CA TYR C 705 21.02 -2.14 19.42
C TYR C 705 22.24 -2.10 18.50
N ARG C 706 23.38 -2.61 18.97
CA ARG C 706 24.58 -2.77 18.16
C ARG C 706 24.89 -4.26 18.03
N ARG C 707 24.87 -4.76 16.80
CA ARG C 707 25.14 -6.16 16.55
C ARG C 707 26.56 -6.50 17.01
N PRO C 708 26.75 -7.51 17.86
CA PRO C 708 28.10 -7.80 18.34
C PRO C 708 29.02 -8.24 17.21
N VAL C 709 30.31 -7.98 17.39
CA VAL C 709 31.34 -8.36 16.42
C VAL C 709 32.45 -9.08 17.17
N GLY C 710 33.18 -9.90 16.42
CA GLY C 710 34.27 -10.67 16.99
C GLY C 710 34.44 -11.97 16.24
N ILE C 711 35.38 -12.78 16.74
CA ILE C 711 35.67 -14.09 16.16
C ILE C 711 35.61 -15.21 17.18
N SER C 712 35.25 -14.93 18.44
CA SER C 712 35.08 -15.96 19.43
C SER C 712 33.71 -16.62 19.28
N SER C 713 33.49 -17.68 20.05
CA SER C 713 32.24 -18.41 20.04
C SER C 713 31.36 -17.99 21.22
N MET C 714 30.09 -18.41 21.16
CA MET C 714 29.10 -17.97 22.15
C MET C 714 29.56 -18.27 23.57
N VAL C 715 29.74 -19.56 23.87
CA VAL C 715 29.87 -20.00 25.24
C VAL C 715 31.09 -19.36 25.90
N GLU C 716 32.15 -19.10 25.14
CA GLU C 716 33.31 -18.42 25.70
C GLU C 716 32.92 -17.06 26.29
N ALA C 717 32.28 -16.23 25.47
CA ALA C 717 31.88 -14.91 25.93
C ALA C 717 30.89 -15.02 27.09
N MET C 718 29.90 -15.89 26.96
CA MET C 718 28.88 -15.98 28.00
C MET C 718 29.47 -16.43 29.34
N VAL C 719 30.31 -17.47 29.33
CA VAL C 719 30.88 -17.97 30.58
C VAL C 719 31.83 -16.94 31.18
N SER C 720 32.65 -16.31 30.34
CA SER C 720 33.62 -15.35 30.87
C SER C 720 32.92 -14.13 31.47
N ARG C 721 31.88 -13.65 30.79
CA ARG C 721 31.12 -12.54 31.35
C ARG C 721 30.37 -12.97 32.61
N ALA C 722 29.96 -14.23 32.70
CA ALA C 722 29.38 -14.72 33.95
C ALA C 722 30.41 -14.62 35.07
N ARG C 723 31.63 -15.10 34.83
CA ARG C 723 32.71 -14.93 35.79
C ARG C 723 32.74 -13.49 36.29
N ILE C 724 32.97 -12.56 35.36
CA ILE C 724 33.26 -11.19 35.74
C ILE C 724 32.06 -10.53 36.40
N ASP C 725 30.86 -10.75 35.87
CA ASP C 725 29.69 -10.07 36.41
C ASP C 725 29.37 -10.59 37.80
N ALA C 726 29.50 -11.89 38.05
CA ALA C 726 29.34 -12.39 39.40
C ALA C 726 30.34 -11.72 40.33
N ARG C 727 31.61 -11.70 39.93
CA ARG C 727 32.63 -11.01 40.71
C ARG C 727 32.17 -9.61 41.11
N ILE C 728 31.94 -8.76 40.11
CA ILE C 728 31.76 -7.34 40.38
C ILE C 728 30.43 -7.08 41.07
N ASP C 729 29.40 -7.83 40.72
CA ASP C 729 28.10 -7.66 41.37
C ASP C 729 28.14 -8.11 42.82
N PHE C 730 29.07 -9.01 43.18
CA PHE C 730 29.43 -9.09 44.60
C PHE C 730 30.16 -7.87 45.11
N GLU C 731 31.22 -7.43 44.43
CA GLU C 731 31.95 -6.30 44.98
C GLU C 731 31.02 -5.15 45.34
N SER C 732 29.82 -5.13 44.75
CA SER C 732 28.69 -4.39 45.30
C SER C 732 27.41 -4.92 44.66
N GLY C 733 26.57 -5.59 45.45
CA GLY C 733 25.29 -6.06 44.94
C GLY C 733 24.79 -7.28 45.67
N ARG C 734 23.76 -7.89 45.07
CA ARG C 734 23.02 -8.97 45.71
C ARG C 734 23.85 -10.22 45.92
N ILE C 735 24.79 -10.52 45.02
CA ILE C 735 25.52 -11.78 45.06
C ILE C 735 26.11 -11.97 46.46
N LYS C 736 26.39 -13.22 46.83
CA LYS C 736 27.13 -13.52 48.06
C LYS C 736 28.25 -14.52 47.75
N LYS C 737 29.24 -14.59 48.64
CA LYS C 737 30.36 -15.53 48.45
C LYS C 737 29.84 -16.91 48.06
N GLU C 738 28.83 -17.41 48.77
CA GLU C 738 28.27 -18.71 48.43
C GLU C 738 27.85 -18.74 46.97
N GLU C 739 27.03 -17.76 46.56
CA GLU C 739 26.57 -17.68 45.19
C GLU C 739 27.69 -17.41 44.21
N PHE C 740 28.66 -16.55 44.57
CA PHE C 740 29.74 -16.25 43.63
C PHE C 740 30.57 -17.49 43.35
N ALA C 741 30.92 -18.24 44.40
CA ALA C 741 31.67 -19.48 44.20
C ALA C 741 30.84 -20.52 43.45
N GLU C 742 29.53 -20.56 43.73
CA GLU C 742 28.66 -21.46 42.99
C GLU C 742 28.70 -21.15 41.50
N ILE C 743 28.62 -19.86 41.15
CA ILE C 743 28.71 -19.45 39.75
C ILE C 743 30.08 -19.79 39.17
N MET C 744 31.16 -19.57 39.92
CA MET C 744 32.48 -19.86 39.39
C MET C 744 32.61 -21.34 39.04
N LYS C 745 32.19 -22.22 39.96
CA LYS C 745 32.32 -23.64 39.70
C LYS C 745 31.28 -24.13 38.69
N ILE C 746 30.15 -23.46 38.56
CA ILE C 746 29.21 -23.80 37.49
C ILE C 746 29.80 -23.41 36.14
N CYS C 747 30.52 -22.28 36.09
CA CYS C 747 31.24 -21.92 34.87
C CYS C 747 32.27 -22.98 34.53
N SER C 748 33.00 -23.47 35.53
CA SER C 748 33.94 -24.56 35.30
C SER C 748 33.22 -25.80 34.80
N THR C 749 32.03 -26.08 35.34
CA THR C 749 31.27 -27.24 34.92
C THR C 749 30.87 -27.14 33.45
N ILE C 750 30.36 -25.98 33.03
CA ILE C 750 30.00 -25.82 31.62
C ILE C 750 31.25 -25.84 30.75
N GLU C 751 32.38 -25.37 31.29
CA GLU C 751 33.63 -25.47 30.55
C GLU C 751 33.97 -26.93 30.26
N GLU C 752 33.98 -27.77 31.29
CA GLU C 752 34.31 -29.18 31.08
C GLU C 752 33.24 -29.88 30.25
N LEU C 753 32.00 -29.38 30.30
CA LEU C 753 30.97 -29.94 29.42
C LEU C 753 31.25 -29.63 27.96
N ARG C 754 31.65 -28.39 27.67
CA ARG C 754 32.01 -28.04 26.31
C ARG C 754 33.26 -28.79 25.85
N ARG C 755 34.18 -29.06 26.78
CA ARG C 755 35.29 -29.98 26.47
C ARG C 755 34.77 -31.30 25.92
N GLN C 756 33.71 -31.84 26.52
CA GLN C 756 33.14 -33.10 26.08
C GLN C 756 31.63 -32.99 25.89
N MET D 1 22.58 -15.64 38.84
CA MET D 1 22.32 -17.08 39.15
C MET D 1 21.56 -17.75 38.01
N GLU D 2 20.33 -17.30 37.81
CA GLU D 2 19.45 -17.91 36.81
C GLU D 2 20.14 -17.99 35.44
N ARG D 3 20.68 -16.86 34.97
CA ARG D 3 21.14 -16.77 33.59
C ARG D 3 22.10 -17.90 33.24
N ILE D 4 23.15 -18.07 34.05
CA ILE D 4 24.08 -19.16 33.79
C ILE D 4 23.39 -20.50 33.95
N LYS D 5 22.29 -20.55 34.71
CA LYS D 5 21.62 -21.83 34.89
C LYS D 5 20.88 -22.27 33.64
N GLU D 6 20.14 -21.37 32.98
CA GLU D 6 19.57 -21.80 31.70
C GLU D 6 20.66 -21.96 30.66
N LEU D 7 21.78 -21.26 30.81
CA LEU D 7 22.92 -21.54 29.94
C LEU D 7 23.37 -22.98 30.06
N ARG D 8 23.54 -23.46 31.30
CA ARG D 8 23.95 -24.85 31.52
C ARG D 8 22.88 -25.81 31.03
N ASP D 9 21.60 -25.48 31.27
CA ASP D 9 20.53 -26.34 30.77
C ASP D 9 20.54 -26.44 29.25
N LEU D 10 20.79 -25.33 28.57
CA LEU D 10 20.90 -25.35 27.11
C LEU D 10 22.08 -26.22 26.67
N MET D 11 23.24 -26.01 27.29
CA MET D 11 24.41 -26.82 26.94
C MET D 11 24.22 -28.29 27.29
N SER D 12 23.26 -28.62 28.16
CA SER D 12 23.00 -30.03 28.48
C SER D 12 22.56 -30.80 27.24
N GLN D 13 21.67 -30.21 26.44
CA GLN D 13 21.15 -30.89 25.27
C GLN D 13 22.12 -30.69 24.10
N SER D 14 22.31 -31.76 23.33
CA SER D 14 23.42 -31.79 22.37
C SER D 14 23.25 -30.74 21.27
N ARG D 15 22.04 -30.59 20.73
CA ARG D 15 21.85 -29.70 19.59
C ARG D 15 22.15 -28.24 19.97
N THR D 16 21.58 -27.77 21.07
CA THR D 16 21.87 -26.41 21.51
C THR D 16 23.32 -26.24 21.89
N ARG D 17 23.93 -27.29 22.45
CA ARG D 17 25.36 -27.23 22.76
C ARG D 17 26.18 -27.01 21.49
N GLU D 18 25.86 -27.75 20.44
CA GLU D 18 26.57 -27.57 19.17
C GLU D 18 26.34 -26.18 18.61
N ILE D 19 25.10 -25.69 18.68
CA ILE D 19 24.80 -24.35 18.18
C ILE D 19 25.62 -23.32 18.94
N LEU D 20 25.72 -23.47 20.26
CA LEU D 20 26.49 -22.52 21.07
C LEU D 20 27.98 -22.63 20.79
N THR D 21 28.48 -23.83 20.51
CA THR D 21 29.91 -24.02 20.34
C THR D 21 30.40 -23.55 18.98
N LYS D 22 29.77 -24.04 17.90
CA LYS D 22 30.29 -23.77 16.56
C LYS D 22 29.96 -22.36 16.08
N THR D 23 28.88 -21.77 16.58
CA THR D 23 28.46 -20.46 16.11
C THR D 23 29.32 -19.38 16.74
N THR D 24 29.90 -18.51 15.91
CA THR D 24 30.73 -17.41 16.38
C THR D 24 29.87 -16.18 16.64
N VAL D 25 30.46 -15.23 17.37
CA VAL D 25 29.72 -14.04 17.79
C VAL D 25 29.25 -13.24 16.58
N ASP D 26 30.09 -13.15 15.55
CA ASP D 26 29.74 -12.33 14.40
C ASP D 26 28.44 -12.82 13.75
N HIS D 27 28.27 -14.13 13.65
CA HIS D 27 27.06 -14.68 13.05
C HIS D 27 25.83 -14.48 13.92
N MET D 28 25.99 -13.93 15.13
CA MET D 28 24.85 -13.64 16.01
C MET D 28 23.64 -13.11 15.23
N ALA D 29 23.83 -12.04 14.47
CA ALA D 29 22.70 -11.42 13.80
C ALA D 29 22.03 -12.41 12.86
N ILE D 30 22.83 -13.09 12.04
CA ILE D 30 22.27 -13.97 11.01
C ILE D 30 21.30 -14.97 11.63
N ILE D 31 21.80 -15.80 12.55
CA ILE D 31 20.95 -16.81 13.15
C ILE D 31 19.79 -16.18 13.91
N LYS D 32 19.95 -14.95 14.42
CA LYS D 32 18.84 -14.31 15.10
C LYS D 32 17.72 -13.95 14.13
N LYS D 33 18.08 -13.58 12.92
CA LYS D 33 17.10 -13.31 11.86
C LYS D 33 16.72 -14.56 11.09
N TYR D 34 17.38 -15.68 11.36
CA TYR D 34 17.03 -16.94 10.71
C TYR D 34 15.59 -17.32 11.05
N THR D 35 14.70 -17.24 10.07
CA THR D 35 13.30 -17.56 10.29
C THR D 35 12.67 -18.06 9.00
N SER D 36 11.64 -18.89 9.15
CA SER D 36 10.85 -19.34 8.02
C SER D 36 9.70 -18.40 7.70
N GLY D 37 9.45 -17.41 8.55
CA GLY D 37 8.34 -16.51 8.34
C GLY D 37 8.64 -15.49 7.26
N ARG D 38 7.89 -15.56 6.15
CA ARG D 38 8.03 -14.55 5.10
C ARG D 38 7.43 -13.23 5.56
N GLN D 39 7.99 -12.13 5.05
CA GLN D 39 7.45 -10.82 5.33
C GLN D 39 6.17 -10.62 4.53
N GLU D 40 5.10 -10.20 5.20
CA GLU D 40 3.79 -10.16 4.56
C GLU D 40 3.77 -9.14 3.42
N LYS D 41 3.13 -9.54 2.32
CA LYS D 41 2.99 -8.65 1.18
C LYS D 41 1.77 -7.75 1.30
N ASN D 42 0.69 -8.26 1.88
CA ASN D 42 -0.57 -7.52 2.05
C ASN D 42 -0.96 -7.57 3.52
N PRO D 43 -0.37 -6.73 4.37
CA PRO D 43 -0.69 -6.82 5.80
C PRO D 43 -2.13 -6.51 6.13
N ALA D 44 -2.74 -5.55 5.45
CA ALA D 44 -4.10 -5.14 5.79
C ALA D 44 -5.08 -6.29 5.57
N LEU D 45 -4.95 -7.01 4.45
CA LEU D 45 -5.89 -8.07 4.14
C LEU D 45 -5.89 -9.14 5.24
N ARG D 46 -4.71 -9.55 5.69
CA ARG D 46 -4.62 -10.59 6.70
C ARG D 46 -4.95 -10.09 8.09
N MET D 47 -4.63 -8.84 8.41
CA MET D 47 -5.06 -8.29 9.69
C MET D 47 -6.58 -8.22 9.77
N LYS D 48 -7.24 -7.92 8.65
CA LYS D 48 -8.70 -7.96 8.63
C LYS D 48 -9.22 -9.39 8.60
N TRP D 49 -8.39 -10.35 8.21
CA TRP D 49 -8.78 -11.75 8.13
C TRP D 49 -8.43 -12.51 9.40
N MET D 50 -7.28 -12.19 10.02
CA MET D 50 -6.88 -12.90 11.24
C MET D 50 -7.71 -12.48 12.45
N MET D 51 -8.09 -11.20 12.53
CA MET D 51 -8.83 -10.73 13.69
C MET D 51 -10.21 -11.36 13.80
N ALA D 52 -10.69 -12.02 12.75
CA ALA D 52 -11.94 -12.76 12.82
C ALA D 52 -11.75 -14.15 13.41
N MET D 53 -10.52 -14.55 13.71
CA MET D 53 -10.24 -15.83 14.33
C MET D 53 -10.21 -15.68 15.85
N LYS D 54 -10.27 -16.81 16.54
CA LYS D 54 -10.03 -16.86 17.96
C LYS D 54 -8.54 -17.10 18.21
N TYR D 55 -7.98 -16.37 19.16
CA TYR D 55 -6.55 -16.40 19.43
C TYR D 55 -5.78 -15.89 18.21
N PRO D 56 -5.96 -14.62 17.82
CA PRO D 56 -5.23 -14.09 16.66
C PRO D 56 -3.90 -13.43 16.98
N ILE D 57 -3.61 -13.12 18.25
CA ILE D 57 -2.37 -12.42 18.57
C ILE D 57 -1.45 -13.37 19.31
N THR D 58 -0.22 -12.94 19.61
CA THR D 58 0.75 -13.77 20.29
C THR D 58 1.27 -13.05 21.52
N ALA D 59 1.59 -13.82 22.56
CA ALA D 59 2.10 -13.26 23.80
C ALA D 59 3.05 -14.24 24.45
N ASP D 60 3.90 -13.72 25.33
CA ASP D 60 4.87 -14.57 26.02
C ASP D 60 4.16 -15.62 26.87
N LYS D 61 4.90 -16.68 27.19
CA LYS D 61 4.33 -17.76 28.00
C LYS D 61 3.85 -17.26 29.35
N ARG D 62 4.48 -16.21 29.86
CA ARG D 62 4.15 -15.75 31.22
C ARG D 62 2.69 -15.36 31.34
N ILE D 63 2.03 -15.04 30.21
CA ILE D 63 0.62 -14.67 30.25
C ILE D 63 -0.21 -15.79 30.87
N MET D 64 0.23 -17.04 30.71
CA MET D 64 -0.53 -18.16 31.26
C MET D 64 -0.57 -18.15 32.78
N GLU D 65 0.28 -17.35 33.44
CA GLU D 65 0.32 -17.29 34.89
C GLU D 65 0.01 -15.90 35.44
N MET D 66 -0.56 -15.01 34.62
CA MET D 66 -1.02 -13.71 35.12
C MET D 66 -2.49 -13.49 34.79
N ILE D 67 -2.96 -14.04 33.69
CA ILE D 67 -4.31 -13.84 33.20
C ILE D 67 -5.02 -15.19 33.22
N PRO D 68 -6.23 -15.28 33.76
CA PRO D 68 -6.93 -16.57 33.76
C PRO D 68 -7.27 -17.01 32.34
N GLU D 69 -7.38 -18.34 32.19
CA GLU D 69 -7.66 -18.91 30.87
C GLU D 69 -8.99 -18.44 30.31
N ARG D 70 -9.94 -18.05 31.17
CA ARG D 70 -11.25 -17.62 30.71
C ARG D 70 -11.75 -16.49 31.61
N ASN D 71 -12.63 -15.67 31.03
CA ASN D 71 -13.22 -14.54 31.74
C ASN D 71 -14.53 -14.97 32.40
N GLU D 72 -15.33 -14.00 32.83
CA GLU D 72 -16.48 -14.30 33.67
C GLU D 72 -17.46 -15.23 32.97
N GLN D 73 -17.79 -14.95 31.70
CA GLN D 73 -18.76 -15.79 30.99
C GLN D 73 -18.13 -17.03 30.39
N GLY D 74 -16.80 -17.16 30.44
CA GLY D 74 -16.12 -18.30 29.85
C GLY D 74 -15.47 -18.04 28.51
N GLN D 75 -15.44 -16.79 28.03
CA GLN D 75 -14.71 -16.49 26.82
C GLN D 75 -13.22 -16.70 27.08
N THR D 76 -12.59 -17.56 26.27
CA THR D 76 -11.18 -17.86 26.48
C THR D 76 -10.31 -16.64 26.16
N LEU D 77 -9.32 -16.42 27.01
CA LEU D 77 -8.40 -15.29 26.85
C LEU D 77 -7.07 -15.69 26.23
N TRP D 78 -6.57 -16.89 26.54
CA TRP D 78 -5.32 -17.34 25.96
C TRP D 78 -5.38 -18.85 25.75
N SER D 79 -4.54 -19.33 24.85
CA SER D 79 -4.40 -20.75 24.57
C SER D 79 -2.97 -21.18 24.87
N LYS D 80 -2.80 -22.47 25.18
CA LYS D 80 -1.50 -23.02 25.52
C LYS D 80 -0.73 -23.52 24.30
N THR D 81 -1.33 -23.45 23.12
CA THR D 81 -0.64 -23.88 21.90
C THR D 81 0.34 -22.79 21.47
N ASN D 82 1.62 -23.15 21.35
CA ASN D 82 2.65 -22.18 21.05
C ASN D 82 2.61 -21.75 19.59
N ASP D 83 3.27 -20.64 19.30
CA ASP D 83 3.36 -20.15 17.93
C ASP D 83 4.18 -21.12 17.07
N ALA D 84 4.28 -20.81 15.78
CA ALA D 84 4.97 -21.68 14.84
C ALA D 84 6.44 -21.87 15.22
N GLY D 85 7.22 -20.79 15.20
CA GLY D 85 8.64 -20.89 15.44
C GLY D 85 9.09 -20.12 16.66
N SER D 86 8.31 -20.18 17.74
CA SER D 86 8.65 -19.50 18.97
C SER D 86 7.96 -20.19 20.13
N ASP D 87 8.45 -19.90 21.33
CA ASP D 87 7.84 -20.44 22.55
C ASP D 87 6.61 -19.64 23.00
N ARG D 88 6.32 -18.52 22.34
CA ARG D 88 5.16 -17.72 22.70
C ARG D 88 3.87 -18.45 22.36
N VAL D 89 2.80 -18.11 23.07
CA VAL D 89 1.51 -18.75 22.92
C VAL D 89 0.54 -17.78 22.25
N MET D 90 -0.35 -18.33 21.43
CA MET D 90 -1.37 -17.53 20.77
C MET D 90 -2.50 -17.23 21.73
N VAL D 91 -2.91 -15.97 21.78
CA VAL D 91 -3.94 -15.51 22.70
C VAL D 91 -4.93 -14.61 21.97
N SER D 92 -6.09 -14.45 22.59
CA SER D 92 -7.20 -13.68 22.05
C SER D 92 -7.01 -12.20 22.36
N PRO D 93 -7.63 -11.30 21.57
CA PRO D 93 -7.46 -9.87 21.85
C PRO D 93 -8.08 -9.44 23.16
N LEU D 94 -9.04 -10.19 23.69
CA LEU D 94 -9.62 -9.84 24.98
C LEU D 94 -8.56 -9.82 26.07
N ALA D 95 -7.59 -10.73 25.99
CA ALA D 95 -6.51 -10.74 26.96
C ALA D 95 -5.79 -9.41 27.03
N VAL D 96 -5.83 -8.63 25.95
CA VAL D 96 -5.32 -7.26 25.99
C VAL D 96 -6.22 -6.39 26.86
N THR D 97 -7.50 -6.31 26.50
CA THR D 97 -8.43 -5.46 27.24
C THR D 97 -8.53 -5.89 28.69
N TRP D 98 -8.54 -7.20 28.94
CA TRP D 98 -8.53 -7.68 30.31
C TRP D 98 -7.34 -7.10 31.08
N TRP D 99 -6.15 -7.13 30.46
CA TRP D 99 -4.97 -6.59 31.11
C TRP D 99 -5.13 -5.12 31.44
N ASN D 100 -5.99 -4.41 30.72
CA ASN D 100 -6.20 -2.99 30.93
C ASN D 100 -7.30 -2.69 31.95
N ARG D 101 -7.98 -3.71 32.48
CA ARG D 101 -9.03 -3.50 33.46
C ARG D 101 -8.80 -4.23 34.78
N ASN D 102 -8.05 -5.34 34.77
CA ASN D 102 -7.69 -6.00 36.02
C ASN D 102 -6.25 -6.48 36.06
N GLY D 103 -5.44 -6.17 35.05
CA GLY D 103 -4.06 -6.58 35.05
C GLY D 103 -3.24 -5.80 36.06
N PRO D 104 -2.00 -6.23 36.28
CA PRO D 104 -1.15 -5.54 37.25
C PRO D 104 -0.93 -4.08 36.84
N THR D 105 -0.84 -3.22 37.84
CA THR D 105 -0.61 -1.79 37.65
C THR D 105 0.77 -1.41 38.15
N THR D 106 1.31 -0.34 37.57
CA THR D 106 2.64 0.14 37.91
C THR D 106 2.60 1.66 37.98
N SER D 107 3.77 2.27 38.10
CA SER D 107 3.90 3.72 38.15
C SER D 107 4.45 4.18 36.80
N ALA D 108 3.58 4.74 35.97
CA ALA D 108 3.94 5.23 34.65
C ALA D 108 4.40 6.68 34.66
N VAL D 109 4.88 7.18 35.80
CA VAL D 109 5.27 8.58 35.90
C VAL D 109 6.49 8.87 35.03
N HIS D 110 7.32 7.86 34.76
CA HIS D 110 8.57 8.07 34.04
C HIS D 110 8.43 7.95 32.53
N TYR D 111 7.31 7.44 32.03
CA TYR D 111 7.10 7.43 30.58
C TYR D 111 7.17 8.82 29.97
N PRO D 112 6.58 9.86 30.56
CA PRO D 112 6.80 11.21 30.03
C PRO D 112 8.28 11.57 29.94
N LYS D 113 9.09 11.13 30.91
CA LYS D 113 10.52 11.41 30.84
C LYS D 113 11.20 10.63 29.72
N ILE D 114 10.74 9.41 29.44
CA ILE D 114 11.33 8.62 28.36
C ILE D 114 10.90 9.18 27.00
N TYR D 115 9.61 9.15 26.71
CA TYR D 115 9.08 9.61 25.43
C TYR D 115 9.08 11.15 25.42
N LYS D 116 10.28 11.71 25.45
CA LYS D 116 10.42 13.16 25.54
C LYS D 116 9.86 13.85 24.30
N THR D 117 10.12 13.29 23.12
CA THR D 117 9.72 13.96 21.88
C THR D 117 8.21 14.14 21.81
N TYR D 118 7.46 13.06 22.03
CA TYR D 118 6.01 13.12 21.89
C TYR D 118 5.38 14.04 22.92
N PHE D 119 5.81 13.95 24.18
CA PHE D 119 5.26 14.82 25.20
C PHE D 119 5.64 16.28 24.96
N GLU D 120 6.83 16.54 24.43
CA GLU D 120 7.18 17.89 24.05
C GLU D 120 6.28 18.41 22.94
N LYS D 121 5.95 17.54 21.97
CA LYS D 121 5.00 17.93 20.93
C LYS D 121 3.66 18.30 21.54
N VAL D 122 3.18 17.47 22.47
CA VAL D 122 1.88 17.72 23.09
C VAL D 122 1.91 19.05 23.86
N GLU D 123 2.98 19.29 24.63
CA GLU D 123 3.08 20.52 25.39
C GLU D 123 3.15 21.73 24.46
N ARG D 124 3.90 21.61 23.37
CA ARG D 124 4.01 22.72 22.43
C ARG D 124 2.66 23.05 21.81
N LEU D 125 1.88 22.02 21.44
CA LEU D 125 0.58 22.28 20.82
C LEU D 125 -0.44 22.78 21.82
N LYS D 126 -0.40 22.31 23.07
CA LYS D 126 -1.42 22.68 24.04
C LYS D 126 -1.43 24.17 24.30
N HIS D 127 -0.26 24.81 24.28
CA HIS D 127 -0.13 26.23 24.55
C HIS D 127 -0.06 27.07 23.28
N GLY D 128 -0.31 26.47 22.11
CA GLY D 128 -0.30 27.23 20.89
C GLY D 128 -1.49 28.18 20.80
N THR D 129 -1.32 29.22 19.98
CA THR D 129 -2.34 30.23 19.76
C THR D 129 -2.59 30.34 18.27
N PHE D 130 -3.83 30.10 17.84
CA PHE D 130 -4.18 30.17 16.44
C PHE D 130 -4.50 31.61 16.05
N GLY D 131 -4.71 31.82 14.75
CA GLY D 131 -5.04 33.12 14.22
C GLY D 131 -6.00 33.02 13.05
N PRO D 132 -6.30 34.15 12.43
CA PRO D 132 -7.23 34.13 11.29
C PRO D 132 -6.67 33.36 10.12
N VAL D 133 -7.58 32.77 9.35
CA VAL D 133 -7.22 32.04 8.13
C VAL D 133 -7.28 33.02 6.96
N HIS D 134 -6.19 33.13 6.22
CA HIS D 134 -6.09 34.03 5.08
C HIS D 134 -6.09 33.21 3.81
N PHE D 135 -7.01 33.52 2.90
CA PHE D 135 -7.20 32.77 1.66
C PHE D 135 -6.47 33.50 0.54
N ARG D 136 -5.36 32.92 0.09
CA ARG D 136 -4.63 33.44 -1.06
C ARG D 136 -3.72 32.34 -1.58
N ASN D 137 -3.42 32.40 -2.87
CA ASN D 137 -2.60 31.37 -3.49
C ASN D 137 -1.25 31.28 -2.77
N GLN D 138 -0.85 30.06 -2.42
CA GLN D 138 0.41 29.81 -1.75
C GLN D 138 1.40 29.23 -2.74
N VAL D 139 2.57 29.86 -2.84
CA VAL D 139 3.63 29.40 -3.74
C VAL D 139 4.48 28.41 -2.93
N LYS D 140 4.06 27.15 -2.95
CA LYS D 140 4.78 26.09 -2.26
C LYS D 140 6.04 25.75 -3.05
N ILE D 141 7.20 26.00 -2.47
CA ILE D 141 8.46 25.65 -3.09
C ILE D 141 9.12 24.57 -2.23
N ARG D 142 9.76 23.61 -2.89
CA ARG D 142 10.29 22.44 -2.24
C ARG D 142 11.69 22.70 -1.71
N ARG D 143 11.90 22.37 -0.43
CA ARG D 143 13.14 22.69 0.27
C ARG D 143 13.49 21.55 1.22
N ARG D 144 14.78 21.43 1.52
CA ARG D 144 15.26 20.47 2.50
C ARG D 144 15.20 21.10 3.89
N VAL D 145 14.48 20.47 4.81
CA VAL D 145 14.28 21.01 6.15
C VAL D 145 14.43 19.89 7.17
N ASP D 146 14.76 20.27 8.41
CA ASP D 146 14.91 19.33 9.50
C ASP D 146 13.56 19.17 10.19
N ILE D 147 13.13 17.92 10.36
CA ILE D 147 11.81 17.68 10.96
C ILE D 147 11.91 17.54 12.47
N ASN D 148 12.99 16.94 12.96
CA ASN D 148 13.11 16.69 14.39
C ASN D 148 13.41 18.01 15.10
N PRO D 149 12.55 18.47 16.02
CA PRO D 149 12.79 19.76 16.67
C PRO D 149 13.65 19.69 17.92
N GLY D 150 14.12 18.51 18.31
CA GLY D 150 14.91 18.37 19.52
C GLY D 150 16.30 17.81 19.26
N HIS D 151 16.70 17.74 17.99
CA HIS D 151 18.02 17.22 17.67
C HIS D 151 19.09 18.03 18.36
N ALA D 152 20.04 17.34 19.00
CA ALA D 152 21.08 17.97 19.78
C ALA D 152 22.33 18.28 18.96
N ASP D 153 22.19 18.43 17.64
CA ASP D 153 23.31 18.70 16.76
C ASP D 153 24.26 17.51 16.68
N LEU D 154 23.69 16.31 16.60
CA LEU D 154 24.47 15.08 16.51
C LEU D 154 23.94 14.24 15.35
N SER D 155 24.86 13.51 14.71
CA SER D 155 24.48 12.59 13.66
C SER D 155 24.10 11.24 14.26
N ALA D 156 23.77 10.28 13.40
CA ALA D 156 23.38 8.95 13.87
C ALA D 156 24.53 8.29 14.62
N LYS D 157 25.66 8.08 13.94
CA LYS D 157 26.81 7.46 14.58
C LYS D 157 27.34 8.33 15.72
N GLU D 158 27.33 9.65 15.54
CA GLU D 158 27.88 10.54 16.56
C GLU D 158 27.14 10.38 17.87
N ALA D 159 25.82 10.24 17.84
CA ALA D 159 25.03 10.07 19.05
C ALA D 159 24.86 8.62 19.46
N GLN D 160 25.23 7.66 18.59
CA GLN D 160 25.07 6.26 18.95
C GLN D 160 25.99 5.88 20.11
N ASP D 161 27.22 6.39 20.10
CA ASP D 161 28.13 6.14 21.22
C ASP D 161 27.59 6.76 22.50
N VAL D 162 27.04 7.97 22.41
CA VAL D 162 26.42 8.60 23.56
C VAL D 162 25.30 7.74 24.10
N ILE D 163 24.46 7.22 23.21
CA ILE D 163 23.33 6.39 23.62
C ILE D 163 23.81 5.13 24.31
N MET D 164 24.82 4.46 23.75
CA MET D 164 25.34 3.26 24.41
C MET D 164 25.87 3.60 25.80
N GLU D 165 26.72 4.62 25.90
CA GLU D 165 27.28 4.97 27.20
C GLU D 165 26.19 5.37 28.19
N VAL D 166 25.07 5.88 27.71
CA VAL D 166 23.97 6.24 28.61
C VAL D 166 23.22 4.99 29.05
N VAL D 167 22.99 4.04 28.15
CA VAL D 167 22.21 2.85 28.44
C VAL D 167 23.10 1.64 28.71
N PHE D 168 24.06 1.38 27.82
CA PHE D 168 24.95 0.24 27.95
C PHE D 168 26.36 0.72 28.23
N PRO D 169 26.65 1.15 29.46
CA PRO D 169 27.97 1.75 29.73
C PRO D 169 29.13 0.79 29.57
N ASN D 170 28.91 -0.52 29.64
CA ASN D 170 30.00 -1.48 29.62
C ASN D 170 30.38 -1.95 28.23
N GLU D 171 29.47 -1.87 27.26
CA GLU D 171 29.74 -2.32 25.90
C GLU D 171 30.26 -1.20 25.01
N VAL D 172 30.62 -0.05 25.59
CA VAL D 172 31.11 1.07 24.79
C VAL D 172 32.38 0.68 24.03
N GLY D 173 33.27 -0.06 24.67
CA GLY D 173 34.51 -0.46 24.03
C GLY D 173 35.59 0.61 24.09
N ALA D 174 36.25 0.85 22.96
CA ALA D 174 37.34 1.83 22.93
C ALA D 174 36.81 3.24 23.16
N ARG D 175 35.66 3.56 22.59
CA ARG D 175 35.22 4.95 22.53
C ARG D 175 35.02 5.52 23.93
N ILE D 176 35.61 6.70 24.14
CA ILE D 176 35.30 7.55 25.28
C ILE D 176 35.04 8.93 24.71
N LEU D 177 33.83 9.45 24.93
CA LEU D 177 33.37 10.59 24.14
C LEU D 177 34.17 11.83 24.49
N THR D 178 34.63 12.54 23.46
CA THR D 178 35.51 13.69 23.67
C THR D 178 34.70 14.99 23.81
N SER D 179 33.77 15.23 22.89
CA SER D 179 33.02 16.47 22.91
C SER D 179 32.29 16.64 24.24
N GLU D 180 32.40 17.84 24.82
CA GLU D 180 31.81 18.12 26.11
C GLU D 180 30.29 18.23 26.05
N SER D 181 29.73 18.62 24.91
CA SER D 181 28.28 18.56 24.74
C SER D 181 27.78 17.14 24.97
N GLN D 182 28.48 16.16 24.41
CA GLN D 182 28.14 14.77 24.66
C GLN D 182 28.31 14.42 26.13
N LEU D 183 29.32 14.99 26.80
CA LEU D 183 29.48 14.76 28.22
C LEU D 183 28.25 15.20 29.00
N THR D 184 27.79 16.43 28.77
CA THR D 184 26.64 16.93 29.51
C THR D 184 25.37 16.14 29.16
N ILE D 185 25.21 15.78 27.88
CA ILE D 185 24.04 14.98 27.51
C ILE D 185 24.06 13.63 28.22
N THR D 186 25.23 12.99 28.26
CA THR D 186 25.33 11.71 28.98
C THR D 186 24.99 11.90 30.45
N LYS D 187 25.53 12.93 31.08
CA LYS D 187 25.26 13.15 32.50
C LYS D 187 23.76 13.33 32.74
N GLU D 188 23.12 14.19 31.95
CA GLU D 188 21.71 14.49 32.16
C GLU D 188 20.85 13.26 31.93
N LYS D 189 21.02 12.59 30.78
CA LYS D 189 20.19 11.45 30.48
C LYS D 189 20.56 10.21 31.29
N LYS D 190 21.70 10.24 31.99
CA LYS D 190 22.05 9.16 32.90
C LYS D 190 21.35 9.37 34.24
N GLU D 191 21.47 10.57 34.81
CA GLU D 191 20.82 10.82 36.09
C GLU D 191 19.30 10.86 35.96
N GLU D 192 18.79 11.18 34.77
CA GLU D 192 17.34 11.26 34.60
C GLU D 192 16.70 9.88 34.50
N LEU D 193 17.35 8.96 33.79
CA LEU D 193 16.82 7.63 33.53
C LEU D 193 17.54 6.55 34.32
N GLN D 194 17.89 6.84 35.57
CA GLN D 194 18.82 5.97 36.29
C GLN D 194 18.19 4.63 36.65
N ASP D 195 16.88 4.63 36.95
CA ASP D 195 16.19 3.40 37.33
C ASP D 195 15.00 3.07 36.43
N CYS D 196 14.83 3.79 35.32
CA CYS D 196 13.71 3.49 34.44
C CYS D 196 13.82 2.07 33.90
N LYS D 197 12.70 1.34 33.95
CA LYS D 197 12.67 -0.09 33.65
C LYS D 197 11.73 -0.40 32.48
N ILE D 198 11.67 0.49 31.49
CA ILE D 198 10.80 0.26 30.35
C ILE D 198 11.42 -0.82 29.48
N SER D 199 12.56 -0.51 28.87
CA SER D 199 13.38 -1.48 28.17
C SER D 199 14.66 -0.79 27.72
N PRO D 200 15.82 -1.45 27.76
CA PRO D 200 17.02 -0.80 27.21
C PRO D 200 16.88 -0.46 25.74
N LEU D 201 16.24 -1.33 24.95
CA LEU D 201 16.17 -1.12 23.51
C LEU D 201 15.31 0.08 23.18
N MET D 202 14.12 0.19 23.80
CA MET D 202 13.26 1.33 23.51
C MET D 202 13.87 2.63 24.01
N VAL D 203 14.53 2.59 25.17
CA VAL D 203 15.21 3.79 25.67
C VAL D 203 16.26 4.24 24.67
N ALA D 204 17.06 3.30 24.17
CA ALA D 204 18.08 3.65 23.19
C ALA D 204 17.45 4.19 21.92
N TYR D 205 16.36 3.58 21.45
CA TYR D 205 15.72 4.03 20.22
C TYR D 205 15.20 5.45 20.37
N MET D 206 14.55 5.75 21.49
CA MET D 206 14.00 7.09 21.68
C MET D 206 15.10 8.11 21.90
N LEU D 207 16.20 7.74 22.57
CA LEU D 207 17.32 8.66 22.66
C LEU D 207 17.91 8.95 21.29
N GLU D 208 18.01 7.92 20.45
CA GLU D 208 18.48 8.13 19.07
C GLU D 208 17.56 9.09 18.34
N ARG D 209 16.24 8.89 18.47
CA ARG D 209 15.29 9.76 17.79
C ARG D 209 15.42 11.20 18.28
N GLU D 210 15.56 11.39 19.59
CA GLU D 210 15.58 12.73 20.16
C GLU D 210 16.87 13.47 19.80
N LEU D 211 18.03 12.81 19.97
CA LEU D 211 19.29 13.52 19.82
C LEU D 211 19.75 13.59 18.37
N VAL D 212 19.52 12.55 17.58
CA VAL D 212 20.03 12.51 16.21
C VAL D 212 19.24 13.47 15.34
N ARG D 213 19.96 14.25 14.54
CA ARG D 213 19.33 15.15 13.58
C ARG D 213 18.89 14.35 12.34
N LYS D 214 17.69 14.68 11.86
CA LYS D 214 17.15 14.03 10.67
C LYS D 214 16.55 15.12 9.78
N THR D 215 16.65 14.92 8.47
CA THR D 215 16.28 15.94 7.50
C THR D 215 15.51 15.28 6.37
N ARG D 216 14.54 16.01 5.82
CA ARG D 216 13.75 15.51 4.70
C ARG D 216 13.35 16.68 3.82
N PHE D 217 13.03 16.36 2.57
CA PHE D 217 12.71 17.33 1.56
C PHE D 217 11.19 17.46 1.48
N LEU D 218 10.68 18.68 1.62
CA LEU D 218 9.24 18.89 1.72
C LEU D 218 8.85 20.16 0.98
N PRO D 219 7.61 20.25 0.50
CA PRO D 219 7.12 21.51 -0.09
C PRO D 219 6.65 22.46 1.01
N VAL D 220 7.36 23.57 1.16
CA VAL D 220 7.09 24.53 2.22
C VAL D 220 6.79 25.89 1.60
N ALA D 221 6.09 26.73 2.37
CA ALA D 221 5.85 28.12 2.03
C ALA D 221 5.91 28.92 3.32
N GLY D 222 7.01 29.63 3.53
CA GLY D 222 7.23 30.29 4.80
C GLY D 222 7.77 29.32 5.85
N GLY D 223 7.58 29.69 7.11
CA GLY D 223 8.01 28.84 8.20
C GLY D 223 9.49 28.54 8.17
N THR D 224 9.85 27.31 7.81
CA THR D 224 11.21 26.79 7.68
C THR D 224 11.82 26.48 9.03
N SER D 225 11.15 26.79 10.14
CA SER D 225 11.67 26.46 11.45
C SER D 225 11.26 25.04 11.84
N SER D 226 12.06 24.44 12.72
CA SER D 226 11.80 23.06 13.14
C SER D 226 10.44 22.94 13.81
N VAL D 227 10.12 23.86 14.72
CA VAL D 227 8.83 23.82 15.39
C VAL D 227 7.68 24.11 14.44
N TYR D 228 7.93 24.91 13.39
CA TYR D 228 6.88 25.26 12.44
C TYR D 228 6.71 24.22 11.33
N ILE D 229 7.58 23.22 11.26
CA ILE D 229 7.47 22.21 10.22
C ILE D 229 6.65 21.00 10.69
N GLU D 230 6.67 20.71 11.99
CA GLU D 230 5.87 19.59 12.49
C GLU D 230 4.38 19.86 12.30
N VAL D 231 3.97 21.11 12.32
CA VAL D 231 2.58 21.50 12.08
C VAL D 231 2.39 22.04 10.67
N LEU D 232 3.28 21.68 9.74
CA LEU D 232 3.17 22.17 8.37
C LEU D 232 1.85 21.77 7.73
N HIS D 233 1.25 20.66 8.17
CA HIS D 233 -0.05 20.24 7.65
C HIS D 233 -1.17 21.16 8.10
N LEU D 234 -1.02 21.84 9.23
CA LEU D 234 -2.08 22.65 9.81
C LEU D 234 -1.95 24.13 9.48
N THR D 235 -0.74 24.60 9.14
CA THR D 235 -0.51 26.02 8.89
C THR D 235 -0.53 26.39 7.42
N GLN D 236 -0.17 25.47 6.53
CA GLN D 236 -0.07 25.76 5.11
C GLN D 236 -0.94 24.81 4.31
N GLY D 237 -1.65 25.36 3.32
CA GLY D 237 -2.50 24.57 2.46
C GLY D 237 -2.38 24.97 1.01
N THR D 238 -3.33 24.54 0.18
CA THR D 238 -3.29 24.85 -1.24
C THR D 238 -3.67 26.31 -1.51
N CYS D 239 -4.69 26.81 -0.80
CA CYS D 239 -5.16 28.17 -1.01
C CYS D 239 -5.47 28.89 0.30
N TRP D 240 -4.95 28.40 1.43
CA TRP D 240 -5.24 29.00 2.72
C TRP D 240 -4.01 28.91 3.60
N GLU D 241 -3.80 29.95 4.41
CA GLU D 241 -2.73 30.00 5.39
C GLU D 241 -3.33 30.24 6.77
N GLN D 242 -2.91 29.43 7.74
CA GLN D 242 -3.39 29.50 9.11
C GLN D 242 -2.23 29.92 10.01
N MET D 243 -2.24 31.17 10.44
CA MET D 243 -1.19 31.66 11.33
C MET D 243 -1.20 30.89 12.64
N TYR D 244 -0.03 30.46 13.07
CA TYR D 244 0.10 29.63 14.26
C TYR D 244 1.41 29.95 14.96
N THR D 245 1.39 29.87 16.29
CA THR D 245 2.58 30.13 17.10
C THR D 245 2.65 29.06 18.19
N PRO D 246 3.52 28.05 18.03
CA PRO D 246 3.60 26.99 19.03
C PRO D 246 3.83 27.52 20.44
N GLY D 247 3.59 26.67 21.45
CA GLY D 247 3.70 27.11 22.82
C GLY D 247 5.12 27.47 23.22
N GLY D 248 6.12 26.91 22.53
CA GLY D 248 7.50 27.20 22.88
C GLY D 248 7.83 28.67 22.77
N GLU D 249 7.33 29.32 21.72
CA GLU D 249 7.60 30.73 21.50
C GLU D 249 6.56 31.59 22.21
#